data_2WTZ
#
_entry.id   2WTZ
#
_cell.length_a   76.920
_cell.length_b   79.800
_cell.length_c   82.920
_cell.angle_alpha   111.09
_cell.angle_beta   92.16
_cell.angle_gamma   93.98
#
_symmetry.space_group_name_H-M   'P 1'
#
loop_
_entity.id
_entity.type
_entity.pdbx_description
1 polymer 'UDP-N-ACETYLMURAMOYL-L-ALANYL-D-GLUTAMATE--2,6-DIAMINOPIMELATE LIGASE'
2 non-polymer "URIDINE-5'-DIPHOSPHATE-N-ACETYLMURAMOYL-L-ALANINE-D-GLUTAMATE"
3 non-polymer 'MAGNESIUM ION'
#
_entity_poly.entity_id   1
_entity_poly.type   'polypeptide(L)'
_entity_poly.pdbx_seq_one_letter_code
;MSSLARGISRRRTEVATQVEAAPTGLRPNAVVGVRLAALADQVGAALAEGPAQRAVTEDRTVTGVTLRAQDVSPGDLFAA
LTGSTTHGARHVGDAIARGAVAVLTDPAGVAEIAGRAAVPVLVHPAPRGVLGGLAATVYGHPSERLTVIGITGTSGKTTT
TYLVEAGLRAAGRVAGLIGTIGIRVGGADLPSALTTPEAPTLQAMLAAMVERGVDTVVMEVSSHALALGRVDGTRFAVGA
FTNLSRDHLDFHPSMADYFEA(KCX)ASLFDPDSALRARTAVVCIDDDAGRAMAARAADAITVSAADRPAHWRATDVAPT
DAGGQQFTAIDPAGVGHHIGIRLPGRYNVANCLVALAILDTVGVSPEQAVPGLREIRVPGRLEQIDRGQGFLALVDYAHK
PEALRSVLTTLAHPDRRLAVVFGAGGDRDPGKRAPMGRIAAQLADLVVVTDDNPRDEDPTAIRREILAGAAEVGGDAQVV
EIADRRDAIRHAVAWARPGDVVLIAGKGHETGQRGGGRVRPFDDRVELAAALEALERRA
;
_entity_poly.pdbx_strand_id   A,B,C,D
#
# COMPACT_ATOMS: atom_id res chain seq x y z
N LEU A 26 -6.89 2.01 -4.35
CA LEU A 26 -8.20 2.45 -4.89
C LEU A 26 -9.05 3.13 -3.83
N ARG A 27 -8.81 4.42 -3.67
CA ARG A 27 -9.54 5.30 -2.78
C ARG A 27 -9.88 6.50 -3.65
N PRO A 28 -11.09 7.08 -3.51
CA PRO A 28 -11.37 8.29 -4.27
C PRO A 28 -10.67 9.49 -3.63
N ASN A 29 -10.33 10.50 -4.40
CA ASN A 29 -9.63 11.63 -3.81
C ASN A 29 -10.42 12.94 -3.88
N ALA A 30 -11.72 12.83 -4.13
CA ALA A 30 -12.56 14.00 -4.21
C ALA A 30 -13.91 13.76 -3.58
N VAL A 31 -13.93 13.28 -2.34
CA VAL A 31 -15.17 13.08 -1.60
C VAL A 31 -15.52 14.32 -0.76
N VAL A 32 -16.67 14.94 -1.02
CA VAL A 32 -17.23 15.96 -0.10
C VAL A 32 -17.78 15.22 1.09
N GLY A 33 -17.70 15.80 2.27
CA GLY A 33 -18.08 15.04 3.47
C GLY A 33 -19.57 14.85 3.71
N VAL A 34 -19.91 14.52 4.95
CA VAL A 34 -21.30 14.48 5.41
C VAL A 34 -21.16 14.84 6.88
N ARG A 35 -21.96 15.78 7.39
CA ARG A 35 -21.83 16.09 8.83
C ARG A 35 -22.05 14.85 9.66
N LEU A 36 -21.22 14.68 10.68
CA LEU A 36 -21.29 13.56 11.61
C LEU A 36 -22.69 13.42 12.19
N ALA A 37 -23.31 14.56 12.55
CA ALA A 37 -24.62 14.57 13.14
C ALA A 37 -25.66 13.98 12.21
N ALA A 38 -25.48 14.15 10.89
CA ALA A 38 -26.36 13.59 9.86
C ALA A 38 -26.25 12.05 9.90
N LEU A 39 -25.02 11.55 9.86
CA LEU A 39 -24.81 10.12 9.99
C LEU A 39 -25.45 9.60 11.26
N ALA A 40 -25.10 10.19 12.41
CA ALA A 40 -25.69 9.77 13.66
C ALA A 40 -27.24 9.66 13.56
N ASP A 41 -27.89 10.68 13.04
CA ASP A 41 -29.33 10.64 12.83
C ASP A 41 -29.81 9.48 11.96
N GLN A 42 -29.16 9.26 10.81
CA GLN A 42 -29.52 8.23 9.81
C GLN A 42 -29.66 6.83 10.40
N VAL A 43 -28.81 6.51 11.33
CA VAL A 43 -28.66 5.19 11.87
C VAL A 43 -29.17 5.14 13.32
N GLY A 44 -29.70 6.27 13.81
CA GLY A 44 -30.27 6.40 15.14
C GLY A 44 -29.32 6.07 16.29
N ALA A 45 -28.04 6.39 16.11
CA ALA A 45 -26.99 6.05 17.07
C ALA A 45 -27.05 6.89 18.32
N ALA A 46 -26.64 6.29 19.43
CA ALA A 46 -26.47 6.97 20.70
C ALA A 46 -25.04 7.44 20.83
N LEU A 47 -24.84 8.52 21.57
CA LEU A 47 -23.50 8.99 21.90
C LEU A 47 -23.05 8.40 23.22
N ALA A 48 -21.83 7.88 23.24
CA ALA A 48 -21.20 7.37 24.47
C ALA A 48 -21.10 8.41 25.59
N GLU A 49 -20.97 9.70 25.24
CA GLU A 49 -20.94 10.80 26.22
C GLU A 49 -22.29 11.52 26.41
N GLY A 50 -23.25 11.21 25.55
CA GLY A 50 -24.64 11.72 25.70
C GLY A 50 -24.91 13.15 25.21
N PRO A 51 -26.09 13.72 25.55
CA PRO A 51 -26.49 15.05 25.01
C PRO A 51 -25.40 16.14 25.10
N ARG A 54 -24.21 16.42 19.94
CA ARG A 54 -23.14 16.78 20.87
C ARG A 54 -22.62 18.21 20.67
N ALA A 55 -23.19 18.92 19.68
CA ALA A 55 -22.70 20.23 19.22
C ALA A 55 -21.40 20.06 18.43
N VAL A 56 -20.48 19.27 19.00
CA VAL A 56 -19.27 18.86 18.30
C VAL A 56 -19.62 17.99 17.09
N THR A 57 -20.62 17.13 17.24
CA THR A 57 -21.11 16.24 16.18
C THR A 57 -21.68 17.05 15.00
N GLU A 58 -22.40 18.13 15.36
CA GLU A 58 -22.92 19.10 14.40
C GLU A 58 -21.81 19.86 13.66
N ASP A 59 -20.59 19.77 14.21
CA ASP A 59 -19.42 20.46 13.67
C ASP A 59 -18.53 19.62 12.74
N ARG A 60 -18.29 18.35 13.10
CA ARG A 60 -17.36 17.42 12.41
C ARG A 60 -17.85 16.95 11.04
N THR A 61 -16.92 16.79 10.10
CA THR A 61 -17.24 16.21 8.79
C THR A 61 -16.56 14.86 8.57
N VAL A 62 -17.32 13.91 8.04
CA VAL A 62 -16.83 12.56 7.77
C VAL A 62 -16.54 12.36 6.28
N THR A 63 -15.27 12.15 5.92
CA THR A 63 -14.92 12.04 4.51
C THR A 63 -14.49 10.63 4.04
N GLY A 64 -14.67 9.62 4.87
CA GLY A 64 -14.28 8.28 4.51
C GLY A 64 -14.72 7.38 5.63
N VAL A 65 -14.84 6.09 5.33
CA VAL A 65 -15.23 5.08 6.34
C VAL A 65 -14.29 3.89 6.25
N THR A 66 -13.82 3.40 7.39
CA THR A 66 -13.03 2.17 7.45
C THR A 66 -13.33 1.38 8.72
N LEU A 67 -13.15 0.07 8.61
CA LEU A 67 -13.34 -0.87 9.72
C LEU A 67 -11.98 -1.52 10.09
N ARG A 68 -10.90 -0.89 9.68
CA ARG A 68 -9.59 -1.31 10.13
C ARG A 68 -8.75 -0.10 10.58
N ALA A 69 -8.35 -0.13 11.84
CA ALA A 69 -7.75 1.02 12.48
C ALA A 69 -6.56 1.56 11.69
N GLN A 70 -5.76 0.63 11.18
CA GLN A 70 -4.50 0.95 10.52
C GLN A 70 -4.73 1.56 9.15
N ASP A 71 -5.96 1.47 8.63
CA ASP A 71 -6.29 2.09 7.34
C ASP A 71 -6.88 3.52 7.42
N VAL A 72 -7.14 4.04 8.62
CA VAL A 72 -7.84 5.32 8.67
C VAL A 72 -6.99 6.46 8.16
N SER A 73 -7.65 7.32 7.42
CA SER A 73 -7.09 8.54 6.88
C SER A 73 -7.82 9.68 7.61
N PRO A 74 -7.21 10.89 7.74
CA PRO A 74 -7.88 11.89 8.57
C PRO A 74 -9.25 12.23 8.02
N GLY A 75 -10.26 12.20 8.86
CA GLY A 75 -11.59 12.57 8.45
C GLY A 75 -12.49 11.38 8.33
N ASP A 76 -11.94 10.19 8.60
CA ASP A 76 -12.69 8.91 8.56
C ASP A 76 -13.51 8.63 9.79
N LEU A 77 -14.64 7.96 9.59
CA LEU A 77 -15.35 7.28 10.67
C LEU A 77 -14.68 5.90 10.82
N PHE A 78 -14.28 5.54 12.04
CA PHE A 78 -13.78 4.21 12.30
C PHE A 78 -14.92 3.36 12.86
N ALA A 79 -15.23 2.29 12.13
CA ALA A 79 -16.16 1.33 12.62
C ALA A 79 -15.38 0.30 13.46
N ALA A 80 -15.52 0.45 14.77
CA ALA A 80 -15.02 -0.54 15.71
C ALA A 80 -16.01 -1.72 15.87
N LEU A 81 -15.77 -2.80 15.15
CA LEU A 81 -16.70 -3.93 15.15
C LEU A 81 -16.31 -5.11 16.03
N THR A 82 -17.30 -5.90 16.44
CA THR A 82 -16.93 -7.16 17.11
C THR A 82 -16.76 -8.22 16.02
N GLY A 83 -15.90 -9.20 16.29
CA GLY A 83 -15.56 -10.20 15.31
C GLY A 83 -15.18 -11.47 15.99
N SER A 84 -14.99 -12.54 15.23
CA SER A 84 -14.70 -13.85 15.79
C SER A 84 -13.39 -13.90 16.55
N THR A 85 -12.46 -13.01 16.24
CA THR A 85 -11.14 -13.13 16.84
C THR A 85 -10.70 -11.97 17.72
N THR A 86 -11.32 -10.80 17.56
CA THR A 86 -11.10 -9.67 18.48
C THR A 86 -12.20 -8.64 18.35
N HIS A 87 -11.98 -7.46 18.93
CA HIS A 87 -12.92 -6.35 18.80
C HIS A 87 -12.16 -5.12 18.36
N GLY A 88 -12.59 -4.55 17.25
CA GLY A 88 -12.00 -3.30 16.76
C GLY A 88 -11.92 -2.11 17.71
N ALA A 89 -12.79 -2.10 18.73
CA ALA A 89 -12.76 -1.02 19.72
C ALA A 89 -11.42 -0.98 20.48
N ARG A 90 -10.73 -2.12 20.57
CA ARG A 90 -9.40 -2.19 21.15
C ARG A 90 -8.37 -1.45 20.32
N HIS A 91 -8.75 -1.03 19.11
CA HIS A 91 -7.81 -0.35 18.20
C HIS A 91 -8.14 1.11 18.00
N VAL A 92 -9.06 1.61 18.83
CA VAL A 92 -9.53 2.99 18.81
C VAL A 92 -8.40 4.02 18.96
N GLY A 93 -7.51 3.80 19.91
CA GLY A 93 -6.35 4.68 20.09
C GLY A 93 -5.58 4.91 18.79
N ASP A 94 -5.36 3.83 18.05
CA ASP A 94 -4.60 3.88 16.82
C ASP A 94 -5.36 4.67 15.78
N ALA A 95 -6.66 4.39 15.65
CA ALA A 95 -7.51 5.09 14.70
C ALA A 95 -7.55 6.61 15.00
N ILE A 96 -7.69 6.96 16.28
CA ILE A 96 -7.75 8.36 16.64
C ILE A 96 -6.45 9.03 16.18
N ALA A 97 -5.32 8.35 16.36
CA ALA A 97 -4.04 8.95 16.05
C ALA A 97 -3.81 9.10 14.55
N ARG A 98 -4.45 8.28 13.74
CA ARG A 98 -4.28 8.36 12.29
C ARG A 98 -5.27 9.38 11.68
N GLY A 99 -6.03 10.04 12.56
CA GLY A 99 -6.87 11.14 12.13
C GLY A 99 -8.38 10.96 12.13
N ALA A 100 -8.87 9.79 12.55
CA ALA A 100 -10.30 9.52 12.61
C ALA A 100 -11.07 10.62 13.32
N VAL A 101 -12.19 11.05 12.75
CA VAL A 101 -13.01 12.12 13.35
C VAL A 101 -14.03 11.61 14.35
N ALA A 102 -14.36 10.33 14.22
CA ALA A 102 -15.37 9.70 15.07
C ALA A 102 -15.33 8.18 14.98
N VAL A 103 -16.07 7.54 15.89
CA VAL A 103 -16.06 6.07 16.05
C VAL A 103 -17.49 5.55 16.10
N LEU A 104 -17.76 4.46 15.39
CA LEU A 104 -19.06 3.79 15.41
C LEU A 104 -18.86 2.38 15.93
N THR A 105 -19.48 2.06 17.06
CA THR A 105 -19.28 0.76 17.69
C THR A 105 -20.57 0.27 18.38
N ASP A 106 -20.53 -0.93 18.95
CA ASP A 106 -21.67 -1.44 19.70
C ASP A 106 -21.50 -1.28 21.23
N PRO A 107 -22.50 -1.76 22.03
CA PRO A 107 -22.30 -1.71 23.48
C PRO A 107 -21.02 -2.39 24.01
N ALA A 108 -20.58 -3.48 23.38
CA ALA A 108 -19.32 -4.12 23.79
C ALA A 108 -18.16 -3.19 23.47
N GLY A 109 -18.25 -2.51 22.35
CA GLY A 109 -17.27 -1.50 22.03
C GLY A 109 -17.12 -0.43 23.10
N VAL A 110 -18.24 0.12 23.59
CA VAL A 110 -18.13 1.14 24.62
C VAL A 110 -17.45 0.60 25.88
N ALA A 111 -17.72 -0.67 26.19
CA ALA A 111 -17.06 -1.33 27.31
C ALA A 111 -15.55 -1.36 27.13
N GLU A 112 -15.06 -1.71 25.94
CA GLU A 112 -13.61 -1.72 25.68
C GLU A 112 -12.99 -0.34 25.79
N ILE A 113 -13.69 0.66 25.27
CA ILE A 113 -13.17 2.03 25.25
C ILE A 113 -13.14 2.61 26.66
N ALA A 114 -13.97 2.02 27.54
CA ALA A 114 -14.26 2.55 28.88
C ALA A 114 -14.74 4.00 28.73
N GLY A 115 -14.09 4.92 29.43
CA GLY A 115 -14.42 6.35 29.33
C GLY A 115 -13.82 7.00 28.09
N ARG A 116 -13.53 8.30 28.20
CA ARG A 116 -13.11 9.15 27.08
C ARG A 116 -12.18 8.54 25.99
N ALA A 117 -12.72 8.47 24.78
CA ALA A 117 -11.94 8.55 23.57
C ALA A 117 -11.94 10.05 23.27
N ALA A 118 -10.91 10.58 22.61
CA ALA A 118 -10.86 12.01 22.29
C ALA A 118 -11.83 12.46 21.18
N VAL A 119 -12.51 11.51 20.53
CA VAL A 119 -13.52 11.83 19.50
C VAL A 119 -14.90 11.27 19.86
N PRO A 120 -15.97 11.73 19.18
CA PRO A 120 -17.31 11.22 19.41
C PRO A 120 -17.44 9.74 19.13
N VAL A 121 -18.03 9.02 20.06
CA VAL A 121 -18.33 7.59 19.88
C VAL A 121 -19.82 7.36 19.69
N LEU A 122 -20.18 6.90 18.50
CA LEU A 122 -21.53 6.55 18.18
C LEU A 122 -21.77 5.06 18.51
N VAL A 123 -22.82 4.79 19.27
CA VAL A 123 -23.17 3.44 19.67
C VAL A 123 -24.42 2.98 18.92
N HIS A 124 -24.36 1.80 18.36
CA HIS A 124 -25.51 1.23 17.67
C HIS A 124 -25.53 -0.25 18.03
N PRO A 125 -26.74 -0.82 18.30
CA PRO A 125 -26.68 -2.30 18.43
C PRO A 125 -26.42 -2.70 17.02
N ALA A 126 -25.99 -3.91 16.70
CA ALA A 126 -25.83 -4.23 15.24
C ALA A 126 -25.21 -3.13 14.27
N PRO A 127 -23.98 -2.64 14.54
CA PRO A 127 -23.33 -1.71 13.61
C PRO A 127 -23.11 -2.29 12.18
N ARG A 128 -22.56 -3.48 12.12
CA ARG A 128 -22.35 -4.14 10.85
C ARG A 128 -23.61 -4.16 9.97
N GLY A 129 -24.81 -4.24 10.56
CA GLY A 129 -26.07 -4.32 9.81
C GLY A 129 -26.49 -2.98 9.23
N VAL A 130 -25.64 -1.98 9.40
CA VAL A 130 -25.95 -0.60 9.05
C VAL A 130 -24.73 0.15 8.44
N LEU A 131 -23.58 -0.47 8.57
CA LEU A 131 -22.35 0.07 8.07
C LEU A 131 -22.39 0.39 6.55
N GLY A 132 -22.89 -0.57 5.77
CA GLY A 132 -22.97 -0.41 4.31
C GLY A 132 -23.68 0.86 3.84
N GLY A 133 -24.85 1.13 4.42
CA GLY A 133 -25.55 2.38 4.17
C GLY A 133 -24.76 3.62 4.59
N LEU A 134 -24.15 3.58 5.78
CA LEU A 134 -23.32 4.71 6.20
C LEU A 134 -22.21 4.97 5.18
N ALA A 135 -21.49 3.92 4.78
CA ALA A 135 -20.43 4.03 3.76
C ALA A 135 -20.92 4.55 2.41
N ALA A 136 -22.08 4.06 1.97
CA ALA A 136 -22.65 4.48 0.72
C ALA A 136 -23.06 5.95 0.86
N THR A 137 -23.48 6.36 2.07
CA THR A 137 -23.79 7.79 2.25
C THR A 137 -22.54 8.61 2.12
N VAL A 138 -21.48 8.29 2.83
CA VAL A 138 -20.34 9.20 2.77
C VAL A 138 -19.64 9.24 1.41
N TYR A 139 -19.64 8.13 0.68
CA TYR A 139 -18.97 8.11 -0.65
C TYR A 139 -19.93 8.50 -1.75
N GLY A 140 -21.07 9.05 -1.34
CA GLY A 140 -22.01 9.62 -2.28
C GLY A 140 -22.80 8.60 -3.09
N HIS A 141 -22.96 7.40 -2.58
CA HIS A 141 -23.75 6.34 -3.22
C HIS A 141 -23.20 6.02 -4.60
N PRO A 142 -21.91 5.69 -4.65
CA PRO A 142 -21.30 5.39 -5.96
C PRO A 142 -22.08 4.38 -6.80
N SER A 143 -22.75 3.40 -6.18
CA SER A 143 -23.36 2.32 -6.97
C SER A 143 -24.66 2.73 -7.69
N GLU A 144 -25.09 3.98 -7.47
CA GLU A 144 -26.19 4.54 -8.23
C GLU A 144 -25.67 5.28 -9.43
N ARG A 145 -24.38 5.24 -9.66
CA ARG A 145 -23.77 6.00 -10.73
C ARG A 145 -23.00 4.99 -11.57
N LEU A 146 -23.24 3.70 -11.32
CA LEU A 146 -22.49 2.65 -11.99
C LEU A 146 -23.45 1.55 -12.29
N THR A 147 -23.09 0.65 -13.17
CA THR A 147 -23.86 -0.57 -13.34
C THR A 147 -23.05 -1.66 -12.67
N VAL A 148 -23.55 -2.13 -11.54
CA VAL A 148 -22.82 -3.12 -10.76
C VAL A 148 -23.47 -4.47 -11.03
N ILE A 149 -22.66 -5.42 -11.45
CA ILE A 149 -23.15 -6.75 -11.66
C ILE A 149 -22.60 -7.64 -10.53
N GLY A 150 -23.48 -8.33 -9.81
CA GLY A 150 -23.04 -9.27 -8.79
C GLY A 150 -23.25 -10.71 -9.24
N ILE A 151 -22.25 -11.54 -9.02
CA ILE A 151 -22.36 -12.95 -9.41
C ILE A 151 -22.13 -13.85 -8.22
N THR A 152 -23.11 -14.71 -7.94
CA THR A 152 -22.97 -15.61 -6.80
C THR A 152 -23.09 -17.08 -7.21
N GLY A 153 -22.72 -17.97 -6.28
CA GLY A 153 -22.88 -19.41 -6.46
C GLY A 153 -21.66 -20.12 -5.92
N THR A 154 -21.77 -21.44 -5.77
CA THR A 154 -20.65 -22.24 -5.27
C THR A 154 -19.39 -22.25 -6.14
N SER A 155 -19.53 -22.44 -7.46
CA SER A 155 -18.41 -22.45 -8.42
C SER A 155 -18.71 -21.51 -9.55
N GLY A 156 -17.68 -21.07 -10.26
CA GLY A 156 -17.85 -20.36 -11.51
C GLY A 156 -18.05 -18.88 -11.38
N LYS A 157 -17.97 -18.33 -10.16
CA LYS A 157 -18.10 -16.88 -9.97
C LYS A 157 -16.93 -16.18 -10.65
N THR A 158 -15.70 -16.54 -10.30
CA THR A 158 -14.53 -15.95 -10.94
C THR A 158 -14.62 -16.01 -12.48
N THR A 159 -14.77 -17.19 -13.03
CA THR A 159 -14.77 -17.41 -14.47
C THR A 159 -15.86 -16.55 -15.13
N THR A 160 -17.02 -16.48 -14.48
CA THR A 160 -18.11 -15.71 -15.05
C THR A 160 -17.79 -14.21 -15.02
N THR A 161 -17.20 -13.73 -13.93
CA THR A 161 -16.84 -12.33 -13.88
C THR A 161 -15.77 -12.04 -14.93
N TYR A 162 -14.90 -13.01 -15.19
CA TYR A 162 -13.87 -12.78 -16.18
C TYR A 162 -14.44 -12.69 -17.57
N LEU A 163 -15.45 -13.50 -17.85
CA LEU A 163 -16.04 -13.49 -19.19
C LEU A 163 -16.83 -12.22 -19.43
N VAL A 164 -17.59 -11.80 -18.43
CA VAL A 164 -18.33 -10.56 -18.53
C VAL A 164 -17.34 -9.43 -18.79
N GLU A 165 -16.31 -9.33 -17.95
CA GLU A 165 -15.35 -8.25 -18.06
C GLU A 165 -14.67 -8.28 -19.41
N ALA A 166 -14.53 -9.47 -19.99
CA ALA A 166 -13.92 -9.63 -21.33
C ALA A 166 -14.81 -9.08 -22.45
N GLY A 167 -16.10 -9.37 -22.31
CA GLY A 167 -17.08 -8.90 -23.27
C GLY A 167 -17.20 -7.39 -23.21
N LEU A 168 -17.33 -6.85 -22.01
CA LEU A 168 -17.42 -5.43 -21.80
C LEU A 168 -16.25 -4.71 -22.45
N ARG A 169 -15.04 -5.23 -22.28
CA ARG A 169 -13.86 -4.63 -22.94
C ARG A 169 -13.98 -4.63 -24.45
N ALA A 170 -14.42 -5.75 -25.02
CA ALA A 170 -14.50 -5.90 -26.46
C ALA A 170 -15.49 -4.89 -27.02
N ALA A 171 -16.58 -4.64 -26.29
CA ALA A 171 -17.57 -3.65 -26.71
C ALA A 171 -17.08 -2.23 -26.45
N GLY A 172 -15.93 -2.09 -25.80
CA GLY A 172 -15.33 -0.80 -25.54
C GLY A 172 -15.96 -0.03 -24.39
N ARG A 173 -16.59 -0.73 -23.46
CA ARG A 173 -17.07 -0.11 -22.23
C ARG A 173 -15.88 0.00 -21.33
N VAL A 174 -15.88 0.98 -20.43
CA VAL A 174 -14.91 1.06 -19.36
C VAL A 174 -15.43 0.21 -18.19
N ALA A 175 -14.80 -0.94 -17.95
CA ALA A 175 -15.21 -1.86 -16.89
C ALA A 175 -14.28 -1.93 -15.68
N GLY A 176 -14.82 -2.45 -14.57
CA GLY A 176 -14.08 -2.73 -13.34
C GLY A 176 -14.47 -4.11 -12.87
N LEU A 177 -13.50 -4.86 -12.33
CA LEU A 177 -13.74 -6.23 -11.86
C LEU A 177 -13.29 -6.33 -10.41
N ILE A 178 -14.09 -7.01 -9.58
CA ILE A 178 -13.77 -7.23 -8.16
C ILE A 178 -14.04 -8.67 -7.77
N GLY A 179 -13.00 -9.39 -7.34
CA GLY A 179 -13.14 -10.79 -6.97
C GLY A 179 -11.93 -11.34 -6.26
N THR A 180 -11.80 -12.67 -6.29
CA THR A 180 -10.75 -13.40 -5.56
C THR A 180 -9.33 -13.18 -6.06
N ILE A 181 -9.17 -12.95 -7.35
CA ILE A 181 -7.84 -12.77 -7.92
C ILE A 181 -7.36 -11.35 -7.70
N GLY A 182 -8.30 -10.42 -7.57
CA GLY A 182 -8.00 -9.04 -7.23
C GLY A 182 -8.99 -8.06 -7.83
N ILE A 183 -8.52 -6.84 -8.06
CA ILE A 183 -9.35 -5.75 -8.51
C ILE A 183 -8.74 -5.27 -9.80
N ARG A 184 -9.58 -4.99 -10.79
CA ARG A 184 -9.11 -4.52 -12.09
C ARG A 184 -9.91 -3.31 -12.51
N VAL A 185 -9.20 -2.23 -12.76
CA VAL A 185 -9.81 -1.02 -13.25
C VAL A 185 -8.89 -0.41 -14.27
N GLY A 186 -9.43 -0.09 -15.44
CA GLY A 186 -8.65 0.45 -16.54
C GLY A 186 -7.30 -0.26 -16.65
N GLY A 187 -6.23 0.52 -16.65
CA GLY A 187 -4.89 -0.02 -16.89
C GLY A 187 -4.29 -0.69 -15.66
N ALA A 188 -4.92 -0.43 -14.53
CA ALA A 188 -4.46 -0.94 -13.23
C ALA A 188 -5.07 -2.31 -12.83
N ASP A 189 -4.27 -3.07 -12.11
CA ASP A 189 -4.67 -4.36 -11.59
C ASP A 189 -3.99 -4.50 -10.23
N LEU A 190 -4.80 -4.67 -9.19
CA LEU A 190 -4.31 -4.70 -7.80
C LEU A 190 -4.99 -5.78 -6.95
N PRO A 191 -4.28 -6.32 -5.92
CA PRO A 191 -4.77 -7.50 -5.20
C PRO A 191 -5.81 -7.20 -4.13
N SER A 192 -6.43 -8.24 -3.57
CA SER A 192 -7.49 -8.08 -2.56
C SER A 192 -7.45 -9.18 -1.52
N ALA A 193 -7.77 -8.83 -0.28
CA ALA A 193 -7.80 -9.79 0.82
C ALA A 193 -8.93 -10.83 0.72
N LEU A 194 -10.06 -10.43 0.13
CA LEU A 194 -11.27 -11.23 0.14
C LEU A 194 -11.97 -11.30 -1.22
N THR A 195 -12.70 -12.39 -1.42
CA THR A 195 -13.49 -12.55 -2.62
C THR A 195 -14.43 -11.35 -2.75
N THR A 196 -15.01 -10.93 -1.63
CA THR A 196 -15.83 -9.74 -1.63
C THR A 196 -15.38 -8.84 -0.49
N PRO A 197 -15.01 -7.58 -0.79
CA PRO A 197 -14.51 -6.71 0.27
C PRO A 197 -15.60 -6.33 1.28
N GLU A 198 -15.17 -5.90 2.45
CA GLU A 198 -16.07 -5.36 3.44
C GLU A 198 -16.73 -4.10 2.89
N ALA A 199 -17.88 -3.74 3.46
CA ALA A 199 -18.68 -2.58 2.99
C ALA A 199 -17.91 -1.26 2.77
N PRO A 200 -17.18 -0.78 3.80
CA PRO A 200 -16.42 0.45 3.64
C PRO A 200 -15.36 0.40 2.50
N THR A 201 -14.69 -0.75 2.30
CA THR A 201 -13.77 -0.86 1.18
C THR A 201 -14.50 -0.87 -0.16
N LEU A 202 -15.47 -1.78 -0.27
CA LEU A 202 -16.30 -1.84 -1.46
C LEU A 202 -16.84 -0.45 -1.88
N GLN A 203 -17.47 0.27 -0.94
CA GLN A 203 -18.03 1.58 -1.27
C GLN A 203 -16.95 2.56 -1.72
N ALA A 204 -15.78 2.53 -1.05
CA ALA A 204 -14.66 3.39 -1.43
C ALA A 204 -14.12 3.05 -2.83
N MET A 205 -13.97 1.74 -3.12
CA MET A 205 -13.53 1.30 -4.43
C MET A 205 -14.43 1.82 -5.55
N LEU A 206 -15.73 1.62 -5.33
CA LEU A 206 -16.76 1.99 -6.28
C LEU A 206 -16.72 3.52 -6.44
N ALA A 207 -16.56 4.24 -5.34
CA ALA A 207 -16.41 5.68 -5.44
C ALA A 207 -15.20 6.03 -6.29
N ALA A 208 -14.07 5.33 -6.10
CA ALA A 208 -12.83 5.62 -6.86
C ALA A 208 -13.07 5.34 -8.31
N MET A 209 -13.68 4.20 -8.61
CA MET A 209 -14.07 3.84 -9.98
C MET A 209 -14.91 4.97 -10.65
N VAL A 210 -15.82 5.59 -9.88
CA VAL A 210 -16.68 6.63 -10.43
C VAL A 210 -15.80 7.78 -10.89
N GLU A 211 -14.89 8.22 -10.01
CA GLU A 211 -13.92 9.26 -10.33
C GLU A 211 -13.09 8.91 -11.57
N ARG A 212 -12.69 7.65 -11.69
CA ARG A 212 -11.89 7.21 -12.81
C ARG A 212 -12.74 6.98 -14.08
N GLY A 213 -14.01 7.36 -14.02
CA GLY A 213 -14.91 7.19 -15.13
C GLY A 213 -15.18 5.77 -15.62
N VAL A 214 -15.14 4.78 -14.72
CA VAL A 214 -15.64 3.43 -15.04
C VAL A 214 -17.17 3.49 -15.15
N ASP A 215 -17.75 2.72 -16.06
CA ASP A 215 -19.21 2.75 -16.12
C ASP A 215 -19.90 1.44 -15.74
N THR A 216 -19.15 0.35 -15.75
CA THR A 216 -19.75 -0.94 -15.38
C THR A 216 -18.74 -1.70 -14.56
N VAL A 217 -19.22 -2.41 -13.54
CA VAL A 217 -18.38 -3.16 -12.60
C VAL A 217 -18.97 -4.57 -12.42
N VAL A 218 -18.18 -5.61 -12.71
CA VAL A 218 -18.59 -6.97 -12.34
C VAL A 218 -17.95 -7.41 -11.02
N MET A 219 -18.71 -8.16 -10.23
CA MET A 219 -18.31 -8.56 -8.89
C MET A 219 -18.62 -10.00 -8.54
N GLU A 220 -17.69 -10.68 -7.88
CA GLU A 220 -18.04 -11.89 -7.16
C GLU A 220 -18.69 -11.46 -5.86
N VAL A 221 -19.87 -12.03 -5.61
CA VAL A 221 -20.58 -11.83 -4.34
C VAL A 221 -20.68 -13.21 -3.64
N SER A 222 -19.82 -13.39 -2.64
CA SER A 222 -19.77 -14.62 -1.89
C SER A 222 -20.92 -14.70 -0.94
N SER A 223 -21.30 -15.90 -0.52
CA SER A 223 -22.36 -16.03 0.49
C SER A 223 -21.94 -15.47 1.86
N HIS A 224 -20.64 -15.44 2.16
CA HIS A 224 -20.16 -14.72 3.36
C HIS A 224 -20.57 -13.25 3.29
N ALA A 225 -20.32 -12.64 2.14
CA ALA A 225 -20.47 -11.23 2.01
C ALA A 225 -21.92 -10.89 2.30
N LEU A 226 -22.83 -11.67 1.72
CA LEU A 226 -24.28 -11.50 1.97
C LEU A 226 -24.66 -11.71 3.44
N ALA A 227 -24.31 -12.87 3.99
CA ALA A 227 -24.55 -13.08 5.40
C ALA A 227 -24.04 -11.92 6.28
N LEU A 228 -22.86 -11.35 5.99
CA LEU A 228 -22.19 -10.43 6.92
C LEU A 228 -22.37 -8.95 6.59
N GLY A 229 -23.22 -8.66 5.61
CA GLY A 229 -23.55 -7.28 5.26
C GLY A 229 -22.54 -6.55 4.39
N ARG A 230 -21.59 -7.27 3.82
CA ARG A 230 -20.53 -6.60 3.05
C ARG A 230 -21.04 -5.81 1.85
N VAL A 231 -22.15 -6.25 1.24
CA VAL A 231 -22.72 -5.54 0.09
C VAL A 231 -23.96 -4.67 0.41
N ASP A 232 -24.14 -4.27 1.66
CA ASP A 232 -25.38 -3.64 2.13
C ASP A 232 -25.81 -2.39 1.44
N GLY A 233 -24.90 -1.49 1.12
CA GLY A 233 -25.37 -0.25 0.50
C GLY A 233 -25.38 -0.22 -1.01
N THR A 234 -25.30 -1.38 -1.66
CA THR A 234 -24.94 -1.45 -3.07
C THR A 234 -26.15 -1.75 -3.95
N ARG A 235 -26.43 -0.91 -4.95
CA ARG A 235 -27.45 -1.21 -5.95
C ARG A 235 -26.86 -2.13 -7.01
N PHE A 236 -27.31 -3.38 -7.04
CA PHE A 236 -26.98 -4.31 -8.11
C PHE A 236 -27.91 -4.14 -9.31
N ALA A 237 -27.38 -3.80 -10.47
CA ALA A 237 -28.19 -3.76 -11.71
C ALA A 237 -28.53 -5.16 -12.24
N VAL A 238 -27.58 -6.09 -12.08
CA VAL A 238 -27.80 -7.50 -12.38
C VAL A 238 -27.26 -8.36 -11.22
N GLY A 239 -27.98 -9.42 -10.89
CA GLY A 239 -27.47 -10.41 -9.96
C GLY A 239 -27.55 -11.72 -10.67
N ALA A 240 -26.48 -12.52 -10.56
CA ALA A 240 -26.48 -13.83 -11.22
C ALA A 240 -26.11 -15.04 -10.33
N PHE A 241 -26.78 -16.15 -10.63
CA PHE A 241 -26.56 -17.36 -9.87
C PHE A 241 -26.03 -18.48 -10.77
N THR A 242 -24.87 -19.03 -10.41
CA THR A 242 -24.23 -20.03 -11.23
C THR A 242 -24.70 -21.42 -10.87
N ASN A 243 -24.70 -21.76 -9.58
CA ASN A 243 -24.94 -23.15 -9.13
C ASN A 243 -24.68 -23.27 -7.64
N LEU A 244 -25.00 -24.42 -7.06
CA LEU A 244 -24.76 -24.64 -5.65
C LEU A 244 -24.47 -26.10 -5.37
N SER A 245 -23.40 -26.34 -4.64
CA SER A 245 -23.09 -27.67 -4.11
C SER A 245 -22.49 -27.47 -2.72
N ARG A 246 -22.27 -28.52 -1.95
CA ARG A 246 -21.86 -28.29 -0.56
C ARG A 246 -20.48 -27.65 -0.39
N ASP A 247 -20.48 -26.53 0.31
CA ASP A 247 -19.29 -25.74 0.62
C ASP A 247 -19.68 -24.90 1.84
N HIS A 248 -18.70 -24.23 2.44
CA HIS A 248 -18.92 -23.23 3.49
C HIS A 248 -19.81 -23.63 4.69
N LEU A 249 -19.85 -24.92 5.01
CA LEU A 249 -20.66 -25.41 6.14
C LEU A 249 -19.94 -25.27 7.48
N ASP A 250 -18.75 -24.69 7.46
CA ASP A 250 -18.03 -24.32 8.68
C ASP A 250 -18.37 -22.87 9.07
N PHE A 251 -19.13 -22.19 8.21
CA PHE A 251 -19.64 -20.87 8.47
C PHE A 251 -21.17 -20.84 8.57
N HIS A 252 -21.85 -21.32 7.52
CA HIS A 252 -23.31 -21.38 7.50
C HIS A 252 -23.70 -22.61 8.30
N PRO A 253 -24.65 -22.44 9.24
CA PRO A 253 -25.04 -23.59 10.10
C PRO A 253 -25.66 -24.77 9.32
N SER A 254 -26.11 -24.57 8.07
CA SER A 254 -26.71 -25.64 7.26
C SER A 254 -26.74 -25.28 5.78
N MET A 255 -26.99 -26.29 4.93
CA MET A 255 -27.18 -26.08 3.48
C MET A 255 -28.32 -25.14 3.16
N ALA A 256 -29.37 -25.15 3.99
CA ALA A 256 -30.49 -24.24 3.83
C ALA A 256 -30.00 -22.80 3.95
N ASP A 257 -29.32 -22.54 5.06
CA ASP A 257 -28.78 -21.24 5.36
C ASP A 257 -27.89 -20.73 4.24
N TYR A 258 -27.12 -21.65 3.68
CA TYR A 258 -26.19 -21.36 2.60
C TYR A 258 -26.99 -20.88 1.39
N PHE A 259 -28.02 -21.64 1.01
CA PHE A 259 -28.95 -21.22 -0.05
C PHE A 259 -29.62 -19.87 0.25
N GLU A 260 -30.12 -19.70 1.46
CA GLU A 260 -30.81 -18.49 1.83
C GLU A 260 -29.92 -17.25 1.73
N ALA A 261 -28.70 -17.35 2.22
CA ALA A 261 -27.75 -16.24 2.07
C ALA A 261 -27.68 -15.76 0.62
N ALA A 263 -29.92 -16.34 -1.68
CA ALA A 263 -31.22 -15.87 -2.14
C ALA A 263 -31.40 -14.35 -1.94
N SER A 264 -30.67 -13.76 -1.00
CA SER A 264 -30.76 -12.33 -0.72
C SER A 264 -30.75 -11.48 -1.96
N LEU A 265 -30.12 -12.02 -3.00
CA LEU A 265 -29.82 -11.27 -4.20
C LEU A 265 -30.93 -11.43 -5.25
N PHE A 266 -31.86 -12.35 -4.99
CA PHE A 266 -32.84 -12.77 -5.99
C PHE A 266 -34.30 -12.65 -5.60
N ASP A 267 -34.57 -12.81 -4.30
CA ASP A 267 -35.92 -12.67 -3.78
C ASP A 267 -36.44 -11.27 -4.12
N PRO A 268 -37.59 -11.15 -4.82
CA PRO A 268 -38.09 -9.85 -5.25
C PRO A 268 -38.25 -8.92 -4.07
N ASP A 269 -38.72 -9.44 -2.95
CA ASP A 269 -38.99 -8.58 -1.80
C ASP A 269 -37.76 -8.28 -0.97
N SER A 270 -36.64 -8.87 -1.34
CA SER A 270 -35.42 -8.75 -0.59
C SER A 270 -34.77 -7.36 -0.71
N ALA A 271 -34.25 -6.84 0.41
CA ALA A 271 -33.51 -5.57 0.41
C ALA A 271 -32.37 -5.58 -0.60
N LEU A 272 -31.79 -6.75 -0.86
CA LEU A 272 -30.67 -6.85 -1.81
C LEU A 272 -31.06 -7.30 -3.21
N ARG A 273 -32.35 -7.43 -3.52
CA ARG A 273 -32.75 -7.82 -4.87
C ARG A 273 -31.98 -7.00 -5.92
N ALA A 274 -31.34 -7.68 -6.86
CA ALA A 274 -30.77 -7.00 -8.02
C ALA A 274 -31.89 -6.62 -8.98
N ARG A 275 -31.68 -5.54 -9.74
CA ARG A 275 -32.68 -5.03 -10.68
C ARG A 275 -33.19 -6.14 -11.61
N THR A 276 -32.26 -6.94 -12.16
CA THR A 276 -32.61 -8.04 -13.04
C THR A 276 -31.77 -9.27 -12.66
N ALA A 277 -32.39 -10.45 -12.70
CA ALA A 277 -31.78 -11.70 -12.22
C ALA A 277 -31.45 -12.68 -13.36
N VAL A 278 -30.21 -13.15 -13.39
CA VAL A 278 -29.80 -14.22 -14.32
C VAL A 278 -29.53 -15.47 -13.51
N VAL A 279 -30.19 -16.57 -13.85
CA VAL A 279 -30.09 -17.77 -13.03
C VAL A 279 -29.85 -18.98 -13.91
N CYS A 280 -28.75 -19.68 -13.67
CA CYS A 280 -28.53 -20.97 -14.33
C CYS A 280 -29.41 -22.04 -13.69
N ILE A 281 -30.19 -22.72 -14.52
CA ILE A 281 -30.90 -23.94 -14.09
C ILE A 281 -29.86 -25.06 -13.90
N ASP A 282 -30.06 -26.23 -14.49
CA ASP A 282 -29.01 -27.23 -14.56
C ASP A 282 -28.72 -27.87 -13.22
N ASP A 283 -29.20 -27.25 -12.16
CA ASP A 283 -28.89 -27.57 -10.80
C ASP A 283 -30.24 -27.58 -10.11
N ASP A 284 -30.48 -28.50 -9.19
CA ASP A 284 -31.64 -28.35 -8.32
C ASP A 284 -31.71 -26.98 -7.62
N ALA A 285 -30.62 -26.58 -6.97
CA ALA A 285 -30.51 -25.25 -6.39
C ALA A 285 -30.78 -24.14 -7.41
N GLY A 286 -30.26 -24.32 -8.62
CA GLY A 286 -30.48 -23.33 -9.68
C GLY A 286 -31.94 -23.16 -9.97
N ARG A 287 -32.62 -24.29 -10.04
CA ARG A 287 -34.02 -24.33 -10.40
C ARG A 287 -34.86 -23.69 -9.33
N ALA A 288 -34.45 -23.89 -8.09
CA ALA A 288 -35.08 -23.28 -6.95
C ALA A 288 -34.88 -21.75 -6.94
N MET A 289 -33.68 -21.26 -7.32
CA MET A 289 -33.44 -19.82 -7.37
C MET A 289 -34.29 -19.12 -8.43
N ALA A 290 -34.46 -19.74 -9.59
CA ALA A 290 -35.25 -19.14 -10.66
C ALA A 290 -36.64 -18.83 -10.15
N ALA A 291 -37.23 -19.82 -9.51
CA ALA A 291 -38.55 -19.71 -8.93
C ALA A 291 -38.57 -18.62 -7.90
N ARG A 292 -37.51 -18.51 -7.13
CA ARG A 292 -37.44 -17.49 -6.11
C ARG A 292 -37.49 -16.08 -6.71
N ALA A 293 -36.64 -15.84 -7.69
CA ALA A 293 -36.60 -14.59 -8.43
C ALA A 293 -37.93 -14.28 -9.16
N ALA A 294 -38.69 -15.33 -9.50
CA ALA A 294 -39.99 -15.19 -10.17
C ALA A 294 -39.93 -14.66 -11.62
N ASP A 295 -38.90 -13.88 -11.95
CA ASP A 295 -38.73 -13.34 -13.29
C ASP A 295 -37.27 -13.37 -13.67
N ALA A 296 -36.59 -14.45 -13.35
CA ALA A 296 -35.22 -14.54 -13.76
C ALA A 296 -35.09 -14.76 -15.27
N ILE A 297 -34.02 -14.23 -15.85
CA ILE A 297 -33.59 -14.71 -17.14
C ILE A 297 -32.88 -16.03 -16.90
N THR A 298 -33.43 -17.13 -17.41
CA THR A 298 -32.88 -18.46 -17.08
C THR A 298 -31.92 -18.91 -18.15
N VAL A 299 -30.97 -19.74 -17.76
CA VAL A 299 -29.83 -20.15 -18.58
C VAL A 299 -29.61 -21.65 -18.38
N SER A 300 -29.42 -22.36 -19.49
CA SER A 300 -29.15 -23.81 -19.41
C SER A 300 -28.18 -24.30 -20.47
N ALA A 301 -27.16 -25.02 -20.02
CA ALA A 301 -26.27 -25.69 -20.97
C ALA A 301 -26.53 -27.20 -21.00
N ALA A 302 -27.60 -27.64 -20.35
CA ALA A 302 -27.86 -29.06 -20.13
C ALA A 302 -29.21 -29.49 -20.69
N ASP A 303 -29.63 -28.83 -21.76
CA ASP A 303 -30.76 -29.29 -22.57
C ASP A 303 -32.13 -29.10 -21.90
N ARG A 304 -32.21 -28.23 -20.89
CA ARG A 304 -33.51 -27.86 -20.30
C ARG A 304 -33.95 -26.57 -20.96
N PRO A 305 -35.28 -26.35 -21.04
CA PRO A 305 -35.72 -25.09 -21.68
C PRO A 305 -35.33 -23.89 -20.80
N ALA A 306 -34.76 -22.87 -21.42
CA ALA A 306 -34.34 -21.67 -20.72
C ALA A 306 -34.35 -20.50 -21.69
N HIS A 307 -34.20 -19.29 -21.18
CA HIS A 307 -34.08 -18.12 -22.07
C HIS A 307 -32.84 -18.18 -22.94
N TRP A 308 -31.74 -18.66 -22.39
CA TRP A 308 -30.58 -18.96 -23.20
C TRP A 308 -30.28 -20.46 -23.16
N ARG A 309 -29.92 -21.04 -24.29
CA ARG A 309 -29.51 -22.45 -24.32
C ARG A 309 -28.25 -22.62 -25.16
N ALA A 310 -27.51 -23.71 -24.90
CA ALA A 310 -26.34 -24.08 -25.69
C ALA A 310 -26.63 -25.30 -26.57
N THR A 311 -26.24 -25.23 -27.84
CA THR A 311 -26.32 -26.38 -28.71
C THR A 311 -25.05 -26.51 -29.56
N ASP A 312 -24.87 -27.68 -30.17
CA ASP A 312 -23.70 -27.95 -30.98
C ASP A 312 -22.40 -27.70 -30.20
N VAL A 313 -22.28 -28.27 -29.01
CA VAL A 313 -21.08 -28.12 -28.20
C VAL A 313 -20.01 -29.01 -28.76
N ALA A 314 -18.93 -28.39 -29.22
CA ALA A 314 -17.83 -29.12 -29.81
C ALA A 314 -16.53 -28.74 -29.13
N PRO A 315 -15.67 -29.72 -28.87
CA PRO A 315 -14.34 -29.36 -28.39
C PRO A 315 -13.48 -28.96 -29.61
N THR A 316 -12.42 -28.22 -29.37
CA THR A 316 -11.48 -27.86 -30.44
C THR A 316 -10.05 -28.11 -30.02
N ASP A 317 -9.15 -28.25 -31.02
CA ASP A 317 -7.70 -28.27 -30.76
C ASP A 317 -7.34 -27.05 -29.90
N ALA A 318 -6.19 -27.11 -29.24
CA ALA A 318 -5.78 -26.08 -28.26
C ALA A 318 -6.75 -25.97 -27.10
N GLY A 319 -7.29 -27.11 -26.65
CA GLY A 319 -8.08 -27.22 -25.43
C GLY A 319 -9.26 -26.28 -25.26
N GLY A 320 -9.90 -25.92 -26.37
CA GLY A 320 -11.05 -25.02 -26.33
C GLY A 320 -12.39 -25.64 -26.69
N GLN A 321 -13.40 -24.80 -26.77
CA GLN A 321 -14.77 -25.27 -26.93
C GLN A 321 -15.55 -24.30 -27.81
N GLN A 322 -16.35 -24.82 -28.73
CA GLN A 322 -17.25 -23.96 -29.47
C GLN A 322 -18.68 -24.48 -29.48
N PHE A 323 -19.64 -23.57 -29.32
CA PHE A 323 -21.04 -23.95 -29.24
C PHE A 323 -21.91 -22.86 -29.85
N THR A 324 -23.18 -23.16 -30.08
CA THR A 324 -24.16 -22.15 -30.49
C THR A 324 -24.99 -21.74 -29.29
N ALA A 325 -25.05 -20.44 -29.02
CA ALA A 325 -25.83 -19.91 -27.92
C ALA A 325 -27.10 -19.35 -28.51
N ILE A 326 -28.25 -19.82 -28.04
CA ILE A 326 -29.53 -19.37 -28.57
C ILE A 326 -30.15 -18.35 -27.60
N ASP A 327 -30.36 -17.12 -28.06
CA ASP A 327 -30.87 -16.06 -27.14
C ASP A 327 -32.38 -16.25 -26.87
N PRO A 328 -32.98 -15.41 -25.99
CA PRO A 328 -34.43 -15.54 -25.75
C PRO A 328 -35.31 -15.29 -26.96
N ALA A 329 -34.80 -14.59 -27.97
CA ALA A 329 -35.55 -14.41 -29.20
C ALA A 329 -35.45 -15.66 -30.08
N GLY A 330 -34.60 -16.62 -29.69
CA GLY A 330 -34.42 -17.85 -30.43
C GLY A 330 -33.40 -17.74 -31.54
N VAL A 331 -32.57 -16.70 -31.51
CA VAL A 331 -31.47 -16.61 -32.48
C VAL A 331 -30.15 -17.18 -31.96
N GLY A 332 -29.48 -17.97 -32.81
CA GLY A 332 -28.26 -18.65 -32.42
C GLY A 332 -27.07 -17.74 -32.68
N HIS A 333 -26.05 -17.87 -31.83
CA HIS A 333 -24.82 -17.13 -31.98
C HIS A 333 -23.63 -18.05 -31.83
N HIS A 334 -22.68 -17.95 -32.78
CA HIS A 334 -21.49 -18.78 -32.74
C HIS A 334 -20.54 -18.26 -31.69
N ILE A 335 -20.41 -19.00 -30.61
CA ILE A 335 -19.50 -18.66 -29.55
C ILE A 335 -18.32 -19.62 -29.52
N GLY A 336 -17.14 -19.07 -29.25
CA GLY A 336 -15.93 -19.85 -29.04
C GLY A 336 -15.28 -19.38 -27.78
N ILE A 337 -14.73 -20.33 -27.02
CA ILE A 337 -14.24 -20.08 -25.67
C ILE A 337 -12.98 -20.95 -25.38
N ARG A 338 -12.01 -20.32 -24.73
CA ARG A 338 -10.74 -20.95 -24.41
C ARG A 338 -10.77 -21.93 -23.23
N LEU A 339 -11.95 -22.09 -22.60
CA LEU A 339 -12.08 -22.92 -21.39
C LEU A 339 -12.84 -24.20 -21.67
N PRO A 340 -12.36 -25.34 -21.13
CA PRO A 340 -13.05 -26.61 -21.32
C PRO A 340 -14.14 -26.90 -20.28
N GLY A 341 -15.00 -27.90 -20.57
CA GLY A 341 -15.99 -28.37 -19.63
C GLY A 341 -17.38 -27.84 -19.92
N ARG A 342 -18.38 -28.70 -19.78
CA ARG A 342 -19.79 -28.34 -19.93
C ARG A 342 -20.19 -27.16 -19.05
N TYR A 343 -19.70 -27.14 -17.81
CA TYR A 343 -20.11 -26.12 -16.87
C TYR A 343 -19.51 -24.77 -17.26
N ASN A 344 -18.42 -24.78 -18.04
CA ASN A 344 -17.84 -23.53 -18.53
C ASN A 344 -18.65 -22.98 -19.69
N VAL A 345 -19.39 -23.88 -20.36
CA VAL A 345 -20.36 -23.44 -21.35
C VAL A 345 -21.50 -22.76 -20.62
N ALA A 346 -21.90 -23.31 -19.47
CA ALA A 346 -22.91 -22.68 -18.62
C ALA A 346 -22.45 -21.31 -18.10
N ASN A 347 -21.20 -21.21 -17.66
CA ASN A 347 -20.62 -19.93 -17.28
C ASN A 347 -20.69 -18.89 -18.39
N CYS A 348 -20.37 -19.32 -19.61
CA CYS A 348 -20.38 -18.42 -20.75
C CYS A 348 -21.81 -17.95 -21.08
N LEU A 349 -22.78 -18.87 -20.98
CA LEU A 349 -24.18 -18.49 -21.20
C LEU A 349 -24.62 -17.42 -20.18
N VAL A 350 -24.24 -17.62 -18.91
CA VAL A 350 -24.55 -16.65 -17.88
C VAL A 350 -23.89 -15.32 -18.29
N ALA A 351 -22.62 -15.38 -18.70
CA ALA A 351 -21.96 -14.16 -19.12
C ALA A 351 -22.77 -13.50 -20.22
N LEU A 352 -23.16 -14.26 -21.24
CA LEU A 352 -23.91 -13.68 -22.39
C LEU A 352 -25.25 -13.06 -21.95
N ALA A 353 -25.98 -13.76 -21.10
CA ALA A 353 -27.22 -13.23 -20.53
C ALA A 353 -26.99 -11.89 -19.77
N ILE A 354 -25.98 -11.86 -18.89
CA ILE A 354 -25.61 -10.63 -18.19
C ILE A 354 -25.29 -9.53 -19.21
N LEU A 355 -24.34 -9.80 -20.11
CA LEU A 355 -23.88 -8.83 -21.11
C LEU A 355 -25.01 -8.23 -21.94
N ASP A 356 -25.91 -9.11 -22.37
CA ASP A 356 -27.07 -8.68 -23.10
C ASP A 356 -27.91 -7.67 -22.30
N THR A 357 -28.28 -8.02 -21.05
CA THR A 357 -29.19 -7.14 -20.33
C THR A 357 -28.53 -5.78 -20.05
N VAL A 358 -27.22 -5.75 -20.14
CA VAL A 358 -26.45 -4.55 -19.87
C VAL A 358 -26.04 -3.86 -21.19
N GLY A 359 -26.60 -4.37 -22.29
CA GLY A 359 -26.50 -3.74 -23.61
C GLY A 359 -25.25 -4.07 -24.42
N VAL A 360 -24.73 -5.28 -24.29
CA VAL A 360 -23.65 -5.78 -25.13
C VAL A 360 -24.09 -7.10 -25.76
N SER A 361 -24.18 -7.12 -27.09
CA SER A 361 -24.69 -8.29 -27.81
C SER A 361 -23.61 -9.37 -27.93
N PRO A 362 -24.02 -10.64 -28.18
CA PRO A 362 -23.03 -11.66 -28.46
C PRO A 362 -22.02 -11.26 -29.55
N GLU A 363 -22.44 -10.61 -30.64
CA GLU A 363 -21.50 -10.27 -31.71
C GLU A 363 -20.39 -9.38 -31.18
N GLN A 364 -20.77 -8.35 -30.44
CA GLN A 364 -19.86 -7.44 -29.79
C GLN A 364 -18.98 -8.12 -28.72
N ALA A 365 -19.49 -9.16 -28.09
CA ALA A 365 -18.81 -9.75 -26.97
C ALA A 365 -17.79 -10.78 -27.40
N VAL A 366 -18.06 -11.44 -28.52
CA VAL A 366 -17.39 -12.70 -28.79
C VAL A 366 -15.83 -12.63 -28.98
N PRO A 367 -15.30 -11.52 -29.56
CA PRO A 367 -13.84 -11.39 -29.64
C PRO A 367 -13.15 -11.47 -28.28
N GLY A 368 -13.77 -10.92 -27.24
CA GLY A 368 -13.22 -11.00 -25.91
C GLY A 368 -13.42 -12.35 -25.20
N LEU A 369 -14.37 -13.17 -25.64
CA LEU A 369 -14.61 -14.45 -24.98
C LEU A 369 -13.75 -15.52 -25.61
N ARG A 370 -13.56 -15.36 -26.91
CA ARG A 370 -12.76 -16.23 -27.75
C ARG A 370 -11.38 -16.42 -27.14
N GLU A 371 -10.92 -15.42 -26.40
CA GLU A 371 -9.53 -15.41 -26.02
C GLU A 371 -9.18 -15.10 -24.57
N ILE A 372 -10.15 -14.88 -23.70
CA ILE A 372 -9.77 -14.66 -22.32
C ILE A 372 -9.42 -15.97 -21.60
N ARG A 373 -8.39 -15.89 -20.75
CA ARG A 373 -8.06 -16.96 -19.83
C ARG A 373 -8.22 -16.44 -18.41
N VAL A 374 -8.82 -17.26 -17.57
CA VAL A 374 -9.13 -16.94 -16.18
C VAL A 374 -8.05 -17.63 -15.35
N PRO A 375 -7.33 -16.85 -14.48
CA PRO A 375 -6.16 -17.40 -13.81
C PRO A 375 -6.53 -18.55 -12.87
N GLY A 376 -5.94 -19.71 -13.10
CA GLY A 376 -6.06 -20.82 -12.17
C GLY A 376 -7.39 -21.55 -12.19
N ARG A 377 -8.27 -21.16 -13.10
CA ARG A 377 -9.54 -21.87 -13.27
C ARG A 377 -9.51 -22.60 -14.61
N LEU A 378 -9.05 -23.85 -14.59
CA LEU A 378 -8.86 -24.59 -15.83
C LEU A 378 -7.99 -23.77 -16.77
N GLU A 379 -6.97 -23.12 -16.23
CA GLU A 379 -6.04 -22.35 -17.03
C GLU A 379 -5.07 -23.32 -17.75
N GLN A 380 -5.19 -23.40 -19.06
CA GLN A 380 -4.31 -24.26 -19.82
C GLN A 380 -3.01 -23.51 -20.09
N ILE A 381 -1.90 -24.21 -19.92
CA ILE A 381 -0.60 -23.60 -20.09
C ILE A 381 -0.03 -24.20 -21.34
N ASP A 382 0.34 -23.31 -22.26
CA ASP A 382 0.86 -23.68 -23.56
C ASP A 382 2.25 -23.03 -23.77
N ARG A 383 3.33 -23.77 -23.56
CA ARG A 383 4.62 -23.22 -23.97
C ARG A 383 5.10 -24.02 -25.16
N GLY A 384 4.16 -24.30 -26.06
CA GLY A 384 4.48 -24.93 -27.31
C GLY A 384 4.06 -26.39 -27.42
N GLN A 385 2.78 -26.60 -27.68
CA GLN A 385 2.20 -27.85 -28.20
C GLN A 385 2.46 -29.20 -27.49
N GLY A 386 1.59 -30.14 -27.83
CA GLY A 386 1.72 -31.55 -27.52
C GLY A 386 0.42 -32.11 -27.01
N PHE A 387 0.06 -31.65 -25.82
CA PHE A 387 -0.99 -32.25 -25.04
C PHE A 387 -1.49 -31.16 -24.11
N LEU A 388 -2.62 -31.41 -23.47
CA LEU A 388 -3.25 -30.41 -22.59
C LEU A 388 -2.61 -30.37 -21.22
N ALA A 389 -2.23 -29.17 -20.81
CA ALA A 389 -1.63 -28.96 -19.51
C ALA A 389 -2.38 -27.84 -18.80
N LEU A 390 -2.98 -28.16 -17.65
CA LEU A 390 -3.89 -27.25 -16.99
C LEU A 390 -3.58 -27.07 -15.52
N VAL A 391 -3.78 -25.85 -15.03
CA VAL A 391 -3.75 -25.54 -13.60
C VAL A 391 -5.19 -25.29 -13.12
N ASP A 392 -5.59 -25.88 -12.00
CA ASP A 392 -6.92 -25.61 -11.45
C ASP A 392 -6.92 -25.36 -9.95
N TYR A 393 -7.84 -24.49 -9.50
CA TYR A 393 -7.97 -24.11 -8.10
C TYR A 393 -8.50 -25.25 -7.21
N ALA A 394 -9.18 -26.21 -7.84
CA ALA A 394 -9.99 -27.22 -7.14
C ALA A 394 -9.29 -27.92 -6.03
N HIS A 395 -9.63 -27.51 -4.81
CA HIS A 395 -9.40 -28.26 -3.57
C HIS A 395 -10.81 -28.68 -3.17
N LYS A 396 -10.98 -29.52 -2.15
CA LYS A 396 -12.33 -30.05 -1.78
C LYS A 396 -12.79 -31.18 -2.72
N PRO A 397 -13.43 -32.22 -2.16
CA PRO A 397 -13.97 -33.41 -2.86
C PRO A 397 -14.90 -33.13 -4.07
N GLU A 398 -15.92 -32.29 -3.88
CA GLU A 398 -16.88 -31.99 -4.93
C GLU A 398 -16.25 -31.33 -6.17
N ALA A 399 -15.45 -30.29 -5.94
CA ALA A 399 -14.80 -29.58 -7.04
C ALA A 399 -13.90 -30.50 -7.86
N LEU A 400 -13.14 -31.33 -7.16
CA LEU A 400 -12.25 -32.29 -7.80
C LEU A 400 -13.02 -33.28 -8.67
N ARG A 401 -14.16 -33.75 -8.16
CA ARG A 401 -14.94 -34.75 -8.90
C ARG A 401 -15.42 -34.24 -10.25
N SER A 402 -15.92 -32.99 -10.29
CA SER A 402 -16.43 -32.44 -11.54
C SER A 402 -15.32 -32.08 -12.51
N VAL A 403 -14.23 -31.50 -11.98
CA VAL A 403 -13.07 -31.13 -12.80
C VAL A 403 -12.51 -32.33 -13.57
N LEU A 404 -12.25 -33.40 -12.84
CA LEU A 404 -11.80 -34.66 -13.42
C LEU A 404 -12.79 -35.25 -14.44
N THR A 405 -14.05 -35.42 -14.03
CA THR A 405 -15.06 -36.00 -14.92
C THR A 405 -15.12 -35.29 -16.26
N THR A 406 -15.19 -33.95 -16.26
CA THR A 406 -15.25 -33.19 -17.51
C THR A 406 -13.91 -33.15 -18.25
N LEU A 407 -12.91 -33.88 -17.78
CA LEU A 407 -11.62 -33.95 -18.49
C LEU A 407 -11.29 -35.33 -19.04
N ALA A 408 -11.96 -36.36 -18.54
CA ALA A 408 -11.70 -37.69 -19.04
C ALA A 408 -12.45 -37.95 -20.35
N HIS A 409 -11.72 -38.43 -21.35
CA HIS A 409 -12.33 -38.96 -22.55
C HIS A 409 -11.72 -40.35 -22.75
N PRO A 410 -12.57 -41.37 -23.01
CA PRO A 410 -12.14 -42.76 -23.29
C PRO A 410 -11.15 -42.77 -24.45
N ASP A 411 -9.87 -42.77 -24.09
CA ASP A 411 -8.77 -42.34 -24.95
C ASP A 411 -7.91 -41.39 -24.10
N ARG A 412 -6.83 -40.89 -24.69
CA ARG A 412 -6.04 -39.84 -24.06
C ARG A 412 -5.24 -40.35 -22.87
N ARG A 413 -5.84 -40.32 -21.67
CA ARG A 413 -5.13 -40.43 -20.38
C ARG A 413 -5.13 -39.10 -19.61
N LEU A 414 -5.49 -39.20 -18.34
CA LEU A 414 -5.62 -38.04 -17.47
C LEU A 414 -4.73 -38.20 -16.25
N ALA A 415 -3.83 -37.24 -16.05
CA ALA A 415 -2.94 -37.26 -14.87
C ALA A 415 -3.27 -36.09 -13.98
N VAL A 416 -3.19 -36.31 -12.66
CA VAL A 416 -3.47 -35.22 -11.70
C VAL A 416 -2.54 -35.15 -10.50
N VAL A 417 -1.94 -33.99 -10.29
CA VAL A 417 -1.07 -33.77 -9.16
C VAL A 417 -1.80 -32.90 -8.15
N PHE A 418 -1.85 -33.33 -6.90
CA PHE A 418 -2.46 -32.51 -5.84
C PHE A 418 -1.98 -32.92 -4.45
N GLY A 419 -2.44 -32.20 -3.43
CA GLY A 419 -2.17 -32.50 -2.02
C GLY A 419 -3.15 -31.68 -1.18
N ALA A 420 -3.00 -31.70 0.14
CA ALA A 420 -3.87 -30.91 1.00
C ALA A 420 -3.08 -29.97 1.93
N GLY A 421 -3.78 -29.05 2.59
CA GLY A 421 -3.13 -28.06 3.45
C GLY A 421 -3.01 -28.49 4.89
N GLY A 422 -1.85 -28.23 5.48
CA GLY A 422 -1.62 -28.59 6.86
C GLY A 422 -2.27 -27.61 7.81
N ASP A 423 -2.81 -28.13 8.91
CA ASP A 423 -3.57 -27.36 9.91
C ASP A 423 -4.95 -26.95 9.41
N ARG A 424 -5.51 -27.79 8.53
CA ARG A 424 -6.87 -27.64 7.95
C ARG A 424 -7.61 -28.94 8.12
N ASP A 425 -8.94 -28.86 8.18
CA ASP A 425 -9.77 -30.04 8.47
C ASP A 425 -9.37 -31.25 7.61
N PRO A 426 -8.89 -32.33 8.27
CA PRO A 426 -8.36 -33.48 7.55
C PRO A 426 -9.44 -34.26 6.84
N GLY A 427 -10.69 -34.14 7.31
CA GLY A 427 -11.83 -34.87 6.77
C GLY A 427 -11.94 -34.84 5.25
N LYS A 428 -11.37 -33.80 4.66
CA LYS A 428 -11.36 -33.60 3.21
C LYS A 428 -10.39 -34.55 2.49
N ARG A 429 -9.29 -34.90 3.16
CA ARG A 429 -8.20 -35.65 2.54
C ARG A 429 -8.60 -37.02 2.03
N ALA A 430 -9.22 -37.82 2.91
CA ALA A 430 -9.55 -39.22 2.63
C ALA A 430 -10.26 -39.43 1.28
N PRO A 431 -11.47 -38.88 1.10
CA PRO A 431 -12.22 -39.20 -0.11
C PRO A 431 -11.64 -38.55 -1.35
N MET A 432 -10.90 -37.46 -1.15
CA MET A 432 -10.31 -36.72 -2.26
C MET A 432 -9.40 -37.59 -3.13
N GLY A 433 -8.58 -38.42 -2.48
CA GLY A 433 -7.76 -39.40 -3.18
C GLY A 433 -8.59 -40.50 -3.82
N ARG A 434 -9.67 -40.89 -3.15
CA ARG A 434 -10.61 -41.87 -3.69
C ARG A 434 -11.18 -41.37 -5.03
N ILE A 435 -11.65 -40.11 -5.05
CA ILE A 435 -12.16 -39.47 -6.28
C ILE A 435 -11.10 -39.52 -7.37
N ALA A 436 -9.86 -39.17 -7.00
CA ALA A 436 -8.73 -39.17 -7.93
C ALA A 436 -8.44 -40.56 -8.49
N ALA A 437 -8.64 -41.57 -7.64
CA ALA A 437 -8.34 -42.96 -7.97
C ALA A 437 -9.29 -43.51 -9.04
N GLN A 438 -10.59 -43.24 -8.89
CA GLN A 438 -11.54 -43.76 -9.87
C GLN A 438 -11.52 -43.01 -11.22
N LEU A 439 -11.17 -41.72 -11.19
CA LEU A 439 -11.27 -40.86 -12.39
C LEU A 439 -9.97 -40.58 -13.16
N ALA A 440 -8.84 -40.45 -12.45
CA ALA A 440 -7.54 -40.27 -13.09
C ALA A 440 -6.95 -41.59 -13.60
N ASP A 441 -5.86 -41.48 -14.36
CA ASP A 441 -5.10 -42.63 -14.78
C ASP A 441 -3.76 -42.61 -14.07
N LEU A 442 -3.25 -41.39 -13.86
CA LEU A 442 -2.06 -41.16 -13.07
C LEU A 442 -2.41 -40.17 -11.96
N VAL A 443 -2.25 -40.56 -10.71
CA VAL A 443 -2.41 -39.60 -9.60
C VAL A 443 -1.12 -39.43 -8.80
N VAL A 444 -0.69 -38.19 -8.66
CA VAL A 444 0.56 -37.87 -7.96
C VAL A 444 0.27 -37.03 -6.74
N VAL A 445 0.55 -37.56 -5.55
CA VAL A 445 0.28 -36.81 -4.32
C VAL A 445 1.54 -36.04 -3.88
N THR A 446 1.39 -34.73 -3.64
CA THR A 446 2.51 -33.88 -3.19
C THR A 446 2.16 -33.00 -1.99
N ASP A 447 2.91 -31.92 -1.82
CA ASP A 447 2.63 -30.99 -0.72
C ASP A 447 2.00 -29.67 -1.18
N ASP A 448 0.78 -29.40 -0.72
CA ASP A 448 0.20 -28.05 -0.74
C ASP A 448 0.35 -27.54 0.69
N ASN A 449 0.66 -26.26 0.87
CA ASN A 449 0.88 -25.65 2.21
C ASN A 449 0.74 -26.56 3.44
N PRO A 450 1.83 -27.29 3.80
CA PRO A 450 1.83 -28.13 5.01
C PRO A 450 1.78 -27.39 6.34
N ARG A 451 2.21 -26.12 6.36
CA ARG A 451 2.36 -25.34 7.61
C ARG A 451 3.13 -26.13 8.68
N ASP A 452 2.55 -26.13 9.89
CA ASP A 452 3.04 -26.83 11.07
C ASP A 452 2.92 -28.34 10.98
N GLU A 453 1.98 -28.81 10.16
CA GLU A 453 1.66 -30.24 10.04
C GLU A 453 2.73 -30.97 9.26
N ASP A 454 2.98 -32.21 9.66
CA ASP A 454 3.99 -33.05 9.02
C ASP A 454 3.53 -33.49 7.61
N PRO A 455 4.33 -33.19 6.57
CA PRO A 455 3.91 -33.41 5.19
C PRO A 455 3.48 -34.87 4.88
N THR A 456 4.24 -35.85 5.39
CA THR A 456 3.99 -37.25 5.05
C THR A 456 2.65 -37.76 5.59
N ALA A 457 2.30 -37.30 6.80
CA ALA A 457 1.02 -37.64 7.42
C ALA A 457 -0.15 -37.21 6.55
N ILE A 458 -0.01 -36.04 5.90
CA ILE A 458 -1.02 -35.53 4.96
C ILE A 458 -1.12 -36.39 3.71
N ARG A 459 0.01 -36.61 3.04
CA ARG A 459 0.03 -37.40 1.81
C ARG A 459 -0.47 -38.82 2.06
N ARG A 460 -0.14 -39.38 3.23
CA ARG A 460 -0.52 -40.73 3.59
C ARG A 460 -2.04 -40.89 3.53
N GLU A 461 -2.75 -39.92 4.11
CA GLU A 461 -4.19 -40.00 4.24
C GLU A 461 -4.89 -39.93 2.88
N ILE A 462 -4.34 -39.14 1.96
CA ILE A 462 -4.86 -39.09 0.59
C ILE A 462 -4.62 -40.42 -0.13
N LEU A 463 -3.42 -40.98 0.04
CA LEU A 463 -3.05 -42.25 -0.58
C LEU A 463 -3.95 -43.37 -0.11
N ALA A 464 -4.29 -43.35 1.19
CA ALA A 464 -5.25 -44.27 1.80
C ALA A 464 -6.55 -44.27 0.98
N GLY A 465 -6.87 -43.11 0.42
CA GLY A 465 -7.98 -42.99 -0.52
C GLY A 465 -7.69 -43.61 -1.88
N ALA A 466 -6.47 -43.41 -2.38
CA ALA A 466 -6.09 -43.94 -3.69
C ALA A 466 -6.07 -45.50 -3.78
N ALA A 467 -5.93 -46.17 -2.62
CA ALA A 467 -6.24 -47.61 -2.50
C ALA A 467 -7.70 -47.77 -2.85
N GLU A 468 -8.12 -49.00 -3.16
CA GLU A 468 -9.44 -49.28 -3.78
C GLU A 468 -9.38 -49.35 -5.32
N VAL A 469 -8.28 -48.86 -5.89
CA VAL A 469 -8.02 -49.00 -7.33
C VAL A 469 -7.85 -50.46 -7.72
N GLY A 471 -9.26 -50.66 -10.38
CA GLY A 471 -9.24 -51.34 -11.68
C GLY A 471 -9.07 -50.34 -12.81
N ASP A 472 -8.25 -49.32 -12.56
CA ASP A 472 -8.03 -48.27 -13.53
C ASP A 472 -6.68 -47.58 -13.32
N ALA A 473 -6.54 -46.83 -12.22
CA ALA A 473 -5.47 -45.83 -12.04
C ALA A 473 -4.11 -46.34 -11.60
N GLN A 474 -3.18 -45.41 -11.45
CA GLN A 474 -1.80 -45.67 -11.09
C GLN A 474 -1.29 -44.51 -10.21
N VAL A 475 -1.21 -44.75 -8.90
CA VAL A 475 -0.96 -43.68 -7.92
C VAL A 475 0.48 -43.62 -7.39
N VAL A 476 1.04 -42.40 -7.32
CA VAL A 476 2.42 -42.16 -6.84
C VAL A 476 2.46 -41.08 -5.74
N GLU A 477 3.53 -41.08 -4.94
CA GLU A 477 3.75 -40.03 -3.96
C GLU A 477 5.11 -39.38 -4.21
N ILE A 478 5.10 -38.10 -4.55
CA ILE A 478 6.32 -37.32 -4.69
C ILE A 478 6.14 -36.07 -3.84
N ALA A 479 6.83 -36.01 -2.71
CA ALA A 479 6.66 -34.91 -1.74
C ALA A 479 6.91 -33.53 -2.34
N ASP A 480 8.08 -33.36 -2.97
CA ASP A 480 8.45 -32.10 -3.58
C ASP A 480 7.49 -31.73 -4.71
N ARG A 481 6.82 -30.59 -4.53
CA ARG A 481 5.79 -30.13 -5.47
C ARG A 481 6.34 -29.94 -6.89
N ARG A 482 7.54 -29.37 -6.98
CA ARG A 482 8.24 -29.12 -8.24
C ARG A 482 8.53 -30.42 -9.05
N ASP A 483 9.08 -31.42 -8.38
CA ASP A 483 9.37 -32.72 -8.99
C ASP A 483 8.09 -33.46 -9.37
N ALA A 484 7.03 -33.21 -8.60
CA ALA A 484 5.71 -33.81 -8.87
C ALA A 484 5.17 -33.36 -10.23
N ILE A 485 5.23 -32.05 -10.45
CA ILE A 485 4.80 -31.45 -11.71
C ILE A 485 5.69 -32.01 -12.81
N ARG A 486 7.00 -31.99 -12.58
CA ARG A 486 7.98 -32.51 -13.51
C ARG A 486 7.66 -33.95 -13.90
N HIS A 487 7.28 -34.76 -12.91
CA HIS A 487 6.96 -36.17 -13.14
C HIS A 487 5.80 -36.36 -14.10
N ALA A 488 4.69 -35.66 -13.83
CA ALA A 488 3.47 -35.83 -14.59
C ALA A 488 3.64 -35.37 -16.05
N VAL A 489 4.37 -34.26 -16.23
CA VAL A 489 4.64 -33.72 -17.56
C VAL A 489 5.37 -34.75 -18.45
N ALA A 490 6.51 -35.25 -17.95
CA ALA A 490 7.36 -36.19 -18.68
C ALA A 490 6.62 -37.50 -18.96
N TRP A 491 5.53 -37.71 -18.24
CA TRP A 491 4.70 -38.92 -18.36
C TRP A 491 3.68 -38.83 -19.51
N ALA A 492 3.35 -37.59 -19.93
CA ALA A 492 2.29 -37.34 -20.92
C ALA A 492 2.57 -37.95 -22.29
N ARG A 493 1.58 -37.95 -23.18
CA ARG A 493 1.74 -38.40 -24.58
C ARG A 493 0.86 -37.51 -25.45
N PRO A 494 1.33 -37.16 -26.68
CA PRO A 494 0.52 -36.22 -27.45
C PRO A 494 -0.98 -36.59 -27.45
N GLY A 495 -1.79 -35.71 -26.88
CA GLY A 495 -3.22 -35.97 -26.69
C GLY A 495 -3.61 -36.18 -25.24
N ASP A 496 -2.63 -36.47 -24.38
CA ASP A 496 -2.87 -36.66 -22.94
C ASP A 496 -3.19 -35.35 -22.26
N VAL A 497 -3.68 -35.44 -21.03
CA VAL A 497 -4.04 -34.25 -20.26
C VAL A 497 -3.52 -34.29 -18.81
N VAL A 498 -2.71 -33.27 -18.46
CA VAL A 498 -2.11 -33.13 -17.13
C VAL A 498 -2.83 -32.01 -16.39
N LEU A 499 -3.10 -32.23 -15.10
CA LEU A 499 -3.82 -31.29 -14.24
C LEU A 499 -3.13 -31.08 -12.91
N ILE A 500 -2.72 -29.84 -12.63
CA ILE A 500 -2.13 -29.49 -11.34
C ILE A 500 -3.21 -28.77 -10.54
N ALA A 501 -3.70 -29.43 -9.51
CA ALA A 501 -4.85 -28.91 -8.79
C ALA A 501 -4.57 -28.50 -7.36
N GLY A 502 -5.41 -27.61 -6.84
CA GLY A 502 -5.40 -27.31 -5.43
C GLY A 502 -4.75 -26.00 -5.02
N LYS A 503 -4.19 -25.28 -5.98
CA LYS A 503 -3.61 -23.95 -5.73
C LYS A 503 -4.22 -22.90 -6.64
N GLY A 504 -4.47 -23.27 -7.89
CA GLY A 504 -4.90 -22.28 -8.91
C GLY A 504 -3.97 -21.09 -9.03
N HIS A 505 -4.47 -19.91 -8.69
CA HIS A 505 -3.73 -18.66 -8.81
C HIS A 505 -2.90 -18.42 -7.56
N GLU A 506 -3.21 -19.15 -6.48
CA GLU A 506 -2.64 -18.86 -5.17
C GLU A 506 -1.20 -19.41 -5.04
N THR A 507 -0.26 -18.54 -4.66
CA THR A 507 1.15 -18.88 -4.70
C THR A 507 1.76 -19.32 -3.37
N GLY A 508 3.09 -19.51 -3.36
CA GLY A 508 3.83 -19.85 -2.17
C GLY A 508 3.67 -21.29 -1.72
N GLN A 509 4.56 -21.69 -0.81
CA GLN A 509 4.50 -22.98 -0.13
C GLN A 509 4.90 -22.78 1.32
N ARG A 510 3.94 -22.97 2.22
CA ARG A 510 4.18 -22.66 3.63
C ARG A 510 4.59 -23.93 4.39
N GLY A 511 5.74 -23.90 5.07
CA GLY A 511 6.32 -25.10 5.72
C GLY A 511 7.19 -24.86 6.93
N GLY A 513 7.33 -21.57 9.63
CA GLY A 513 8.04 -20.37 9.24
C GLY A 513 7.91 -20.11 7.76
N ARG A 514 9.02 -20.28 7.04
CA ARG A 514 9.14 -20.05 5.58
C ARG A 514 7.86 -20.17 4.72
N VAL A 515 7.74 -19.20 3.84
CA VAL A 515 6.92 -19.32 2.65
C VAL A 515 7.92 -19.39 1.49
N ARG A 516 8.27 -20.62 1.10
CA ARG A 516 9.03 -20.85 -0.12
C ARG A 516 8.26 -20.31 -1.33
N PRO A 517 8.96 -19.62 -2.26
CA PRO A 517 8.27 -19.18 -3.49
C PRO A 517 7.69 -20.37 -4.28
N PHE A 518 6.50 -20.22 -4.87
CA PHE A 518 5.93 -21.24 -5.75
C PHE A 518 4.72 -20.72 -6.48
N ASP A 519 4.70 -20.87 -7.80
CA ASP A 519 3.54 -20.56 -8.62
C ASP A 519 3.32 -21.73 -9.56
N ASP A 520 2.27 -22.49 -9.28
CA ASP A 520 1.85 -23.64 -10.08
C ASP A 520 1.88 -23.41 -11.58
N ARG A 521 1.66 -22.17 -12.00
CA ARG A 521 1.58 -21.83 -13.42
C ARG A 521 2.99 -21.67 -13.99
N VAL A 522 3.89 -21.11 -13.18
CA VAL A 522 5.24 -20.84 -13.62
C VAL A 522 6.05 -22.14 -13.77
N GLU A 523 6.15 -22.95 -12.71
CA GLU A 523 6.67 -24.30 -12.86
C GLU A 523 5.52 -24.91 -13.60
N LEU A 524 5.79 -25.82 -14.53
CA LEU A 524 4.78 -26.33 -15.45
C LEU A 524 4.95 -25.64 -16.75
N ALA A 525 4.92 -24.31 -16.75
CA ALA A 525 5.36 -23.57 -17.93
C ALA A 525 6.86 -23.84 -18.13
N ALA A 526 7.62 -23.78 -17.02
CA ALA A 526 9.03 -24.17 -17.00
C ALA A 526 9.25 -25.65 -17.34
N ALA A 527 8.45 -26.54 -16.74
CA ALA A 527 8.58 -27.97 -17.02
C ALA A 527 8.37 -28.24 -18.51
N LEU A 528 7.35 -27.60 -19.08
CA LEU A 528 7.14 -27.66 -20.51
C LEU A 528 8.32 -27.03 -21.27
N GLU A 529 8.77 -25.83 -20.83
CA GLU A 529 9.96 -25.16 -21.43
C GLU A 529 11.10 -26.18 -21.50
N ALA A 530 11.39 -26.87 -20.39
CA ALA A 530 12.42 -27.92 -20.43
C ALA A 530 11.87 -29.26 -20.91
N LEU A 531 11.81 -29.42 -22.24
CA LEU A 531 11.32 -30.62 -22.89
C LEU A 531 11.73 -30.59 -24.35
N GLU A 532 12.97 -31.01 -24.59
CA GLU A 532 13.59 -31.34 -25.91
C GLU A 532 14.82 -30.51 -26.29
N ARG A 533 15.52 -30.94 -27.36
CA ARG A 533 16.80 -30.36 -27.81
C ARG A 533 16.75 -28.88 -28.17
N LEU B 26 5.08 -3.39 2.58
CA LEU B 26 6.37 -3.80 3.23
C LEU B 26 6.91 -2.76 4.25
N ARG B 27 6.39 -2.88 5.46
CA ARG B 27 6.78 -2.06 6.59
C ARG B 27 7.00 -3.12 7.69
N PRO B 28 8.01 -2.92 8.55
CA PRO B 28 8.18 -3.84 9.69
C PRO B 28 7.16 -3.51 10.77
N ASN B 29 6.74 -4.48 11.56
CA ASN B 29 5.73 -4.19 12.56
C ASN B 29 6.23 -4.34 13.99
N ALA B 30 7.54 -4.38 14.14
CA ALA B 30 8.11 -4.51 15.46
C ALA B 30 9.35 -3.67 15.60
N VAL B 31 9.24 -2.37 15.33
CA VAL B 31 10.37 -1.48 15.50
C VAL B 31 10.31 -0.86 16.89
N VAL B 32 11.37 -1.01 17.68
CA VAL B 32 11.57 -0.20 18.92
C VAL B 32 12.05 1.18 18.54
N GLY B 33 11.58 2.19 19.26
CA GLY B 33 11.83 3.57 18.85
C GLY B 33 13.26 4.07 19.02
N VAL B 34 13.42 5.39 18.96
CA VAL B 34 14.67 6.05 19.24
C VAL B 34 14.17 7.37 19.76
N ARG B 35 14.59 7.80 20.95
CA ARG B 35 14.14 9.12 21.40
C ARG B 35 14.48 10.20 20.38
N LEU B 36 13.54 11.13 20.19
CA LEU B 36 13.72 12.19 19.23
C LEU B 36 14.98 13.02 19.50
N ALA B 37 15.27 13.25 20.78
CA ALA B 37 16.46 14.01 21.17
C ALA B 37 17.76 13.37 20.65
N ALA B 38 17.77 12.03 20.64
CA ALA B 38 18.92 11.25 20.15
C ALA B 38 19.13 11.55 18.67
N LEU B 39 18.05 11.43 17.91
CA LEU B 39 18.09 11.76 16.51
C LEU B 39 18.55 13.18 16.30
N ALA B 40 17.92 14.15 16.97
CA ALA B 40 18.34 15.54 16.87
C ALA B 40 19.85 15.70 17.07
N ASP B 41 20.37 15.08 18.13
CA ASP B 41 21.81 15.08 18.40
C ASP B 41 22.67 14.50 17.27
N GLN B 42 22.26 13.35 16.73
CA GLN B 42 23.00 12.60 15.73
C GLN B 42 23.38 13.43 14.51
N VAL B 43 22.47 14.30 14.15
CA VAL B 43 22.44 15.00 12.89
C VAL B 43 22.69 16.50 13.13
N GLY B 44 22.86 16.85 14.40
CA GLY B 44 23.16 18.22 14.81
C GLY B 44 22.10 19.22 14.43
N ALA B 45 20.84 18.81 14.47
CA ALA B 45 19.75 19.65 14.03
C ALA B 45 19.43 20.76 15.02
N ALA B 46 18.93 21.87 14.49
CA ALA B 46 18.38 22.98 15.28
C ALA B 46 16.86 22.86 15.43
N LEU B 47 16.35 23.31 16.58
CA LEU B 47 14.91 23.37 16.77
C LEU B 47 14.34 24.70 16.30
N ALA B 48 13.27 24.62 15.51
CA ALA B 48 12.55 25.80 15.02
C ALA B 48 12.07 26.70 16.17
N GLU B 49 11.72 26.08 17.30
CA GLU B 49 11.28 26.84 18.49
C GLU B 49 12.39 27.11 19.51
N GLY B 50 13.54 26.44 19.34
CA GLY B 50 14.73 26.73 20.14
C GLY B 50 14.90 25.99 21.47
N PRO B 51 16.09 26.11 22.09
CA PRO B 51 16.41 25.53 23.40
C PRO B 51 15.42 25.93 24.50
N ALA B 52 14.45 25.04 24.76
CA ALA B 52 13.37 25.23 25.77
C ALA B 52 12.20 24.30 25.40
N GLN B 53 12.19 23.89 24.14
CA GLN B 53 11.30 22.85 23.60
C GLN B 53 12.06 21.52 23.49
N ARG B 54 13.31 21.52 23.92
CA ARG B 54 14.15 20.32 23.89
C ARG B 54 13.66 19.26 24.89
N ALA B 55 12.95 19.69 25.93
CA ALA B 55 12.50 18.80 26.99
C ALA B 55 11.36 17.90 26.54
N VAL B 56 10.55 18.38 25.59
CA VAL B 56 9.58 17.50 24.89
C VAL B 56 10.24 16.55 23.85
N THR B 57 11.40 16.97 23.33
CA THR B 57 12.21 16.17 22.39
C THR B 57 12.81 14.96 23.12
N GLU B 58 13.17 15.21 24.38
CA GLU B 58 13.69 14.18 25.29
C GLU B 58 12.58 13.18 25.67
N ASP B 59 11.33 13.56 25.39
CA ASP B 59 10.17 12.74 25.73
C ASP B 59 9.70 11.85 24.57
N ARG B 60 9.64 12.41 23.36
CA ARG B 60 9.06 11.73 22.18
C ARG B 60 9.89 10.57 21.62
N THR B 61 9.20 9.57 21.08
CA THR B 61 9.82 8.40 20.46
C THR B 61 9.47 8.31 18.98
N VAL B 62 10.47 8.11 18.15
CA VAL B 62 10.30 7.99 16.71
C VAL B 62 10.33 6.51 16.30
N THR B 63 9.26 6.03 15.67
CA THR B 63 9.19 4.60 15.32
C THR B 63 9.12 4.31 13.81
N GLY B 64 9.32 5.35 13.01
CA GLY B 64 9.34 5.22 11.55
C GLY B 64 9.79 6.52 10.96
N VAL B 65 10.20 6.50 9.71
CA VAL B 65 10.53 7.72 8.99
C VAL B 65 9.84 7.67 7.62
N THR B 66 9.29 8.80 7.17
CA THR B 66 8.78 8.91 5.80
C THR B 66 8.98 10.34 5.29
N LEU B 67 9.14 10.44 3.97
CA LEU B 67 9.33 11.70 3.24
C LEU B 67 8.10 11.95 2.37
N ARG B 68 6.99 11.32 2.71
CA ARG B 68 5.74 11.64 2.05
C ARG B 68 4.62 11.75 3.08
N ALA B 69 3.99 12.90 3.13
CA ALA B 69 3.06 13.20 4.21
C ALA B 69 1.95 12.18 4.29
N GLN B 70 1.51 11.70 3.14
CA GLN B 70 0.33 10.86 3.03
C GLN B 70 0.64 9.45 3.49
N ASP B 71 1.93 9.14 3.63
CA ASP B 71 2.38 7.86 4.15
C ASP B 71 2.62 7.77 5.65
N VAL B 72 2.58 8.89 6.39
CA VAL B 72 2.97 8.83 7.80
C VAL B 72 2.04 7.97 8.62
N SER B 73 2.65 7.21 9.52
CA SER B 73 1.96 6.41 10.48
C SER B 73 2.32 7.01 11.84
N PRO B 74 1.46 6.85 12.86
CA PRO B 74 1.74 7.59 14.10
C PRO B 74 3.08 7.19 14.65
N GLY B 75 3.90 8.18 14.98
CA GLY B 75 5.17 7.95 15.62
C GLY B 75 6.33 8.18 14.68
N ASP B 76 6.00 8.53 13.43
CA ASP B 76 7.00 8.77 12.39
C ASP B 76 7.63 10.14 12.46
N LEU B 77 8.86 10.23 11.97
CA LEU B 77 9.47 11.51 11.65
C LEU B 77 9.03 11.82 10.21
N PHE B 78 8.51 13.03 9.99
CA PHE B 78 8.23 13.44 8.62
C PHE B 78 9.38 14.29 8.14
N ALA B 79 10.05 13.79 7.10
CA ALA B 79 11.08 14.56 6.41
C ALA B 79 10.41 15.45 5.33
N ALA B 80 10.25 16.73 5.65
CA ALA B 80 9.75 17.72 4.70
C ALA B 80 10.90 18.24 3.83
N LEU B 81 11.05 17.69 2.63
CA LEU B 81 12.19 18.05 1.77
C LEU B 81 11.85 19.07 0.71
N THR B 82 12.86 19.77 0.21
CA THR B 82 12.68 20.59 -0.98
C THR B 82 12.97 19.72 -2.20
N GLY B 83 12.23 19.94 -3.28
CA GLY B 83 12.37 19.12 -4.46
C GLY B 83 12.18 19.94 -5.69
N SER B 84 12.25 19.30 -6.85
CA SER B 84 12.12 20.01 -8.12
C SER B 84 10.75 20.58 -8.34
N THR B 85 9.73 19.99 -7.73
CA THR B 85 8.36 20.40 -8.08
C THR B 85 7.55 21.06 -6.95
N THR B 86 7.94 20.79 -5.70
CA THR B 86 7.35 21.48 -4.54
C THR B 86 8.22 21.31 -3.28
N HIS B 87 7.70 21.75 -2.14
CA HIS B 87 8.39 21.54 -0.89
C HIS B 87 7.51 20.74 0.05
N GLY B 88 8.02 19.64 0.57
CA GLY B 88 7.25 18.84 1.51
C GLY B 88 6.74 19.55 2.76
N ALA B 89 7.34 20.68 3.11
CA ALA B 89 6.93 21.40 4.31
C ALA B 89 5.52 21.91 4.16
N ARG B 90 5.08 22.10 2.92
CA ARG B 90 3.70 22.49 2.63
C ARG B 90 2.70 21.40 3.00
N HIS B 91 3.16 20.20 3.30
CA HIS B 91 2.29 19.09 3.64
C HIS B 91 2.44 18.68 5.09
N VAL B 92 3.05 19.55 5.90
CA VAL B 92 3.24 19.30 7.33
C VAL B 92 1.92 19.14 8.10
N GLY B 93 0.91 19.96 7.81
CA GLY B 93 -0.40 19.80 8.39
C GLY B 93 -0.92 18.39 8.25
N ASP B 94 -0.79 17.84 7.05
CA ASP B 94 -1.29 16.50 6.76
C ASP B 94 -0.51 15.41 7.52
N ALA B 95 0.81 15.53 7.52
CA ALA B 95 1.64 14.67 8.32
C ALA B 95 1.24 14.69 9.79
N ILE B 96 1.11 15.90 10.36
CA ILE B 96 0.79 16.04 11.77
C ILE B 96 -0.50 15.29 12.06
N ALA B 97 -1.46 15.41 11.16
CA ALA B 97 -2.76 14.80 11.37
C ALA B 97 -2.77 13.28 11.26
N ARG B 98 -1.79 12.73 10.55
CA ARG B 98 -1.72 11.27 10.41
C ARG B 98 -0.90 10.64 11.52
N GLY B 99 -0.43 11.46 12.47
CA GLY B 99 0.26 10.96 13.67
C GLY B 99 1.75 11.28 13.85
N ALA B 100 2.37 11.93 12.86
CA ALA B 100 3.81 12.27 12.94
C ALA B 100 4.19 12.91 14.26
N VAL B 101 5.24 12.41 14.89
CA VAL B 101 5.72 12.96 16.19
C VAL B 101 6.60 14.16 16.03
N ALA B 102 7.21 14.31 14.86
CA ALA B 102 8.13 15.40 14.61
C ALA B 102 8.44 15.57 13.12
N VAL B 103 9.11 16.68 12.81
CA VAL B 103 9.40 17.07 11.44
C VAL B 103 10.89 17.41 11.29
N LEU B 104 11.49 16.94 10.20
CA LEU B 104 12.86 17.28 9.81
C LEU B 104 12.84 18.01 8.46
N THR B 105 13.27 19.26 8.44
CA THR B 105 13.26 20.09 7.24
C THR B 105 14.50 20.97 7.18
N ASP B 106 14.58 21.79 6.14
CA ASP B 106 15.65 22.80 5.98
C ASP B 106 15.17 24.22 6.31
N PRO B 107 16.06 25.22 6.21
CA PRO B 107 15.59 26.58 6.40
C PRO B 107 14.41 27.01 5.52
N ALA B 108 14.34 26.55 4.27
CA ALA B 108 13.20 26.89 3.44
C ALA B 108 11.94 26.27 4.02
N GLY B 109 12.05 25.07 4.56
CA GLY B 109 10.94 24.43 5.26
C GLY B 109 10.41 25.25 6.42
N VAL B 110 11.29 25.83 7.21
CA VAL B 110 10.80 26.61 8.36
C VAL B 110 10.08 27.85 7.88
N ALA B 111 10.51 28.39 6.74
CA ALA B 111 9.81 29.51 6.11
C ALA B 111 8.38 29.14 5.70
N GLU B 112 8.18 27.97 5.08
CA GLU B 112 6.85 27.51 4.69
C GLU B 112 5.98 27.26 5.88
N ILE B 113 6.55 26.70 6.94
CA ILE B 113 5.78 26.34 8.12
C ILE B 113 5.35 27.58 8.86
N ALA B 114 6.12 28.66 8.61
CA ALA B 114 6.05 29.90 9.38
C ALA B 114 6.24 29.54 10.86
N GLY B 115 5.32 30.03 11.71
CA GLY B 115 5.35 29.71 13.14
C GLY B 115 4.90 28.29 13.46
N ARG B 116 4.37 28.12 14.67
CA ARG B 116 3.89 26.85 15.24
C ARG B 116 3.32 25.75 14.31
N ALA B 117 4.09 24.67 14.14
CA ALA B 117 3.51 23.38 13.86
C ALA B 117 3.30 22.78 15.25
N ALA B 118 2.33 21.88 15.43
CA ALA B 118 2.05 21.31 16.75
C ALA B 118 3.13 20.33 17.28
N VAL B 119 4.09 19.98 16.44
CA VAL B 119 5.16 19.08 16.86
C VAL B 119 6.53 19.76 16.73
N PRO B 120 7.59 19.18 17.34
CA PRO B 120 8.95 19.68 17.18
C PRO B 120 9.41 19.71 15.73
N VAL B 121 10.01 20.82 15.31
CA VAL B 121 10.58 20.91 13.97
C VAL B 121 12.10 20.97 14.03
N LEU B 122 12.74 19.94 13.49
CA LEU B 122 14.20 19.87 13.40
C LEU B 122 14.68 20.47 12.11
N VAL B 123 15.57 21.45 12.20
CA VAL B 123 16.11 22.13 11.02
C VAL B 123 17.54 21.69 10.78
N HIS B 124 17.82 21.28 9.54
CA HIS B 124 19.16 20.89 9.13
C HIS B 124 19.39 21.51 7.79
N PRO B 125 20.60 22.06 7.53
CA PRO B 125 20.83 22.40 6.11
C PRO B 125 20.96 21.05 5.49
N ALA B 126 20.82 20.89 4.17
CA ALA B 126 21.03 19.51 3.62
C ALA B 126 20.36 18.30 4.38
N PRO B 127 19.04 18.33 4.63
CA PRO B 127 18.38 17.16 5.27
C PRO B 127 18.58 15.85 4.51
N ARG B 128 18.27 15.88 3.23
CA ARG B 128 18.46 14.74 2.33
C ARG B 128 19.84 14.05 2.49
N GLY B 129 20.87 14.85 2.80
CA GLY B 129 22.23 14.35 2.91
C GLY B 129 22.50 13.54 4.16
N VAL B 130 21.45 13.38 4.96
CA VAL B 130 21.57 12.87 6.32
C VAL B 130 20.37 11.98 6.69
N LEU B 131 19.34 12.04 5.85
CA LEU B 131 18.13 11.27 6.00
C LEU B 131 18.38 9.76 6.07
N GLY B 132 19.22 9.22 5.20
CA GLY B 132 19.49 7.79 5.16
C GLY B 132 20.00 7.23 6.46
N GLY B 133 20.96 7.93 7.08
CA GLY B 133 21.47 7.60 8.40
C GLY B 133 20.41 7.66 9.49
N LEU B 134 19.58 8.70 9.47
CA LEU B 134 18.46 8.78 10.40
C LEU B 134 17.56 7.55 10.26
N ALA B 135 17.19 7.21 9.02
CA ALA B 135 16.28 6.09 8.76
C ALA B 135 16.90 4.73 9.19
N ALA B 136 18.18 4.60 8.86
CA ALA B 136 18.93 3.43 9.25
C ALA B 136 18.94 3.31 10.79
N THR B 137 19.03 4.44 11.49
CA THR B 137 18.98 4.44 12.95
C THR B 137 17.62 3.99 13.45
N VAL B 138 16.55 4.59 12.99
CA VAL B 138 15.28 4.21 13.57
C VAL B 138 14.87 2.77 13.25
N TYR B 139 15.29 2.26 12.10
CA TYR B 139 14.95 0.85 11.77
C TYR B 139 15.98 -0.24 12.21
N GLY B 140 16.99 0.09 13.04
CA GLY B 140 17.89 -0.91 13.66
C GLY B 140 19.03 -1.41 12.80
N HIS B 141 19.39 -0.60 11.79
CA HIS B 141 20.46 -0.92 10.85
C HIS B 141 20.27 -2.31 10.26
N PRO B 142 19.11 -2.52 9.61
CA PRO B 142 18.75 -3.80 9.00
C PRO B 142 19.80 -4.35 8.04
N SER B 143 20.52 -3.48 7.32
CA SER B 143 21.50 -3.98 6.36
C SER B 143 22.78 -4.57 7.00
N GLU B 144 22.88 -4.53 8.32
CA GLU B 144 23.96 -5.17 9.02
C GLU B 144 23.56 -6.58 9.42
N ARG B 145 22.32 -6.93 9.07
CA ARG B 145 21.74 -8.20 9.41
C ARG B 145 21.36 -8.96 8.14
N LEU B 146 21.81 -8.43 7.00
CA LEU B 146 21.46 -8.99 5.69
C LEU B 146 22.68 -8.96 4.80
N THR B 147 22.64 -9.72 3.72
CA THR B 147 23.66 -9.59 2.70
C THR B 147 22.99 -8.83 1.60
N VAL B 148 23.36 -7.58 1.44
CA VAL B 148 22.70 -6.74 0.46
C VAL B 148 23.60 -6.67 -0.76
N ILE B 149 23.05 -7.04 -1.91
CA ILE B 149 23.80 -6.97 -3.14
C ILE B 149 23.30 -5.81 -3.97
N GLY B 150 24.18 -4.88 -4.34
CA GLY B 150 23.77 -3.73 -5.14
C GLY B 150 24.28 -3.84 -6.57
N ILE B 151 23.42 -3.60 -7.56
CA ILE B 151 23.88 -3.72 -8.91
C ILE B 151 23.60 -2.43 -9.60
N THR B 152 24.63 -1.84 -10.20
CA THR B 152 24.51 -0.57 -10.93
C THR B 152 25.01 -0.68 -12.38
N GLY B 153 24.69 0.30 -13.20
CA GLY B 153 25.09 0.32 -14.61
C GLY B 153 23.97 0.87 -15.49
N THR B 154 24.32 1.28 -16.71
CA THR B 154 23.30 1.82 -17.62
C THR B 154 22.23 0.78 -18.01
N SER B 155 22.62 -0.44 -18.35
CA SER B 155 21.71 -1.51 -18.76
C SER B 155 21.97 -2.77 -17.97
N GLY B 156 20.99 -3.63 -17.86
CA GLY B 156 21.22 -4.96 -17.33
C GLY B 156 21.13 -5.07 -15.82
N LYS B 157 20.79 -3.97 -15.14
CA LYS B 157 20.55 -4.06 -13.70
C LYS B 157 19.41 -5.02 -13.34
N THR B 158 18.22 -4.77 -13.89
CA THR B 158 17.09 -5.66 -13.70
C THR B 158 17.45 -7.12 -13.96
N THR B 159 17.96 -7.41 -15.17
CA THR B 159 18.22 -8.80 -15.60
C THR B 159 19.21 -9.44 -14.64
N THR B 160 20.19 -8.64 -14.20
CA THR B 160 21.22 -9.22 -13.35
C THR B 160 20.64 -9.52 -11.98
N THR B 161 19.82 -8.61 -11.44
CA THR B 161 19.15 -8.88 -10.19
C THR B 161 18.28 -10.11 -10.31
N TYR B 162 17.62 -10.28 -11.44
CA TYR B 162 16.74 -11.43 -11.59
C TYR B 162 17.51 -12.73 -11.60
N LEU B 163 18.69 -12.72 -12.23
CA LEU B 163 19.48 -13.95 -12.34
C LEU B 163 20.06 -14.31 -10.99
N VAL B 164 20.52 -13.32 -10.25
CA VAL B 164 21.03 -13.56 -8.91
C VAL B 164 19.90 -14.16 -8.04
N GLU B 165 18.76 -13.50 -8.04
CA GLU B 165 17.64 -13.93 -7.22
C GLU B 165 17.19 -15.33 -7.61
N ALA B 166 17.38 -15.69 -8.88
CA ALA B 166 17.02 -17.02 -9.38
C ALA B 166 17.93 -18.12 -8.85
N GLY B 167 19.24 -17.84 -8.86
CA GLY B 167 20.26 -18.72 -8.33
C GLY B 167 20.13 -18.90 -6.83
N LEU B 168 19.90 -17.80 -6.11
CA LEU B 168 19.71 -17.83 -4.67
C LEU B 168 18.55 -18.77 -4.29
N ARG B 169 17.42 -18.65 -4.98
CA ARG B 169 16.29 -19.56 -4.79
C ARG B 169 16.68 -20.99 -5.05
N ALA B 170 17.45 -21.25 -6.11
CA ALA B 170 17.82 -22.62 -6.48
C ALA B 170 18.68 -23.27 -5.41
N ALA B 171 19.58 -22.50 -4.80
CA ALA B 171 20.37 -22.97 -3.68
C ALA B 171 19.57 -23.05 -2.38
N GLY B 172 18.34 -22.53 -2.37
CA GLY B 172 17.49 -22.58 -1.19
C GLY B 172 17.77 -21.51 -0.14
N ARG B 173 18.38 -20.40 -0.53
CA ARG B 173 18.51 -19.23 0.35
C ARG B 173 17.20 -18.47 0.34
N VAL B 174 16.85 -17.80 1.45
CA VAL B 174 15.68 -16.93 1.48
C VAL B 174 16.12 -15.57 0.96
N ALA B 175 15.66 -15.21 -0.23
CA ALA B 175 16.10 -13.97 -0.89
C ALA B 175 15.01 -12.86 -0.96
N GLY B 176 15.45 -11.62 -1.11
CA GLY B 176 14.56 -10.53 -1.45
C GLY B 176 15.13 -9.79 -2.63
N LEU B 177 14.24 -9.27 -3.49
CA LEU B 177 14.63 -8.47 -4.66
C LEU B 177 13.98 -7.12 -4.61
N ILE B 178 14.72 -6.07 -4.97
CA ILE B 178 14.23 -4.70 -5.04
C ILE B 178 14.67 -4.04 -6.36
N GLY B 179 13.74 -3.58 -7.19
CA GLY B 179 14.10 -2.99 -8.45
C GLY B 179 12.91 -2.38 -9.14
N THR B 180 13.03 -2.19 -10.46
CA THR B 180 12.10 -1.40 -11.25
C THR B 180 10.78 -2.11 -11.47
N ILE B 181 10.79 -3.44 -11.41
CA ILE B 181 9.58 -4.22 -11.62
C ILE B 181 8.79 -4.34 -10.33
N GLY B 182 9.50 -4.37 -9.22
CA GLY B 182 8.87 -4.23 -7.92
C GLY B 182 9.73 -4.86 -6.84
N ILE B 183 9.08 -5.29 -5.77
CA ILE B 183 9.76 -5.85 -4.62
C ILE B 183 9.29 -7.26 -4.49
N ARG B 184 10.23 -8.17 -4.22
CA ARG B 184 9.91 -9.59 -4.03
C ARG B 184 10.50 -10.13 -2.75
N VAL B 185 9.67 -10.71 -1.92
CA VAL B 185 10.10 -11.29 -0.67
C VAL B 185 9.29 -12.55 -0.49
N GLY B 186 9.94 -13.68 -0.26
CA GLY B 186 9.23 -14.94 -0.06
C GLY B 186 8.08 -15.13 -1.04
N GLY B 187 6.91 -15.47 -0.52
CA GLY B 187 5.75 -15.71 -1.39
C GLY B 187 5.12 -14.45 -1.97
N ALA B 188 5.50 -13.29 -1.43
CA ALA B 188 4.91 -11.98 -1.77
C ALA B 188 5.66 -11.27 -2.90
N ASP B 189 4.91 -10.57 -3.74
CA ASP B 189 5.44 -9.75 -4.80
C ASP B 189 4.61 -8.46 -4.85
N LEU B 190 5.26 -7.31 -4.70
CA LEU B 190 4.58 -6.02 -4.61
C LEU B 190 5.28 -4.91 -5.37
N PRO B 191 4.53 -3.91 -5.88
CA PRO B 191 5.12 -2.91 -6.80
C PRO B 191 5.91 -1.80 -6.11
N SER B 192 6.57 -0.96 -6.89
CA SER B 192 7.41 0.14 -6.37
C SER B 192 7.37 1.35 -7.28
N ALA B 193 7.47 2.53 -6.67
CA ALA B 193 7.52 3.80 -7.39
C ALA B 193 8.82 3.99 -8.19
N LEU B 194 9.93 3.51 -7.64
CA LEU B 194 11.22 3.83 -8.20
C LEU B 194 12.10 2.58 -8.37
N THR B 195 13.09 2.68 -9.25
CA THR B 195 14.10 1.65 -9.41
C THR B 195 14.81 1.42 -8.10
N THR B 196 15.19 2.50 -7.42
CA THR B 196 15.69 2.39 -6.06
C THR B 196 14.83 3.27 -5.15
N PRO B 197 14.29 2.71 -4.05
CA PRO B 197 13.47 3.56 -3.17
C PRO B 197 14.28 4.61 -2.40
N GLU B 198 13.60 5.63 -1.89
CA GLU B 198 14.23 6.61 -0.98
C GLU B 198 14.69 5.97 0.33
N ALA B 199 15.68 6.58 0.97
CA ALA B 199 16.29 6.03 2.17
C ALA B 199 15.29 5.49 3.20
N PRO B 200 14.27 6.30 3.59
CA PRO B 200 13.34 5.82 4.61
C PRO B 200 12.55 4.58 4.22
N THR B 201 12.16 4.47 2.96
CA THR B 201 11.49 3.25 2.49
C THR B 201 12.43 2.05 2.47
N LEU B 202 13.54 2.23 1.76
CA LEU B 202 14.58 1.23 1.71
C LEU B 202 14.88 0.63 3.10
N GLN B 203 15.28 1.47 4.06
CA GLN B 203 15.59 0.99 5.42
C GLN B 203 14.39 0.24 6.03
N ALA B 204 13.18 0.74 5.76
CA ALA B 204 11.97 0.08 6.27
C ALA B 204 11.73 -1.30 5.65
N MET B 205 11.88 -1.41 4.35
CA MET B 205 11.74 -2.71 3.67
C MET B 205 12.77 -3.72 4.24
N LEU B 206 14.04 -3.28 4.29
CA LEU B 206 15.13 -4.11 4.74
C LEU B 206 14.83 -4.55 6.13
N ALA B 207 14.38 -3.62 6.96
CA ALA B 207 13.91 -4.00 8.32
C ALA B 207 12.81 -5.09 8.33
N ALA B 208 11.83 -4.94 7.42
CA ALA B 208 10.73 -5.88 7.33
C ALA B 208 11.24 -7.24 6.84
N MET B 209 12.10 -7.20 5.81
CA MET B 209 12.85 -8.38 5.38
C MET B 209 13.56 -9.13 6.52
N VAL B 210 14.23 -8.39 7.39
CA VAL B 210 14.84 -9.00 8.58
C VAL B 210 13.83 -9.76 9.44
N GLU B 211 12.69 -9.14 9.73
CA GLU B 211 11.63 -9.78 10.50
C GLU B 211 11.07 -11.03 9.82
N ARG B 212 10.98 -10.99 8.49
CA ARG B 212 10.49 -12.11 7.69
C ARG B 212 11.56 -13.15 7.46
N GLY B 213 12.69 -13.03 8.14
CA GLY B 213 13.80 -13.99 8.02
C GLY B 213 14.48 -14.10 6.67
N VAL B 214 14.49 -13.02 5.89
CA VAL B 214 15.25 -13.00 4.63
C VAL B 214 16.72 -12.97 5.01
N ASP B 215 17.59 -13.65 4.26
CA ASP B 215 19.00 -13.55 4.54
C ASP B 215 19.86 -12.88 3.49
N THR B 216 19.38 -12.83 2.24
CA THR B 216 20.10 -12.11 1.18
C THR B 216 19.12 -11.27 0.37
N VAL B 217 19.54 -10.06 -0.01
CA VAL B 217 18.71 -9.14 -0.78
C VAL B 217 19.49 -8.63 -1.97
N VAL B 218 18.93 -8.74 -3.17
CA VAL B 218 19.58 -8.19 -4.36
C VAL B 218 18.84 -6.93 -4.82
N MET B 219 19.61 -5.91 -5.23
CA MET B 219 19.06 -4.56 -5.50
C MET B 219 19.57 -3.90 -6.79
N GLU B 220 18.66 -3.26 -7.52
CA GLU B 220 19.08 -2.27 -8.49
C GLU B 220 19.45 -1.00 -7.74
N VAL B 221 20.63 -0.48 -8.02
CA VAL B 221 21.05 0.78 -7.42
C VAL B 221 21.29 1.73 -8.58
N SER B 222 20.38 2.69 -8.74
CA SER B 222 20.40 3.62 -9.87
C SER B 222 21.35 4.75 -9.57
N SER B 223 21.84 5.40 -10.62
CA SER B 223 22.75 6.53 -10.43
C SER B 223 22.04 7.71 -9.77
N HIS B 224 20.73 7.81 -9.92
CA HIS B 224 19.96 8.81 -9.16
C HIS B 224 20.05 8.53 -7.66
N ALA B 225 19.86 7.26 -7.29
CA ALA B 225 19.82 6.86 -5.88
C ALA B 225 21.10 7.29 -5.22
N LEU B 226 22.21 6.98 -5.89
CA LEU B 226 23.52 7.35 -5.41
C LEU B 226 23.63 8.87 -5.28
N ALA B 227 23.46 9.58 -6.38
CA ALA B 227 23.54 11.04 -6.30
C ALA B 227 22.67 11.66 -5.16
N LEU B 228 21.48 11.10 -4.90
CA LEU B 228 20.50 11.73 -4.02
C LEU B 228 20.42 11.14 -2.61
N GLY B 229 21.34 10.25 -2.30
CA GLY B 229 21.43 9.74 -0.95
C GLY B 229 20.46 8.64 -0.55
N ARG B 230 19.74 8.08 -1.53
CA ARG B 230 18.80 7.02 -1.24
C ARG B 230 19.38 5.75 -0.59
N VAL B 231 20.65 5.44 -0.85
CA VAL B 231 21.28 4.25 -0.25
C VAL B 231 22.26 4.54 0.92
N ASP B 232 22.09 5.70 1.56
CA ASP B 232 23.07 6.22 2.50
C ASP B 232 23.42 5.42 3.74
N GLY B 233 22.45 4.87 4.43
CA GLY B 233 22.83 4.04 5.57
C GLY B 233 22.95 2.55 5.27
N THR B 234 23.28 2.14 4.05
CA THR B 234 23.18 0.73 3.67
C THR B 234 24.55 0.09 3.56
N ARG B 235 24.81 -1.03 4.25
CA ARG B 235 26.04 -1.80 4.03
C ARG B 235 25.82 -2.73 2.87
N PHE B 236 26.53 -2.47 1.78
CA PHE B 236 26.55 -3.39 0.64
C PHE B 236 27.62 -4.50 0.80
N ALA B 237 27.21 -5.77 0.80
CA ALA B 237 28.17 -6.87 0.83
C ALA B 237 28.87 -7.06 -0.50
N VAL B 238 28.11 -6.85 -1.58
CA VAL B 238 28.63 -6.91 -2.95
C VAL B 238 28.06 -5.70 -3.69
N GLY B 239 28.89 -5.08 -4.53
CA GLY B 239 28.42 -4.04 -5.46
C GLY B 239 28.89 -4.45 -6.85
N ALA B 240 28.02 -4.31 -7.84
CA ALA B 240 28.33 -4.76 -9.19
C ALA B 240 28.00 -3.75 -10.28
N PHE B 241 28.87 -3.72 -11.28
CA PHE B 241 28.82 -2.78 -12.36
C PHE B 241 28.68 -3.52 -13.68
N THR B 242 27.58 -3.26 -14.38
CA THR B 242 27.31 -3.93 -15.64
C THR B 242 27.98 -3.25 -16.81
N ASN B 243 27.83 -1.94 -16.94
CA ASN B 243 28.26 -1.21 -18.15
C ASN B 243 27.78 0.24 -18.07
N LEU B 244 28.25 1.08 -19.00
CA LEU B 244 27.78 2.45 -19.07
C LEU B 244 27.76 2.98 -20.51
N SER B 245 26.66 3.64 -20.86
CA SER B 245 26.54 4.32 -22.12
C SER B 245 25.65 5.54 -21.85
N ARG B 246 25.53 6.45 -22.80
CA ARG B 246 24.84 7.70 -22.48
C ARG B 246 23.32 7.58 -22.14
N ASP B 247 23.01 7.98 -20.92
CA ASP B 247 21.67 8.01 -20.37
C ASP B 247 21.68 9.07 -19.26
N HIS B 248 20.50 9.43 -18.77
CA HIS B 248 20.37 10.30 -17.58
C HIS B 248 21.15 11.66 -17.58
N LEU B 249 21.38 12.21 -18.77
CA LEU B 249 22.04 13.50 -18.95
C LEU B 249 21.12 14.71 -18.72
N ASP B 250 19.86 14.45 -18.43
CA ASP B 250 18.88 15.47 -18.06
C ASP B 250 18.88 15.62 -16.53
N PHE B 251 19.66 14.77 -15.85
CA PHE B 251 19.84 14.86 -14.41
C PHE B 251 21.31 15.14 -14.07
N HIS B 252 22.19 14.26 -14.52
CA HIS B 252 23.59 14.45 -14.26
C HIS B 252 24.09 15.51 -15.21
N PRO B 253 24.81 16.52 -14.69
CA PRO B 253 25.29 17.61 -15.58
C PRO B 253 26.30 17.18 -16.67
N SER B 254 26.87 15.98 -16.57
CA SER B 254 27.75 15.46 -17.61
C SER B 254 27.97 13.95 -17.52
N MET B 255 28.53 13.35 -18.60
CA MET B 255 28.93 11.93 -18.57
C MET B 255 29.91 11.56 -17.44
N ALA B 256 30.76 12.51 -17.05
CA ALA B 256 31.72 12.32 -15.98
C ALA B 256 30.96 12.16 -14.69
N ASP B 257 30.05 13.10 -14.44
CA ASP B 257 29.21 13.07 -13.23
C ASP B 257 28.45 11.78 -13.11
N TYR B 258 27.96 11.31 -14.25
CA TYR B 258 27.20 10.08 -14.34
C TYR B 258 28.10 8.92 -13.88
N PHE B 259 29.31 8.84 -14.43
CA PHE B 259 30.28 7.83 -14.04
C PHE B 259 30.58 7.94 -12.56
N GLU B 260 30.82 9.17 -12.11
CA GLU B 260 31.21 9.39 -10.72
C GLU B 260 30.16 8.96 -9.71
N ALA B 261 28.90 9.24 -10.01
CA ALA B 261 27.81 8.82 -9.16
C ALA B 261 27.88 7.32 -8.98
N ALA B 263 30.56 5.48 -9.35
CA ALA B 263 31.80 5.08 -8.71
C ALA B 263 31.69 5.07 -7.19
N SER B 264 30.73 5.78 -6.62
CA SER B 264 30.47 5.77 -5.18
C SER B 264 30.53 4.35 -4.61
N LEU B 265 30.15 3.37 -5.41
CA LEU B 265 29.92 2.05 -4.93
C LEU B 265 31.22 1.24 -4.97
N PHE B 266 32.23 1.76 -5.67
CA PHE B 266 33.41 0.96 -5.96
C PHE B 266 34.70 1.51 -5.44
N ASP B 267 34.74 2.84 -5.26
CA ASP B 267 35.95 3.49 -4.76
C ASP B 267 36.25 2.94 -3.37
N PRO B 268 37.47 2.39 -3.16
CA PRO B 268 37.81 1.79 -1.85
C PRO B 268 37.60 2.79 -0.71
N ASP B 269 38.03 4.04 -0.92
CA ASP B 269 37.92 5.07 0.08
C ASP B 269 36.50 5.67 0.22
N SER B 270 35.60 5.34 -0.71
CA SER B 270 34.24 5.86 -0.70
C SER B 270 33.34 5.36 0.45
N ALA B 271 32.47 6.24 0.98
CA ALA B 271 31.56 5.93 2.08
C ALA B 271 30.61 4.82 1.69
N LEU B 272 30.32 4.69 0.41
CA LEU B 272 29.46 3.59 -0.07
C LEU B 272 30.21 2.35 -0.65
N ARG B 273 31.53 2.29 -0.54
CA ARG B 273 32.22 1.10 -1.04
C ARG B 273 31.47 -0.16 -0.58
N ALA B 274 31.08 -1.01 -1.51
CA ALA B 274 30.64 -2.37 -1.16
C ALA B 274 31.83 -3.22 -0.74
N ARG B 275 31.57 -4.17 0.17
CA ARG B 275 32.57 -5.07 0.71
C ARG B 275 33.38 -5.70 -0.41
N THR B 276 32.72 -6.28 -1.41
CA THR B 276 33.42 -6.87 -2.55
C THR B 276 32.81 -6.38 -3.88
N ALA B 277 33.67 -6.16 -4.88
CA ALA B 277 33.26 -5.51 -6.15
C ALA B 277 33.26 -6.48 -7.34
N VAL B 278 32.15 -6.54 -8.06
CA VAL B 278 32.12 -7.32 -9.31
C VAL B 278 31.95 -6.35 -10.43
N VAL B 279 32.84 -6.36 -11.40
CA VAL B 279 32.83 -5.36 -12.46
C VAL B 279 32.99 -6.01 -13.81
N CYS B 280 32.01 -5.78 -14.68
CA CYS B 280 32.17 -6.18 -16.07
C CYS B 280 33.14 -5.22 -16.80
N ILE B 281 34.16 -5.79 -17.44
CA ILE B 281 35.02 -5.08 -18.40
C ILE B 281 34.20 -4.83 -19.65
N ASP B 282 34.71 -5.18 -20.81
CA ASP B 282 33.89 -5.20 -22.04
C ASP B 282 33.51 -3.81 -22.54
N ASP B 283 33.68 -2.83 -21.68
CA ASP B 283 33.17 -1.49 -21.83
C ASP B 283 34.35 -0.66 -21.41
N ASP B 284 34.60 0.45 -22.10
CA ASP B 284 35.57 1.43 -21.60
C ASP B 284 35.29 1.85 -20.17
N ALA B 285 34.06 2.26 -19.89
CA ALA B 285 33.63 2.57 -18.53
C ALA B 285 33.87 1.42 -17.57
N GLY B 286 33.60 0.19 -18.01
CA GLY B 286 33.71 -0.94 -17.13
C GLY B 286 35.16 -1.03 -16.71
N ARG B 287 36.03 -0.85 -17.70
CA ARG B 287 37.45 -1.07 -17.51
C ARG B 287 37.99 -0.06 -16.51
N ALA B 288 37.45 1.14 -16.56
CA ALA B 288 37.77 2.23 -15.68
C ALA B 288 37.29 1.92 -14.24
N MET B 289 36.08 1.35 -14.10
CA MET B 289 35.58 0.97 -12.75
C MET B 289 36.46 -0.09 -12.09
N ALA B 290 36.84 -1.13 -12.82
CA ALA B 290 37.67 -2.17 -12.23
C ALA B 290 38.90 -1.53 -11.58
N ALA B 291 39.60 -0.67 -12.33
CA ALA B 291 40.74 0.10 -11.86
C ALA B 291 40.40 0.91 -10.61
N ARG B 292 39.21 1.52 -10.63
CA ARG B 292 38.77 2.34 -9.52
C ARG B 292 38.65 1.50 -8.26
N ALA B 293 37.98 0.35 -8.38
CA ALA B 293 37.81 -0.59 -7.27
C ALA B 293 39.16 -1.19 -6.81
N ALA B 294 40.13 -1.24 -7.72
CA ALA B 294 41.48 -1.74 -7.42
C ALA B 294 41.58 -3.25 -7.16
N ASP B 295 40.52 -3.84 -6.58
CA ASP B 295 40.45 -5.28 -6.34
C ASP B 295 39.10 -5.85 -6.75
N ALA B 296 38.55 -5.42 -7.88
CA ALA B 296 37.29 -6.01 -8.36
C ALA B 296 37.46 -7.44 -8.87
N ILE B 297 36.43 -8.25 -8.71
CA ILE B 297 36.38 -9.50 -9.42
C ILE B 297 35.87 -9.13 -10.82
N THR B 298 36.72 -9.32 -11.83
CA THR B 298 36.35 -8.84 -13.16
C THR B 298 35.63 -9.91 -13.96
N VAL B 299 34.78 -9.47 -14.86
CA VAL B 299 33.92 -10.35 -15.66
C VAL B 299 33.99 -9.91 -17.12
N SER B 300 34.14 -10.88 -18.05
CA SER B 300 34.13 -10.56 -19.47
C SER B 300 33.45 -11.62 -20.30
N ALA B 301 32.53 -11.20 -21.15
CA ALA B 301 31.97 -12.10 -22.14
C ALA B 301 32.55 -11.82 -23.55
N ALA B 302 33.54 -10.94 -23.64
CA ALA B 302 34.01 -10.45 -24.92
C ALA B 302 35.50 -10.70 -25.12
N ASP B 303 35.94 -11.85 -24.65
CA ASP B 303 37.26 -12.34 -24.96
C ASP B 303 38.43 -11.52 -24.38
N ARG B 304 38.18 -10.73 -23.33
CA ARG B 304 39.27 -10.07 -22.61
C ARG B 304 39.56 -10.88 -21.36
N PRO B 305 40.80 -10.76 -20.80
CA PRO B 305 41.10 -11.62 -19.63
C PRO B 305 40.40 -11.08 -18.41
N ALA B 306 39.78 -11.96 -17.65
CA ALA B 306 39.02 -11.55 -16.49
C ALA B 306 38.90 -12.73 -15.53
N HIS B 307 38.47 -12.48 -14.30
CA HIS B 307 38.29 -13.57 -13.35
C HIS B 307 37.22 -14.56 -13.81
N TRP B 308 36.16 -14.07 -14.45
CA TRP B 308 35.23 -14.96 -15.12
C TRP B 308 35.21 -14.66 -16.60
N ARG B 309 35.12 -15.70 -17.42
CA ARG B 309 35.03 -15.55 -18.87
C ARG B 309 33.99 -16.50 -19.44
N ALA B 310 33.39 -16.14 -20.57
CA ALA B 310 32.47 -17.01 -21.27
C ALA B 310 33.11 -17.53 -22.53
N THR B 311 32.91 -18.82 -22.82
CA THR B 311 33.40 -19.45 -24.05
C THR B 311 32.33 -20.38 -24.58
N ASP B 312 32.51 -20.84 -25.82
CA ASP B 312 31.57 -21.77 -26.47
C ASP B 312 30.13 -21.25 -26.44
N VAL B 313 29.94 -19.97 -26.77
CA VAL B 313 28.61 -19.35 -26.76
C VAL B 313 27.81 -19.87 -27.94
N ALA B 314 26.73 -20.57 -27.64
CA ALA B 314 25.88 -21.17 -28.64
C ALA B 314 24.43 -20.74 -28.43
N PRO B 315 23.75 -20.39 -29.54
CA PRO B 315 22.31 -20.20 -29.43
C PRO B 315 21.61 -21.57 -29.41
N THR B 316 20.42 -21.63 -28.83
CA THR B 316 19.64 -22.86 -28.88
C THR B 316 18.22 -22.59 -29.38
N ASP B 317 17.56 -23.63 -29.89
CA ASP B 317 16.10 -23.56 -30.15
C ASP B 317 15.38 -22.98 -28.92
N ALA B 318 14.15 -22.51 -29.11
CA ALA B 318 13.39 -21.78 -28.08
C ALA B 318 14.12 -20.53 -27.57
N GLY B 319 14.79 -19.82 -28.48
CA GLY B 319 15.40 -18.51 -28.22
C GLY B 319 16.32 -18.38 -27.02
N GLY B 320 17.08 -19.43 -26.73
CA GLY B 320 17.97 -19.42 -25.57
C GLY B 320 19.43 -19.49 -25.98
N GLN B 321 20.29 -19.57 -24.97
CA GLN B 321 21.72 -19.47 -25.17
C GLN B 321 22.39 -20.42 -24.22
N GLN B 322 23.42 -21.14 -24.69
CA GLN B 322 24.28 -21.87 -23.77
C GLN B 322 25.77 -21.62 -23.98
N PHE B 323 26.50 -21.44 -22.88
CA PHE B 323 27.93 -21.15 -22.92
C PHE B 323 28.68 -21.87 -21.81
N THR B 324 30.02 -21.81 -21.86
CA THR B 324 30.83 -22.29 -20.75
C THR B 324 31.32 -21.09 -19.94
N ALA B 325 31.12 -21.12 -18.64
CA ALA B 325 31.61 -20.05 -17.78
C ALA B 325 32.85 -20.54 -17.06
N ILE B 326 33.96 -19.83 -17.22
CA ILE B 326 35.20 -20.23 -16.59
C ILE B 326 35.43 -19.42 -15.34
N ASP B 327 35.54 -20.10 -14.19
CA ASP B 327 35.70 -19.39 -12.91
C ASP B 327 37.15 -18.89 -12.70
N PRO B 328 37.42 -18.09 -11.63
CA PRO B 328 38.80 -17.62 -11.42
C PRO B 328 39.80 -18.76 -11.27
N ALA B 329 39.33 -19.92 -10.81
CA ALA B 329 40.21 -21.08 -10.65
C ALA B 329 40.48 -21.73 -11.99
N GLY B 330 39.76 -21.30 -13.03
CA GLY B 330 39.96 -21.80 -14.38
C GLY B 330 39.12 -23.02 -14.73
N VAL B 331 38.18 -23.36 -13.88
CA VAL B 331 37.24 -24.47 -14.13
C VAL B 331 36.01 -23.96 -14.93
N GLY B 332 35.64 -24.68 -15.98
CA GLY B 332 34.51 -24.32 -16.81
C GLY B 332 33.22 -24.98 -16.35
N HIS B 333 32.12 -24.22 -16.42
CA HIS B 333 30.79 -24.68 -16.00
C HIS B 333 29.81 -24.50 -17.14
N HIS B 334 28.99 -25.52 -17.34
CA HIS B 334 27.98 -25.49 -18.38
C HIS B 334 26.76 -24.73 -17.94
N ILE B 335 26.57 -23.56 -18.54
CA ILE B 335 25.47 -22.67 -18.21
C ILE B 335 24.51 -22.61 -19.40
N GLY B 336 23.23 -22.60 -19.08
CA GLY B 336 22.16 -22.44 -20.06
C GLY B 336 21.20 -21.37 -19.57
N ILE B 337 20.76 -20.50 -20.47
CA ILE B 337 20.02 -19.29 -20.11
C ILE B 337 18.92 -18.99 -21.14
N ARG B 338 17.77 -18.57 -20.65
CA ARG B 338 16.59 -18.34 -21.48
C ARG B 338 16.62 -17.00 -22.24
N LEU B 339 17.64 -16.18 -21.99
CA LEU B 339 17.71 -14.84 -22.59
C LEU B 339 18.74 -14.79 -23.70
N PRO B 340 18.43 -14.07 -24.80
CA PRO B 340 19.39 -13.98 -25.90
C PRO B 340 20.31 -12.76 -25.79
N GLY B 341 21.36 -12.73 -26.60
CA GLY B 341 22.26 -11.59 -26.63
C GLY B 341 23.57 -11.83 -25.91
N ARG B 342 24.66 -11.33 -26.51
CA ARG B 342 25.99 -11.38 -25.93
C ARG B 342 26.02 -10.68 -24.59
N TYR B 343 25.26 -9.61 -24.48
CA TYR B 343 25.34 -8.83 -23.27
C TYR B 343 24.58 -9.53 -22.12
N ASN B 344 23.63 -10.38 -22.48
CA ASN B 344 22.97 -11.23 -21.48
C ASN B 344 23.87 -12.37 -20.99
N VAL B 345 24.84 -12.74 -21.81
CA VAL B 345 25.88 -13.66 -21.36
C VAL B 345 26.75 -12.95 -20.32
N ALA B 346 27.04 -11.66 -20.56
CA ALA B 346 27.75 -10.82 -19.59
C ALA B 346 26.97 -10.64 -18.27
N ASN B 347 25.68 -10.34 -18.38
CA ASN B 347 24.79 -10.31 -17.20
C ASN B 347 24.86 -11.59 -16.33
N CYS B 348 24.81 -12.73 -16.99
CA CYS B 348 24.86 -14.00 -16.30
C CYS B 348 26.21 -14.24 -15.64
N LEU B 349 27.29 -13.87 -16.33
CA LEU B 349 28.60 -13.92 -15.71
C LEU B 349 28.62 -13.06 -14.45
N VAL B 350 28.21 -11.80 -14.57
CA VAL B 350 28.10 -10.96 -13.37
C VAL B 350 27.29 -11.72 -12.25
N ALA B 351 26.11 -12.22 -12.62
CA ALA B 351 25.33 -13.00 -11.69
C ALA B 351 26.14 -14.16 -11.08
N LEU B 352 26.85 -14.94 -11.90
CA LEU B 352 27.66 -16.04 -11.36
C LEU B 352 28.78 -15.58 -10.41
N ALA B 353 29.46 -14.50 -10.76
CA ALA B 353 30.48 -13.91 -9.91
C ALA B 353 29.88 -13.41 -8.55
N ILE B 354 28.74 -12.72 -8.60
CA ILE B 354 28.05 -12.32 -7.37
C ILE B 354 27.73 -13.57 -6.50
N LEU B 355 27.00 -14.52 -7.11
CA LEU B 355 26.49 -15.72 -6.44
C LEU B 355 27.60 -16.46 -5.76
N ASP B 356 28.71 -16.62 -6.48
CA ASP B 356 29.86 -17.27 -5.92
C ASP B 356 30.40 -16.53 -4.65
N THR B 357 30.64 -15.22 -4.72
CA THR B 357 31.24 -14.57 -3.55
C THR B 357 30.29 -14.63 -2.36
N VAL B 358 29.02 -14.93 -2.62
CA VAL B 358 28.00 -14.93 -1.60
C VAL B 358 27.67 -16.39 -1.22
N GLY B 359 28.47 -17.30 -1.76
CA GLY B 359 28.44 -18.69 -1.35
C GLY B 359 27.48 -19.58 -2.08
N VAL B 360 27.18 -19.27 -3.33
CA VAL B 360 26.38 -20.16 -4.18
C VAL B 360 27.18 -20.49 -5.44
N SER B 361 27.45 -21.78 -5.63
CA SER B 361 28.25 -22.21 -6.77
C SER B 361 27.44 -22.23 -8.08
N PRO B 362 28.14 -22.23 -9.23
CA PRO B 362 27.42 -22.43 -10.50
C PRO B 362 26.51 -23.68 -10.53
N GLU B 363 26.99 -24.82 -10.04
CA GLU B 363 26.20 -26.06 -10.02
C GLU B 363 24.88 -25.84 -9.30
N GLN B 364 24.97 -25.30 -8.10
CA GLN B 364 23.80 -24.94 -7.33
C GLN B 364 22.89 -23.91 -8.02
N ALA B 365 23.48 -23.01 -8.80
CA ALA B 365 22.75 -21.87 -9.33
C ALA B 365 22.04 -22.20 -10.64
N VAL B 366 22.60 -23.13 -11.41
CA VAL B 366 22.21 -23.28 -12.81
C VAL B 366 20.73 -23.70 -13.10
N PRO B 367 20.12 -24.54 -12.24
CA PRO B 367 18.69 -24.80 -12.43
C PRO B 367 17.85 -23.52 -12.45
N GLY B 368 18.15 -22.58 -11.57
CA GLY B 368 17.39 -21.35 -11.54
C GLY B 368 17.66 -20.40 -12.68
N LEU B 369 18.81 -20.53 -13.34
CA LEU B 369 19.20 -19.64 -14.42
C LEU B 369 18.67 -20.17 -15.73
N ARG B 370 18.74 -21.48 -15.86
CA ARG B 370 18.24 -22.20 -17.01
C ARG B 370 16.86 -21.72 -17.41
N GLU B 371 16.07 -21.30 -16.42
CA GLU B 371 14.64 -21.11 -16.63
C GLU B 371 14.01 -19.79 -16.16
N ILE B 372 14.79 -18.86 -15.59
CA ILE B 372 14.17 -17.59 -15.27
C ILE B 372 13.93 -16.71 -16.50
N ARG B 373 12.77 -16.07 -16.54
CA ARG B 373 12.49 -14.98 -17.47
C ARG B 373 12.34 -13.68 -16.68
N VAL B 374 12.93 -12.62 -17.20
CA VAL B 374 12.89 -11.31 -16.58
C VAL B 374 11.95 -10.45 -17.39
N PRO B 375 10.94 -9.84 -16.70
CA PRO B 375 9.78 -9.27 -17.38
C PRO B 375 10.16 -8.06 -18.23
N GLY B 376 9.81 -8.11 -19.51
CA GLY B 376 10.02 -6.99 -20.40
C GLY B 376 11.46 -6.69 -20.75
N ARG B 377 12.37 -7.58 -20.40
CA ARG B 377 13.77 -7.47 -20.84
C ARG B 377 14.10 -8.64 -21.75
N LEU B 378 13.95 -8.44 -23.06
CA LEU B 378 14.07 -9.53 -24.00
C LEU B 378 13.24 -10.72 -23.55
N GLU B 379 12.02 -10.45 -23.10
CA GLU B 379 11.12 -11.50 -22.66
C GLU B 379 10.48 -12.15 -23.88
N GLN B 380 10.83 -13.41 -24.12
CA GLN B 380 10.28 -14.12 -25.26
C GLN B 380 8.93 -14.76 -24.88
N ILE B 381 8.02 -14.88 -25.84
CA ILE B 381 6.73 -15.50 -25.58
C ILE B 381 6.61 -16.66 -26.56
N ASP B 382 6.57 -17.90 -26.08
CA ASP B 382 6.36 -19.02 -27.00
C ASP B 382 5.06 -19.81 -26.79
N ARG B 383 3.93 -19.09 -26.86
CA ARG B 383 2.59 -19.68 -26.69
C ARG B 383 2.29 -20.58 -27.88
N GLY B 384 2.84 -20.22 -29.04
CA GLY B 384 2.68 -21.07 -30.22
C GLY B 384 3.93 -21.89 -30.45
N GLN B 385 4.44 -21.82 -31.67
CA GLN B 385 5.77 -22.29 -32.03
C GLN B 385 6.16 -21.35 -33.17
N GLY B 386 7.41 -21.39 -33.62
CA GLY B 386 7.71 -20.92 -34.97
C GLY B 386 8.94 -20.06 -35.09
N PHE B 387 8.94 -18.97 -34.34
CA PHE B 387 9.90 -17.88 -34.52
C PHE B 387 9.97 -17.12 -33.20
N LEU B 388 10.98 -16.28 -33.06
CA LEU B 388 11.25 -15.59 -31.81
C LEU B 388 10.35 -14.37 -31.65
N ALA B 389 9.69 -14.28 -30.50
CA ALA B 389 8.76 -13.19 -30.22
C ALA B 389 9.10 -12.61 -28.86
N LEU B 390 9.50 -11.34 -28.85
CA LEU B 390 10.06 -10.71 -27.67
C LEU B 390 9.40 -9.38 -27.31
N VAL B 391 9.26 -9.14 -26.00
CA VAL B 391 8.89 -7.84 -25.45
C VAL B 391 10.11 -7.23 -24.77
N ASP B 392 10.39 -5.96 -25.06
CA ASP B 392 11.48 -5.26 -24.37
C ASP B 392 11.13 -3.85 -23.91
N TYR B 393 11.71 -3.47 -22.77
CA TYR B 393 11.46 -2.19 -22.13
C TYR B 393 12.03 -1.00 -22.91
N ALA B 394 13.02 -1.27 -23.76
CA ALA B 394 13.81 -0.24 -24.46
C ALA B 394 13.03 0.88 -25.11
N HIS B 395 12.99 2.01 -24.42
CA HIS B 395 12.67 3.32 -24.98
C HIS B 395 14.03 4.04 -24.99
N LYS B 396 14.14 5.23 -25.57
CA LYS B 396 15.46 5.90 -25.70
C LYS B 396 16.35 5.32 -26.82
N PRO B 397 17.05 6.21 -27.57
CA PRO B 397 17.92 5.88 -28.70
C PRO B 397 19.00 4.82 -28.45
N GLU B 398 19.78 4.99 -27.39
CA GLU B 398 20.87 4.08 -27.05
C GLU B 398 20.40 2.64 -26.78
N ALA B 399 19.42 2.48 -25.89
CA ALA B 399 18.86 1.15 -25.59
C ALA B 399 18.34 0.43 -26.84
N LEU B 400 17.63 1.17 -27.70
CA LEU B 400 17.10 0.60 -28.91
C LEU B 400 18.21 0.11 -29.83
N ARG B 401 19.29 0.89 -29.92
CA ARG B 401 20.38 0.53 -30.83
C ARG B 401 21.01 -0.81 -30.48
N SER B 402 21.24 -1.03 -29.18
CA SER B 402 21.91 -2.25 -28.77
C SER B 402 20.97 -3.46 -28.84
N VAL B 403 19.72 -3.25 -28.45
CA VAL B 403 18.72 -4.33 -28.49
C VAL B 403 18.61 -4.91 -29.91
N LEU B 404 18.38 -4.02 -30.87
CA LEU B 404 18.31 -4.38 -32.29
C LEU B 404 19.59 -5.08 -32.78
N THR B 405 20.73 -4.42 -32.61
CA THR B 405 22.00 -4.99 -33.06
C THR B 405 22.22 -6.43 -32.60
N THR B 406 22.03 -6.69 -31.30
CA THR B 406 22.21 -8.06 -30.76
C THR B 406 21.06 -8.99 -31.12
N LEU B 407 20.14 -8.52 -31.97
CA LEU B 407 19.07 -9.37 -32.47
C LEU B 407 19.14 -9.69 -33.98
N ALA B 408 19.92 -8.91 -34.73
CA ALA B 408 20.01 -9.12 -36.18
C ALA B 408 21.03 -10.20 -36.57
N HIS B 409 20.70 -10.94 -37.64
CA HIS B 409 21.57 -12.00 -38.17
C HIS B 409 21.69 -12.00 -39.70
N PRO B 410 22.80 -12.56 -40.23
CA PRO B 410 22.92 -13.06 -41.63
C PRO B 410 21.75 -13.99 -42.04
N ASP B 411 20.71 -13.37 -42.59
CA ASP B 411 19.39 -13.98 -42.73
C ASP B 411 18.63 -14.08 -41.40
N ARG B 412 17.34 -13.77 -41.47
CA ARG B 412 16.34 -14.21 -40.52
C ARG B 412 15.20 -13.22 -40.37
N ARG B 413 15.46 -11.97 -40.70
CA ARG B 413 14.46 -10.88 -40.65
C ARG B 413 14.07 -10.47 -39.23
N LEU B 414 14.14 -9.17 -39.00
CA LEU B 414 13.87 -8.58 -37.70
C LEU B 414 12.78 -7.50 -37.84
N ALA B 415 11.69 -7.67 -37.09
CA ALA B 415 10.60 -6.69 -37.08
C ALA B 415 10.48 -6.06 -35.70
N VAL B 416 10.14 -4.77 -35.67
CA VAL B 416 10.08 -4.02 -34.41
C VAL B 416 8.88 -3.08 -34.37
N VAL B 417 8.04 -3.26 -33.35
CA VAL B 417 6.97 -2.31 -33.14
C VAL B 417 7.22 -1.46 -31.91
N PHE B 418 7.10 -0.14 -32.09
CA PHE B 418 7.33 0.83 -30.99
C PHE B 418 6.68 2.18 -31.24
N GLY B 419 6.81 3.07 -30.26
CA GLY B 419 6.36 4.47 -30.37
C GLY B 419 6.95 5.26 -29.24
N ALA B 420 6.54 6.52 -29.07
CA ALA B 420 6.99 7.34 -27.92
C ALA B 420 5.83 7.87 -27.06
N GLY B 421 6.16 8.44 -25.91
CA GLY B 421 5.15 8.91 -24.97
C GLY B 421 4.83 10.38 -25.16
N GLY B 422 3.54 10.71 -25.05
CA GLY B 422 3.07 12.08 -25.25
C GLY B 422 3.29 12.88 -23.99
N ASP B 423 3.67 14.14 -24.16
CA ASP B 423 4.04 15.06 -23.08
C ASP B 423 5.43 14.74 -22.47
N ARG B 424 6.30 14.18 -23.31
CA ARG B 424 7.67 13.81 -22.95
C ARG B 424 8.61 14.43 -23.98
N ASP B 425 9.85 14.67 -23.58
CA ASP B 425 10.82 15.33 -24.46
C ASP B 425 10.83 14.68 -25.86
N PRO B 426 10.43 15.46 -26.90
CA PRO B 426 10.31 14.93 -28.24
C PRO B 426 11.66 14.60 -28.89
N GLY B 427 12.73 15.28 -28.46
CA GLY B 427 14.07 15.08 -28.99
C GLY B 427 14.47 13.63 -29.21
N LYS B 428 13.85 12.74 -28.44
CA LYS B 428 14.11 11.31 -28.47
C LYS B 428 13.50 10.63 -29.70
N ARG B 429 12.40 11.20 -30.19
CA ARG B 429 11.62 10.58 -31.26
C ARG B 429 12.39 10.46 -32.56
N ALA B 430 12.92 11.58 -33.02
CA ALA B 430 13.58 11.66 -34.33
C ALA B 430 14.59 10.53 -34.61
N PRO B 431 15.69 10.44 -33.82
CA PRO B 431 16.72 9.47 -34.18
C PRO B 431 16.30 8.03 -33.88
N MET B 432 15.34 7.87 -32.98
CA MET B 432 14.86 6.55 -32.62
C MET B 432 14.34 5.75 -33.81
N GLY B 433 13.60 6.41 -34.69
CA GLY B 433 13.15 5.80 -35.93
C GLY B 433 14.28 5.57 -36.90
N ARG B 434 15.26 6.48 -36.91
CA ARG B 434 16.46 6.34 -37.73
C ARG B 434 17.21 5.04 -37.35
N ILE B 435 17.42 4.83 -36.05
CA ILE B 435 18.03 3.60 -35.53
C ILE B 435 17.25 2.37 -36.01
N ALA B 436 15.93 2.42 -35.89
CA ALA B 436 15.05 1.34 -36.33
C ALA B 436 15.17 1.08 -37.83
N ALA B 437 15.36 2.15 -38.61
CA ALA B 437 15.42 2.07 -40.07
C ALA B 437 16.65 1.32 -40.58
N GLN B 438 17.80 1.65 -40.00
CA GLN B 438 19.09 1.01 -40.27
C GLN B 438 19.10 -0.48 -39.96
N LEU B 439 18.53 -0.84 -38.81
CA LEU B 439 18.75 -2.17 -38.21
C LEU B 439 17.61 -3.18 -38.38
N ALA B 440 16.36 -2.71 -38.31
CA ALA B 440 15.21 -3.59 -38.55
C ALA B 440 14.99 -3.84 -40.04
N ASP B 441 14.11 -4.78 -40.34
CA ASP B 441 13.68 -5.07 -41.71
C ASP B 441 12.24 -4.61 -41.87
N LEU B 442 11.48 -4.76 -40.79
CA LEU B 442 10.11 -4.25 -40.68
C LEU B 442 10.05 -3.35 -39.46
N VAL B 443 9.71 -2.08 -39.66
CA VAL B 443 9.45 -1.20 -38.53
C VAL B 443 8.02 -0.70 -38.51
N VAL B 444 7.33 -0.92 -37.36
CA VAL B 444 5.92 -0.54 -37.20
C VAL B 444 5.81 0.53 -36.13
N VAL B 445 5.35 1.71 -36.50
CA VAL B 445 5.19 2.78 -35.50
C VAL B 445 3.76 2.81 -34.97
N THR B 446 3.61 2.81 -33.64
CA THR B 446 2.28 2.86 -32.98
C THR B 446 2.23 3.85 -31.85
N ASP B 447 1.25 3.66 -30.97
CA ASP B 447 1.07 4.54 -29.82
C ASP B 447 1.54 3.90 -28.50
N ASP B 448 2.54 4.52 -27.87
CA ASP B 448 2.86 4.33 -26.45
C ASP B 448 2.33 5.57 -25.75
N ASN B 449 1.75 5.43 -24.56
CA ASN B 449 1.09 6.54 -23.82
C ASN B 449 1.12 7.95 -24.42
N PRO B 450 0.16 8.28 -25.31
CA PRO B 450 0.08 9.61 -25.91
C PRO B 450 -0.31 10.74 -24.95
N ARG B 451 -0.98 10.41 -23.84
CA ARG B 451 -1.56 11.40 -22.91
C ARG B 451 -2.35 12.49 -23.65
N ASP B 452 -2.06 13.73 -23.30
CA ASP B 452 -2.63 14.94 -23.89
C ASP B 452 -2.22 15.20 -25.33
N GLU B 453 -1.03 14.73 -25.70
CA GLU B 453 -0.44 14.95 -27.02
C GLU B 453 -1.13 14.14 -28.11
N ASP B 454 -1.24 14.75 -29.28
CA ASP B 454 -1.90 14.15 -30.42
C ASP B 454 -1.07 12.99 -31.01
N PRO B 455 -1.67 11.78 -31.10
CA PRO B 455 -0.90 10.58 -31.47
C PRO B 455 -0.14 10.68 -32.81
N THR B 456 -0.78 11.27 -33.83
CA THR B 456 -0.20 11.29 -35.17
C THR B 456 1.06 12.16 -35.22
N ALA B 457 1.04 13.27 -34.47
CA ALA B 457 2.19 14.16 -34.39
C ALA B 457 3.44 13.45 -33.86
N ILE B 458 3.25 12.56 -32.89
CA ILE B 458 4.33 11.75 -32.33
C ILE B 458 4.86 10.74 -33.36
N ARG B 459 3.96 10.02 -34.01
CA ARG B 459 4.37 9.00 -34.98
C ARG B 459 5.09 9.65 -36.17
N ARG B 460 4.61 10.82 -36.56
CA ARG B 460 5.20 11.57 -37.66
C ARG B 460 6.68 11.80 -37.44
N GLU B 461 7.04 12.24 -36.24
CA GLU B 461 8.41 12.63 -35.97
C GLU B 461 9.37 11.44 -35.99
N ILE B 462 8.89 10.29 -35.57
CA ILE B 462 9.67 9.05 -35.64
C ILE B 462 9.90 8.67 -37.10
N LEU B 463 8.83 8.77 -37.90
CA LEU B 463 8.86 8.38 -39.31
C LEU B 463 9.83 9.26 -40.07
N ALA B 464 9.86 10.53 -39.67
CA ALA B 464 10.82 11.51 -40.18
C ALA B 464 12.24 11.01 -40.03
N GLY B 465 12.54 10.42 -38.88
CA GLY B 465 13.84 9.83 -38.65
C GLY B 465 14.17 8.67 -39.58
N ALA B 466 13.20 7.79 -39.80
CA ALA B 466 13.43 6.52 -40.52
C ALA B 466 13.61 6.66 -42.05
N ALA B 467 13.33 7.86 -42.54
CA ALA B 467 13.33 8.14 -43.97
C ALA B 467 14.74 8.16 -44.59
N GLU B 468 15.73 7.57 -43.91
CA GLU B 468 17.12 7.50 -44.43
C GLU B 468 17.44 6.10 -44.96
N VAL B 469 16.44 5.21 -44.86
CA VAL B 469 16.57 3.77 -45.12
C VAL B 469 16.61 3.39 -46.62
N GLY B 470 17.69 3.75 -47.29
CA GLY B 470 17.75 3.71 -48.78
C GLY B 470 17.95 2.38 -49.48
N GLY B 471 17.73 1.29 -48.74
CA GLY B 471 17.85 -0.07 -49.28
C GLY B 471 17.29 -1.13 -48.35
N ASP B 472 17.58 -1.03 -47.06
CA ASP B 472 17.32 -2.17 -46.20
C ASP B 472 15.83 -2.32 -45.87
N ALA B 473 15.35 -1.51 -44.92
CA ALA B 473 14.08 -1.74 -44.19
C ALA B 473 12.77 -1.43 -44.93
N GLN B 474 11.68 -1.61 -44.19
CA GLN B 474 10.32 -1.46 -44.69
C GLN B 474 9.44 -0.97 -43.55
N VAL B 475 9.13 0.33 -43.54
CA VAL B 475 8.48 1.01 -42.42
C VAL B 475 7.00 1.28 -42.61
N VAL B 476 6.21 1.03 -41.56
CA VAL B 476 4.76 1.23 -41.57
C VAL B 476 4.24 1.97 -40.34
N GLU B 477 3.05 2.56 -40.44
CA GLU B 477 2.44 3.23 -39.31
C GLU B 477 1.07 2.62 -39.05
N ILE B 478 0.92 1.98 -37.89
CA ILE B 478 -0.37 1.47 -37.44
C ILE B 478 -0.63 2.04 -36.06
N ALA B 479 -1.58 2.98 -35.96
CA ALA B 479 -1.82 3.73 -34.73
C ALA B 479 -2.20 2.83 -33.55
N ASP B 480 -3.18 1.97 -33.77
CA ASP B 480 -3.67 1.07 -32.73
C ASP B 480 -2.60 0.07 -32.36
N ARG B 481 -2.18 0.12 -31.10
CA ARG B 481 -1.10 -0.71 -30.58
C ARG B 481 -1.36 -2.21 -30.79
N ARG B 482 -2.62 -2.63 -30.54
CA ARG B 482 -3.05 -4.02 -30.67
C ARG B 482 -2.90 -4.55 -32.12
N ASP B 483 -3.40 -3.79 -33.09
CA ASP B 483 -3.30 -4.15 -34.49
C ASP B 483 -1.85 -4.14 -34.98
N ALA B 484 -1.04 -3.25 -34.39
CA ALA B 484 0.40 -3.17 -34.69
C ALA B 484 1.11 -4.48 -34.37
N ILE B 485 0.84 -4.99 -33.17
CA ILE B 485 1.41 -6.25 -32.72
C ILE B 485 0.90 -7.34 -33.66
N ARG B 486 -0.41 -7.33 -33.89
CA ARG B 486 -1.02 -8.31 -34.75
C ARG B 486 -0.37 -8.30 -36.14
N HIS B 487 -0.08 -7.10 -36.67
CA HIS B 487 0.56 -6.97 -37.99
C HIS B 487 1.92 -7.64 -38.08
N ALA B 488 2.78 -7.36 -37.12
CA ALA B 488 4.14 -7.87 -37.14
C ALA B 488 4.17 -9.38 -36.99
N VAL B 489 3.28 -9.91 -36.14
CA VAL B 489 3.21 -11.36 -35.89
C VAL B 489 2.90 -12.13 -37.17
N ALA B 490 1.82 -11.73 -37.84
CA ALA B 490 1.35 -12.35 -39.09
C ALA B 490 2.35 -12.18 -40.23
N TRP B 491 3.30 -11.27 -40.06
CA TRP B 491 4.36 -10.99 -41.02
C TRP B 491 5.57 -11.96 -40.90
N ALA B 492 5.74 -12.55 -39.71
CA ALA B 492 6.92 -13.39 -39.41
C ALA B 492 7.06 -14.64 -40.30
N ARG B 493 8.19 -15.31 -40.22
CA ARG B 493 8.41 -16.60 -40.90
C ARG B 493 9.29 -17.48 -40.02
N PRO B 494 9.00 -18.80 -39.98
CA PRO B 494 9.78 -19.62 -39.03
C PRO B 494 11.28 -19.28 -39.07
N GLY B 495 11.80 -18.82 -37.93
CA GLY B 495 13.16 -18.33 -37.83
C GLY B 495 13.27 -16.82 -37.69
N ASP B 496 12.21 -16.10 -38.07
CA ASP B 496 12.16 -14.63 -37.92
C ASP B 496 12.07 -14.19 -36.46
N VAL B 497 12.27 -12.90 -36.23
CA VAL B 497 12.23 -12.37 -34.87
C VAL B 497 11.41 -11.06 -34.78
N VAL B 498 10.37 -11.10 -33.95
CA VAL B 498 9.56 -9.91 -33.68
C VAL B 498 9.81 -9.33 -32.30
N LEU B 499 9.86 -7.99 -32.25
CA LEU B 499 10.19 -7.25 -31.03
C LEU B 499 9.19 -6.13 -30.77
N ILE B 500 8.51 -6.20 -29.62
CA ILE B 500 7.59 -5.13 -29.17
C ILE B 500 8.31 -4.32 -28.09
N ALA B 501 8.71 -3.11 -28.46
CA ALA B 501 9.57 -2.34 -27.58
C ALA B 501 8.93 -1.07 -27.00
N GLY B 502 9.43 -0.63 -25.85
CA GLY B 502 9.05 0.66 -25.29
C GLY B 502 8.10 0.64 -24.12
N LYS B 503 7.60 -0.54 -23.76
CA LYS B 503 6.77 -0.71 -22.56
C LYS B 503 7.36 -1.70 -21.56
N GLY B 504 7.97 -2.77 -22.06
CA GLY B 504 8.41 -3.88 -21.21
C GLY B 504 7.31 -4.43 -20.30
N HIS B 505 7.51 -4.31 -19.00
CA HIS B 505 6.57 -4.78 -18.01
C HIS B 505 5.43 -3.77 -17.78
N GLU B 506 5.63 -2.52 -18.19
CA GLU B 506 4.76 -1.43 -17.76
C GLU B 506 3.49 -1.42 -18.60
N THR B 507 2.33 -1.35 -17.95
CA THR B 507 1.03 -1.59 -18.61
C THR B 507 0.24 -0.32 -18.95
N GLY B 508 -1.00 -0.53 -19.38
CA GLY B 508 -1.92 0.54 -19.72
C GLY B 508 -1.60 1.28 -21.01
N GLN B 509 -2.58 2.03 -21.50
CA GLN B 509 -2.39 3.05 -22.54
C GLN B 509 -3.07 4.33 -22.13
N ARG B 510 -2.31 5.41 -21.97
CA ARG B 510 -2.88 6.66 -21.47
C ARG B 510 -3.26 7.52 -22.66
N GLY B 511 -4.58 7.66 -22.84
CA GLY B 511 -5.18 8.46 -23.92
C GLY B 511 -6.17 9.44 -23.34
N GLY B 512 -5.80 10.72 -23.33
CA GLY B 512 -6.59 11.76 -22.66
C GLY B 512 -6.77 11.49 -21.17
N GLY B 513 -8.04 11.38 -20.77
CA GLY B 513 -8.41 11.08 -19.39
C GLY B 513 -8.79 9.62 -19.21
N ARG B 514 -8.25 8.77 -20.08
CA ARG B 514 -8.48 7.35 -19.99
C ARG B 514 -7.14 6.64 -19.94
N VAL B 515 -7.02 5.67 -19.04
CA VAL B 515 -5.92 4.72 -19.11
C VAL B 515 -6.54 3.38 -19.38
N ARG B 516 -6.25 2.84 -20.57
CA ARG B 516 -6.88 1.61 -21.06
C ARG B 516 -6.05 0.36 -20.69
N PRO B 517 -6.71 -0.75 -20.38
CA PRO B 517 -5.88 -1.91 -20.11
C PRO B 517 -5.04 -2.27 -21.32
N PHE B 518 -3.75 -2.48 -21.12
CA PHE B 518 -2.87 -2.97 -22.16
C PHE B 518 -1.62 -3.56 -21.51
N ASP B 519 -1.27 -4.76 -21.92
CA ASP B 519 -0.07 -5.42 -21.44
C ASP B 519 0.55 -6.07 -22.66
N ASP B 520 1.67 -5.49 -23.10
CA ASP B 520 2.42 -5.89 -24.28
C ASP B 520 2.65 -7.38 -24.35
N ARG B 521 2.74 -8.01 -23.18
CA ARG B 521 3.02 -9.43 -23.07
C ARG B 521 1.75 -10.27 -23.32
N VAL B 522 0.61 -9.77 -22.88
CA VAL B 522 -0.64 -10.49 -23.00
C VAL B 522 -1.16 -10.47 -24.46
N GLU B 523 -1.29 -9.28 -25.05
CA GLU B 523 -1.48 -9.19 -26.51
C GLU B 523 -0.10 -9.61 -26.98
N LEU B 524 -0.02 -10.32 -28.10
CA LEU B 524 1.26 -10.96 -28.51
C LEU B 524 1.22 -12.42 -28.14
N ALA B 525 1.07 -12.72 -26.86
CA ALA B 525 0.69 -14.06 -26.45
C ALA B 525 -0.67 -14.40 -27.08
N ALA B 526 -1.62 -13.48 -26.97
CA ALA B 526 -2.91 -13.62 -27.64
C ALA B 526 -2.75 -13.72 -29.15
N ALA B 527 -1.94 -12.82 -29.72
CA ALA B 527 -1.73 -12.80 -31.18
C ALA B 527 -1.17 -14.14 -31.67
N LEU B 528 -0.22 -14.72 -30.94
CA LEU B 528 0.28 -16.03 -31.32
C LEU B 528 -0.77 -17.12 -31.20
N GLU B 529 -1.62 -17.04 -30.18
CA GLU B 529 -2.70 -18.01 -30.02
C GLU B 529 -3.71 -17.95 -31.16
N ALA B 530 -3.89 -16.75 -31.75
CA ALA B 530 -4.79 -16.57 -32.89
C ALA B 530 -4.29 -17.28 -34.14
N LEU B 531 -2.97 -17.30 -34.30
CA LEU B 531 -2.27 -17.81 -35.48
C LEU B 531 -2.67 -19.25 -35.89
N GLU B 532 -3.57 -19.31 -36.87
CA GLU B 532 -4.30 -20.53 -37.29
C GLU B 532 -4.99 -21.23 -36.11
N ARG B 533 -4.72 -20.77 -34.89
CA ARG B 533 -5.27 -21.33 -33.64
C ARG B 533 -5.75 -22.78 -33.75
N THR C 24 -63.90 -28.04 17.70
CA THR C 24 -63.49 -26.75 17.06
C THR C 24 -62.14 -26.89 16.31
N GLY C 25 -61.04 -26.79 17.07
CA GLY C 25 -59.71 -26.52 16.52
C GLY C 25 -59.74 -25.15 15.88
N LEU C 26 -58.60 -24.64 15.41
CA LEU C 26 -58.63 -23.49 14.50
C LEU C 26 -58.03 -23.83 13.14
N ARG C 27 -58.89 -24.40 12.30
CA ARG C 27 -58.57 -24.80 10.97
C ARG C 27 -59.74 -24.31 10.15
N PRO C 28 -59.49 -23.81 8.93
CA PRO C 28 -60.65 -23.42 8.11
C PRO C 28 -61.29 -24.67 7.53
N ASN C 29 -62.57 -24.62 7.22
CA ASN C 29 -63.21 -25.79 6.66
C ASN C 29 -63.72 -25.54 5.23
N ALA C 30 -63.24 -24.50 4.57
CA ALA C 30 -63.68 -24.23 3.22
C ALA C 30 -62.54 -23.73 2.38
N VAL C 31 -61.46 -24.49 2.36
CA VAL C 31 -60.32 -24.15 1.51
C VAL C 31 -60.43 -24.86 0.16
N VAL C 32 -60.51 -24.09 -0.93
CA VAL C 32 -60.32 -24.62 -2.29
C VAL C 32 -58.84 -24.93 -2.48
N GLY C 33 -58.53 -26.02 -3.16
CA GLY C 33 -57.12 -26.42 -3.26
C GLY C 33 -56.19 -25.59 -4.16
N VAL C 34 -55.04 -26.16 -4.48
CA VAL C 34 -54.09 -25.61 -5.40
C VAL C 34 -53.48 -26.86 -5.99
N ARG C 35 -53.38 -26.96 -7.32
CA ARG C 35 -52.75 -28.16 -7.86
C ARG C 35 -51.31 -28.29 -7.31
N LEU C 36 -50.89 -29.52 -7.07
CA LEU C 36 -49.60 -29.81 -6.53
C LEU C 36 -48.55 -29.35 -7.49
N ALA C 37 -48.80 -29.49 -8.78
CA ALA C 37 -47.83 -29.05 -9.78
C ALA C 37 -47.57 -27.54 -9.70
N ALA C 38 -48.62 -26.77 -9.39
CA ALA C 38 -48.50 -25.33 -9.19
C ALA C 38 -47.53 -25.02 -8.05
N LEU C 39 -47.76 -25.64 -6.91
CA LEU C 39 -46.87 -25.49 -5.79
C LEU C 39 -45.47 -25.86 -6.21
N ALA C 40 -45.26 -27.08 -6.73
CA ALA C 40 -43.92 -27.50 -7.16
C ALA C 40 -43.23 -26.44 -8.01
N ASP C 41 -43.96 -25.88 -8.97
CA ASP C 41 -43.45 -24.77 -9.80
C ASP C 41 -43.05 -23.51 -9.04
N GLN C 42 -43.91 -23.09 -8.10
CA GLN C 42 -43.74 -21.88 -7.30
C GLN C 42 -42.42 -21.83 -6.57
N VAL C 43 -42.03 -22.97 -6.01
CA VAL C 43 -40.80 -23.07 -5.21
C VAL C 43 -39.64 -23.75 -5.94
N GLY C 44 -39.86 -24.09 -7.21
CA GLY C 44 -38.89 -24.75 -8.06
C GLY C 44 -38.37 -26.05 -7.54
N ALA C 45 -39.24 -26.84 -6.92
CA ALA C 45 -38.85 -28.10 -6.28
C ALA C 45 -38.54 -29.20 -7.29
N ALA C 46 -37.65 -30.10 -6.91
CA ALA C 46 -37.37 -31.31 -7.66
C ALA C 46 -38.25 -32.45 -7.16
N LEU C 47 -38.59 -33.38 -8.06
CA LEU C 47 -39.26 -34.61 -7.65
C LEU C 47 -38.24 -35.70 -7.36
N ALA C 48 -38.42 -36.34 -6.21
CA ALA C 48 -37.60 -37.48 -5.81
C ALA C 48 -37.62 -38.63 -6.83
N GLU C 49 -38.74 -38.79 -7.54
CA GLU C 49 -38.84 -39.80 -8.60
C GLU C 49 -38.57 -39.28 -10.01
N GLY C 50 -38.50 -37.95 -10.14
CA GLY C 50 -38.09 -37.28 -11.40
C GLY C 50 -39.10 -37.13 -12.53
N VAL C 56 -48.87 -37.16 -12.42
CA VAL C 56 -49.70 -37.28 -11.21
C VAL C 56 -49.70 -36.01 -10.34
N THR C 57 -48.63 -35.23 -10.43
CA THR C 57 -48.51 -33.94 -9.75
C THR C 57 -49.52 -32.95 -10.35
N GLU C 58 -49.71 -33.08 -11.65
CA GLU C 58 -50.68 -32.26 -12.40
C GLU C 58 -52.12 -32.66 -12.01
N ASP C 59 -52.26 -33.85 -11.41
CA ASP C 59 -53.55 -34.36 -10.98
C ASP C 59 -53.96 -33.99 -9.53
N ARG C 60 -53.02 -34.09 -8.58
CA ARG C 60 -53.31 -33.93 -7.16
C ARG C 60 -53.63 -32.49 -6.73
N THR C 61 -54.51 -32.34 -5.76
CA THR C 61 -54.88 -31.04 -5.18
C THR C 61 -54.47 -31.00 -3.71
N VAL C 62 -53.83 -29.91 -3.32
CA VAL C 62 -53.36 -29.68 -1.95
C VAL C 62 -54.32 -28.74 -1.20
N THR C 63 -54.93 -29.22 -0.12
CA THR C 63 -55.93 -28.40 0.60
C THR C 63 -55.53 -27.97 2.02
N GLY C 64 -54.31 -28.27 2.42
CA GLY C 64 -53.80 -27.87 3.71
C GLY C 64 -52.30 -28.12 3.73
N VAL C 65 -51.59 -27.47 4.67
CA VAL C 65 -50.17 -27.71 4.88
C VAL C 65 -49.93 -27.92 6.37
N THR C 66 -49.11 -28.91 6.72
CA THR C 66 -48.68 -29.15 8.11
C THR C 66 -47.26 -29.71 8.12
N LEU C 67 -46.52 -29.38 9.19
CA LEU C 67 -45.13 -29.79 9.38
C LEU C 67 -45.08 -30.75 10.57
N ARG C 68 -46.22 -31.33 10.91
CA ARG C 68 -46.27 -32.36 11.92
C ARG C 68 -47.11 -33.50 11.45
N ALA C 69 -46.47 -34.68 11.32
CA ALA C 69 -47.10 -35.86 10.72
C ALA C 69 -48.42 -36.21 11.35
N GLN C 70 -48.50 -36.09 12.65
CA GLN C 70 -49.68 -36.53 13.40
C GLN C 70 -50.84 -35.54 13.25
N ASP C 71 -50.57 -34.37 12.66
CA ASP C 71 -51.63 -33.40 12.38
C ASP C 71 -52.20 -33.44 10.97
N VAL C 72 -51.71 -34.33 10.09
CA VAL C 72 -52.15 -34.26 8.71
C VAL C 72 -53.59 -34.67 8.54
N SER C 73 -54.30 -33.88 7.75
CA SER C 73 -55.64 -34.17 7.31
C SER C 73 -55.58 -34.57 5.81
N PRO C 74 -56.52 -35.40 5.32
CA PRO C 74 -56.39 -35.82 3.92
C PRO C 74 -56.36 -34.63 2.97
N GLY C 75 -55.33 -34.59 2.12
CA GLY C 75 -55.20 -33.56 1.10
C GLY C 75 -54.09 -32.57 1.39
N ASP C 76 -53.46 -32.73 2.56
CA ASP C 76 -52.36 -31.87 3.03
C ASP C 76 -51.05 -32.16 2.36
N LEU C 77 -50.24 -31.12 2.27
CA LEU C 77 -48.82 -31.27 2.01
C LEU C 77 -48.12 -31.46 3.37
N PHE C 78 -47.36 -32.55 3.50
CA PHE C 78 -46.54 -32.75 4.68
C PHE C 78 -45.16 -32.19 4.40
N ALA C 79 -44.81 -31.16 5.16
CA ALA C 79 -43.46 -30.63 5.17
C ALA C 79 -42.63 -31.45 6.19
N ALA C 80 -41.80 -32.36 5.66
CA ALA C 80 -40.84 -33.12 6.44
C ALA C 80 -39.55 -32.30 6.62
N LEU C 81 -39.39 -31.66 7.77
CA LEU C 81 -38.25 -30.75 7.97
C LEU C 81 -37.12 -31.32 8.80
N THR C 82 -35.92 -30.79 8.62
CA THR C 82 -34.83 -31.17 9.52
C THR C 82 -34.89 -30.24 10.72
N GLY C 83 -34.57 -30.75 11.90
CA GLY C 83 -34.66 -29.97 13.11
C GLY C 83 -33.53 -30.29 14.06
N SER C 84 -33.49 -29.60 15.20
CA SER C 84 -32.45 -29.82 16.18
C SER C 84 -32.51 -31.19 16.76
N THR C 85 -33.69 -31.80 16.83
CA THR C 85 -33.78 -33.05 17.57
C THR C 85 -34.10 -34.30 16.72
N THR C 86 -34.64 -34.11 15.52
CA THR C 86 -34.90 -35.22 14.59
C THR C 86 -35.20 -34.71 13.18
N HIS C 87 -35.61 -35.60 12.29
CA HIS C 87 -36.02 -35.20 10.95
C HIS C 87 -37.43 -35.67 10.63
N GLY C 88 -38.29 -34.73 10.26
CA GLY C 88 -39.67 -35.03 9.93
C GLY C 88 -39.86 -36.10 8.86
N ALA C 89 -38.87 -36.28 7.99
CA ALA C 89 -38.99 -37.31 6.96
C ALA C 89 -39.12 -38.73 7.56
N ARG C 90 -38.67 -38.92 8.79
CA ARG C 90 -38.83 -40.18 9.49
C ARG C 90 -40.28 -40.46 9.85
N HIS C 91 -41.17 -39.48 9.70
CA HIS C 91 -42.58 -39.65 10.02
C HIS C 91 -43.48 -39.64 8.80
N VAL C 92 -42.87 -39.80 7.63
CA VAL C 92 -43.58 -39.76 6.35
C VAL C 92 -44.64 -40.86 6.23
N GLY C 93 -44.30 -42.08 6.63
CA GLY C 93 -45.27 -43.16 6.68
C GLY C 93 -46.54 -42.74 7.39
N ASP C 94 -46.38 -42.13 8.56
CA ASP C 94 -47.52 -41.72 9.38
C ASP C 94 -48.35 -40.67 8.69
N ALA C 95 -47.69 -39.66 8.14
CA ALA C 95 -48.35 -38.67 7.30
C ALA C 95 -49.12 -39.32 6.13
N ILE C 96 -48.49 -40.24 5.40
CA ILE C 96 -49.13 -40.81 4.24
C ILE C 96 -50.43 -41.52 4.63
N ALA C 97 -50.43 -42.14 5.81
CA ALA C 97 -51.55 -42.90 6.31
C ALA C 97 -52.68 -42.01 6.77
N ARG C 98 -52.37 -40.80 7.18
CA ARG C 98 -53.39 -39.87 7.62
C ARG C 98 -53.99 -39.10 6.43
N GLY C 99 -53.55 -39.42 5.21
CA GLY C 99 -54.15 -38.87 3.98
C GLY C 99 -53.34 -37.84 3.19
N ALA C 100 -52.12 -37.55 3.61
CA ALA C 100 -51.26 -36.55 2.94
C ALA C 100 -51.14 -36.86 1.45
N VAL C 101 -51.32 -35.84 0.61
CA VAL C 101 -51.28 -36.05 -0.84
C VAL C 101 -49.86 -36.00 -1.38
N ALA C 102 -48.94 -35.44 -0.60
CA ALA C 102 -47.57 -35.20 -1.06
C ALA C 102 -46.67 -34.73 0.06
N VAL C 103 -45.37 -34.79 -0.19
CA VAL C 103 -44.36 -34.45 0.81
C VAL C 103 -43.37 -33.39 0.27
N LEU C 104 -42.99 -32.45 1.13
CA LEU C 104 -41.98 -31.42 0.81
C LEU C 104 -40.83 -31.55 1.80
N THR C 105 -39.65 -31.87 1.33
CA THR C 105 -38.51 -32.09 2.21
C THR C 105 -37.23 -31.64 1.52
N ASP C 106 -36.09 -31.78 2.20
CA ASP C 106 -34.77 -31.46 1.65
C ASP C 106 -34.02 -32.72 1.21
N PRO C 107 -32.78 -32.55 0.66
CA PRO C 107 -31.97 -33.72 0.34
C PRO C 107 -31.82 -34.72 1.49
N ALA C 108 -31.73 -34.26 2.73
CA ALA C 108 -31.57 -35.16 3.87
C ALA C 108 -32.85 -35.94 4.06
N GLY C 109 -33.97 -35.30 3.80
CA GLY C 109 -35.25 -35.99 3.79
C GLY C 109 -35.34 -37.13 2.78
N VAL C 110 -34.87 -36.91 1.56
CA VAL C 110 -34.93 -37.99 0.58
C VAL C 110 -34.08 -39.18 1.01
N ALA C 111 -32.96 -38.89 1.68
CA ALA C 111 -32.11 -39.93 2.24
C ALA C 111 -32.90 -40.79 3.22
N GLU C 112 -33.64 -40.16 4.14
CA GLU C 112 -34.41 -40.89 5.15
C GLU C 112 -35.52 -41.67 4.53
N ILE C 113 -36.16 -41.12 3.52
CA ILE C 113 -37.27 -41.81 2.86
C ILE C 113 -36.78 -43.02 2.08
N ALA C 114 -35.49 -42.98 1.72
CA ALA C 114 -34.87 -43.91 0.75
C ALA C 114 -35.67 -43.87 -0.54
N GLY C 115 -36.07 -45.06 -1.03
CA GLY C 115 -36.88 -45.16 -2.22
C GLY C 115 -38.33 -44.80 -1.96
N ARG C 116 -39.22 -45.46 -2.68
CA ARG C 116 -40.65 -45.12 -2.72
C ARG C 116 -41.38 -44.77 -1.41
N ALA C 117 -41.86 -43.53 -1.36
CA ALA C 117 -43.01 -43.19 -0.57
C ALA C 117 -44.16 -43.33 -1.57
N ALA C 118 -45.37 -43.63 -1.09
CA ALA C 118 -46.52 -43.78 -1.99
C ALA C 118 -47.04 -42.46 -2.62
N VAL C 119 -46.50 -41.33 -2.21
CA VAL C 119 -46.94 -40.06 -2.76
C VAL C 119 -45.74 -39.29 -3.34
N PRO C 120 -46.02 -38.26 -4.18
CA PRO C 120 -44.96 -37.41 -4.71
C PRO C 120 -44.12 -36.75 -3.63
N VAL C 121 -42.81 -36.85 -3.75
CA VAL C 121 -41.90 -36.15 -2.84
C VAL C 121 -41.23 -34.94 -3.53
N LEU C 122 -41.50 -33.75 -3.01
CA LEU C 122 -40.89 -32.55 -3.51
C LEU C 122 -39.62 -32.22 -2.70
N VAL C 123 -38.51 -32.06 -3.41
CA VAL C 123 -37.23 -31.76 -2.79
C VAL C 123 -36.89 -30.29 -3.03
N HIS C 124 -36.50 -29.60 -1.97
CA HIS C 124 -36.08 -28.22 -2.06
C HIS C 124 -34.88 -28.08 -1.14
N PRO C 125 -33.82 -27.37 -1.57
CA PRO C 125 -32.84 -27.07 -0.52
C PRO C 125 -33.59 -26.10 0.35
N ALA C 126 -33.23 -25.86 1.60
CA ALA C 126 -33.98 -24.81 2.34
C ALA C 126 -35.56 -24.82 2.25
N PRO C 127 -36.23 -25.95 2.53
CA PRO C 127 -37.71 -25.95 2.55
C PRO C 127 -38.32 -24.92 3.51
N ARG C 128 -37.82 -24.87 4.73
CA ARG C 128 -38.29 -23.94 5.75
C ARG C 128 -38.30 -22.49 5.25
N GLY C 129 -37.34 -22.17 4.39
CA GLY C 129 -37.24 -20.80 3.85
C GLY C 129 -38.31 -20.42 2.84
N VAL C 130 -39.26 -21.32 2.63
CA VAL C 130 -40.17 -21.23 1.50
C VAL C 130 -41.52 -21.81 1.88
N LEU C 131 -41.56 -22.52 3.01
CA LEU C 131 -42.77 -23.06 3.58
C LEU C 131 -43.89 -22.01 3.80
N GLY C 132 -43.59 -20.89 4.44
CA GLY C 132 -44.56 -19.81 4.65
C GLY C 132 -45.34 -19.33 3.42
N GLY C 133 -44.65 -19.09 2.31
CA GLY C 133 -45.30 -18.76 1.05
C GLY C 133 -46.17 -19.90 0.53
N LEU C 134 -45.68 -21.14 0.63
CA LEU C 134 -46.47 -22.28 0.19
C LEU C 134 -47.80 -22.33 0.95
N ALA C 135 -47.72 -22.25 2.28
CA ALA C 135 -48.89 -22.26 3.14
C ALA C 135 -49.86 -21.08 2.88
N ALA C 136 -49.27 -19.91 2.70
CA ALA C 136 -50.03 -18.73 2.37
C ALA C 136 -50.73 -18.92 1.03
N THR C 137 -50.10 -19.65 0.11
CA THR C 137 -50.75 -19.92 -1.18
C THR C 137 -51.93 -20.88 -0.99
N VAL C 138 -51.73 -21.99 -0.29
CA VAL C 138 -52.84 -22.95 -0.20
C VAL C 138 -54.01 -22.46 0.64
N TYR C 139 -53.76 -21.56 1.59
CA TYR C 139 -54.86 -21.05 2.40
C TYR C 139 -55.48 -19.76 1.90
N GLY C 140 -55.27 -19.43 0.63
CA GLY C 140 -55.91 -18.29 -0.01
C GLY C 140 -55.44 -16.93 0.48
N HIS C 141 -54.21 -16.89 1.00
CA HIS C 141 -53.60 -15.65 1.48
C HIS C 141 -54.53 -14.92 2.43
N PRO C 142 -54.88 -15.59 3.55
CA PRO C 142 -55.81 -15.03 4.51
C PRO C 142 -55.37 -13.65 5.03
N SER C 143 -54.07 -13.37 5.08
CA SER C 143 -53.65 -12.14 5.71
C SER C 143 -53.82 -10.93 4.80
N GLU C 144 -54.28 -11.16 3.58
CA GLU C 144 -54.70 -10.09 2.71
C GLU C 144 -56.18 -9.76 2.86
N ARG C 145 -56.81 -10.42 3.81
CA ARG C 145 -58.21 -10.27 4.03
C ARG C 145 -58.44 -9.92 5.46
N LEU C 146 -57.35 -9.61 6.16
CA LEU C 146 -57.41 -9.26 7.58
C LEU C 146 -56.51 -8.09 7.82
N THR C 147 -56.62 -7.45 8.96
CA THR C 147 -55.61 -6.49 9.39
C THR C 147 -54.79 -7.21 10.44
N VAL C 148 -53.54 -7.53 10.11
CA VAL C 148 -52.69 -8.25 11.02
C VAL C 148 -51.73 -7.25 11.68
N ILE C 149 -51.71 -7.28 13.00
CA ILE C 149 -50.82 -6.41 13.77
C ILE C 149 -49.80 -7.30 14.43
N GLY C 150 -48.51 -7.04 14.14
CA GLY C 150 -47.39 -7.82 14.71
C GLY C 150 -46.59 -7.03 15.74
N ILE C 151 -46.41 -7.61 16.92
CA ILE C 151 -45.69 -6.90 17.99
C ILE C 151 -44.46 -7.69 18.39
N THR C 152 -43.31 -7.05 18.27
CA THR C 152 -42.05 -7.66 18.63
C THR C 152 -41.31 -6.84 19.72
N GLY C 153 -40.28 -7.45 20.30
CA GLY C 153 -39.51 -6.82 21.37
C GLY C 153 -39.20 -7.80 22.49
N THR C 154 -38.17 -7.50 23.28
CA THR C 154 -37.78 -8.37 24.37
C THR C 154 -38.91 -8.56 25.41
N SER C 155 -39.50 -7.45 25.87
CA SER C 155 -40.57 -7.46 26.86
C SER C 155 -41.79 -6.75 26.37
N GLY C 156 -42.93 -7.08 26.97
CA GLY C 156 -44.16 -6.32 26.77
C GLY C 156 -44.96 -6.68 25.54
N LYS C 157 -44.54 -7.70 24.78
CA LYS C 157 -45.31 -8.17 23.62
C LYS C 157 -46.70 -8.66 24.05
N THR C 158 -46.76 -9.53 25.04
CA THR C 158 -48.07 -10.03 25.52
C THR C 158 -49.00 -8.92 25.98
N THR C 159 -48.53 -8.11 26.93
CA THR C 159 -49.32 -7.00 27.47
C THR C 159 -49.81 -6.06 26.35
N THR C 160 -48.93 -5.75 25.41
CA THR C 160 -49.31 -4.83 24.35
C THR C 160 -50.39 -5.49 23.50
N THR C 161 -50.24 -6.78 23.17
CA THR C 161 -51.28 -7.46 22.37
C THR C 161 -52.58 -7.50 23.13
N TYR C 162 -52.50 -7.62 24.46
CA TYR C 162 -53.70 -7.62 25.27
C TYR C 162 -54.36 -6.27 25.29
N LEU C 163 -53.58 -5.21 25.30
CA LEU C 163 -54.16 -3.87 25.34
C LEU C 163 -54.82 -3.52 24.01
N VAL C 164 -54.16 -3.90 22.93
CA VAL C 164 -54.68 -3.65 21.60
C VAL C 164 -56.00 -4.39 21.44
N GLU C 165 -56.00 -5.66 21.86
CA GLU C 165 -57.19 -6.52 21.73
C GLU C 165 -58.35 -5.98 22.57
N ALA C 166 -58.01 -5.35 23.68
CA ALA C 166 -58.99 -4.76 24.56
C ALA C 166 -59.65 -3.53 23.92
N GLY C 167 -58.83 -2.70 23.31
CA GLY C 167 -59.28 -1.49 22.62
C GLY C 167 -60.17 -1.82 21.45
N LEU C 168 -59.70 -2.74 20.60
CA LEU C 168 -60.49 -3.30 19.49
C LEU C 168 -61.90 -3.83 19.88
N ARG C 169 -61.98 -4.62 20.96
CA ARG C 169 -63.28 -5.02 21.51
C ARG C 169 -64.11 -3.82 21.87
N ALA C 170 -63.51 -2.85 22.56
CA ALA C 170 -64.28 -1.70 23.07
C ALA C 170 -64.88 -0.90 21.93
N ALA C 171 -64.16 -0.83 20.83
CA ALA C 171 -64.66 -0.18 19.63
C ALA C 171 -65.62 -1.07 18.85
N GLY C 172 -65.78 -2.32 19.26
CA GLY C 172 -66.73 -3.21 18.62
C GLY C 172 -66.25 -3.81 17.31
N ARG C 173 -64.94 -3.84 17.08
CA ARG C 173 -64.35 -4.64 16.02
C ARG C 173 -64.31 -6.11 16.42
N VAL C 174 -64.39 -7.01 15.44
CA VAL C 174 -64.23 -8.42 15.70
C VAL C 174 -62.73 -8.77 15.63
N ALA C 175 -62.13 -9.10 16.77
CA ALA C 175 -60.68 -9.27 16.84
C ALA C 175 -60.25 -10.70 17.10
N GLY C 176 -58.98 -10.98 16.80
CA GLY C 176 -58.35 -12.22 17.18
C GLY C 176 -56.99 -11.92 17.75
N LEU C 177 -56.58 -12.69 18.76
CA LEU C 177 -55.27 -12.51 19.38
C LEU C 177 -54.50 -13.82 19.29
N ILE C 178 -53.21 -13.73 18.99
CA ILE C 178 -52.30 -14.90 18.93
C ILE C 178 -51.04 -14.57 19.72
N GLY C 179 -50.72 -15.38 20.74
CA GLY C 179 -49.54 -15.13 21.57
C GLY C 179 -49.26 -16.28 22.52
N THR C 180 -48.45 -16.01 23.54
CA THR C 180 -47.89 -17.04 24.42
C THR C 180 -48.93 -17.67 25.33
N ILE C 181 -49.96 -16.91 25.68
CA ILE C 181 -51.01 -17.40 26.58
C ILE C 181 -52.00 -18.26 25.82
N GLY C 182 -52.18 -17.95 24.53
CA GLY C 182 -53.00 -18.78 23.65
C GLY C 182 -53.57 -17.96 22.51
N ILE C 183 -54.60 -18.52 21.91
CA ILE C 183 -55.29 -17.93 20.76
C ILE C 183 -56.70 -17.53 21.22
N ARG C 184 -57.13 -16.36 20.77
CA ARG C 184 -58.44 -15.85 21.12
C ARG C 184 -59.16 -15.39 19.88
N VAL C 185 -60.34 -15.92 19.67
CA VAL C 185 -61.18 -15.51 18.57
C VAL C 185 -62.62 -15.57 19.03
N GLY C 186 -63.33 -14.44 18.89
CA GLY C 186 -64.70 -14.33 19.34
C GLY C 186 -64.87 -14.89 20.74
N GLY C 187 -65.87 -15.75 20.89
CA GLY C 187 -66.19 -16.35 22.20
C GLY C 187 -65.19 -17.41 22.63
N ALA C 188 -64.40 -17.91 21.68
CA ALA C 188 -63.48 -19.02 21.93
C ALA C 188 -62.10 -18.54 22.41
N ASP C 189 -61.50 -19.35 23.26
CA ASP C 189 -60.16 -19.13 23.73
C ASP C 189 -59.48 -20.49 23.83
N LEU C 190 -58.37 -20.67 23.10
CA LEU C 190 -57.68 -21.97 23.00
C LEU C 190 -56.16 -21.84 23.09
N PRO C 191 -55.47 -22.89 23.57
CA PRO C 191 -54.04 -22.74 23.90
C PRO C 191 -53.12 -22.93 22.69
N SER C 192 -51.84 -22.60 22.86
CA SER C 192 -50.84 -22.69 21.80
C SER C 192 -49.50 -23.23 22.34
N ALA C 193 -48.77 -23.92 21.45
CA ALA C 193 -47.42 -24.43 21.76
C ALA C 193 -46.36 -23.34 21.85
N LEU C 194 -46.49 -22.32 21.00
CA LEU C 194 -45.44 -21.34 20.82
C LEU C 194 -45.97 -19.91 20.88
N THR C 195 -45.09 -18.97 21.22
CA THR C 195 -45.43 -17.56 21.18
C THR C 195 -45.91 -17.16 19.80
N THR C 196 -45.19 -17.61 18.77
CA THR C 196 -45.64 -17.47 17.38
C THR C 196 -45.67 -18.87 16.74
N PRO C 197 -46.84 -19.26 16.19
CA PRO C 197 -46.93 -20.56 15.55
C PRO C 197 -46.08 -20.65 14.28
N GLU C 198 -45.79 -21.88 13.86
CA GLU C 198 -45.15 -22.15 12.58
C GLU C 198 -46.03 -21.67 11.43
N ALA C 199 -45.42 -21.40 10.29
CA ALA C 199 -46.13 -20.88 9.11
C ALA C 199 -47.45 -21.63 8.74
N PRO C 200 -47.39 -22.96 8.58
CA PRO C 200 -48.60 -23.68 8.22
C PRO C 200 -49.74 -23.51 9.23
N THR C 201 -49.45 -23.49 10.53
CA THR C 201 -50.47 -23.26 11.54
C THR C 201 -50.97 -21.83 11.46
N LEU C 202 -50.05 -20.89 11.49
CA LEU C 202 -50.42 -19.50 11.43
C LEU C 202 -51.36 -19.28 10.22
N GLN C 203 -50.95 -19.69 9.01
CA GLN C 203 -51.76 -19.43 7.83
C GLN C 203 -53.14 -20.08 7.97
N ALA C 204 -53.18 -21.29 8.52
CA ALA C 204 -54.43 -21.99 8.79
C ALA C 204 -55.32 -21.27 9.80
N MET C 205 -54.74 -20.74 10.88
CA MET C 205 -55.50 -20.00 11.87
C MET C 205 -56.14 -18.78 11.27
N LEU C 206 -55.33 -18.01 10.55
CA LEU C 206 -55.77 -16.75 9.94
C LEU C 206 -56.87 -17.04 8.92
N ALA C 207 -56.71 -18.15 8.20
CA ALA C 207 -57.76 -18.62 7.28
C ALA C 207 -59.07 -18.91 8.05
N ALA C 208 -58.96 -19.59 9.20
CA ALA C 208 -60.12 -19.92 9.99
C ALA C 208 -60.76 -18.63 10.51
N MET C 209 -59.93 -17.73 11.03
CA MET C 209 -60.36 -16.39 11.40
C MET C 209 -61.19 -15.66 10.31
N VAL C 210 -60.73 -15.72 9.05
CA VAL C 210 -61.44 -15.10 7.93
C VAL C 210 -62.84 -15.71 7.78
N GLU C 211 -62.96 -17.04 7.87
CA GLU C 211 -64.26 -17.69 7.79
C GLU C 211 -65.15 -17.27 8.95
N ARG C 212 -64.58 -17.12 10.14
CA ARG C 212 -65.33 -16.72 11.32
C ARG C 212 -65.61 -15.20 11.34
N GLY C 213 -65.26 -14.52 10.25
CA GLY C 213 -65.54 -13.09 10.14
C GLY C 213 -64.76 -12.17 11.05
N VAL C 214 -63.56 -12.58 11.46
CA VAL C 214 -62.65 -11.70 12.19
C VAL C 214 -62.16 -10.61 11.26
N ASP C 215 -61.99 -9.37 11.72
CA ASP C 215 -61.45 -8.37 10.83
C ASP C 215 -60.07 -7.80 11.21
N THR C 216 -59.69 -7.94 12.48
CA THR C 216 -58.36 -7.52 12.86
C THR C 216 -57.80 -8.58 13.78
N VAL C 217 -56.49 -8.82 13.65
CA VAL C 217 -55.76 -9.84 14.43
C VAL C 217 -54.51 -9.23 14.99
N VAL C 218 -54.33 -9.31 16.31
CA VAL C 218 -53.08 -8.85 16.95
C VAL C 218 -52.23 -10.05 17.36
N MET C 219 -50.92 -9.92 17.20
CA MET C 219 -49.95 -11.05 17.27
C MET C 219 -48.64 -10.70 17.98
N GLU C 220 -48.22 -11.59 18.86
CA GLU C 220 -46.82 -11.61 19.25
C GLU C 220 -45.98 -12.17 18.10
N VAL C 221 -44.95 -11.44 17.69
CA VAL C 221 -44.01 -11.95 16.72
C VAL C 221 -42.65 -12.05 17.40
N SER C 222 -42.23 -13.27 17.69
CA SER C 222 -41.00 -13.51 18.42
C SER C 222 -39.81 -13.38 17.51
N SER C 223 -38.63 -13.09 18.04
CA SER C 223 -37.45 -13.07 17.19
C SER C 223 -37.17 -14.45 16.59
N HIS C 224 -37.55 -15.53 17.27
CA HIS C 224 -37.39 -16.87 16.70
C HIS C 224 -38.20 -17.01 15.43
N ALA C 225 -39.44 -16.51 15.47
CA ALA C 225 -40.39 -16.67 14.38
C ALA C 225 -39.85 -15.97 13.14
N LEU C 226 -39.27 -14.80 13.33
CA LEU C 226 -38.64 -14.08 12.24
C LEU C 226 -37.43 -14.86 11.70
N ALA C 227 -36.47 -15.20 12.57
CA ALA C 227 -35.32 -15.97 12.13
C ALA C 227 -35.71 -17.25 11.36
N LEU C 228 -36.79 -17.92 11.76
CA LEU C 228 -37.09 -19.26 11.25
C LEU C 228 -38.20 -19.30 10.19
N GLY C 229 -38.68 -18.15 9.76
CA GLY C 229 -39.61 -18.15 8.64
C GLY C 229 -41.06 -18.44 9.01
N ARG C 230 -41.35 -18.43 10.31
CA ARG C 230 -42.72 -18.63 10.74
C ARG C 230 -43.75 -17.60 10.21
N VAL C 231 -43.33 -16.36 9.97
CA VAL C 231 -44.28 -15.33 9.51
C VAL C 231 -44.13 -14.99 8.02
N ASP C 232 -43.55 -15.90 7.26
CA ASP C 232 -43.16 -15.60 5.90
C ASP C 232 -44.21 -15.16 4.95
N GLY C 233 -45.36 -15.79 4.94
CA GLY C 233 -46.35 -15.33 3.94
C GLY C 233 -47.35 -14.31 4.42
N THR C 234 -47.05 -13.59 5.49
CA THR C 234 -48.06 -12.80 6.20
C THR C 234 -47.91 -11.33 5.92
N ARG C 235 -48.99 -10.67 5.48
CA ARG C 235 -48.98 -9.22 5.33
C ARG C 235 -49.27 -8.59 6.66
N PHE C 236 -48.30 -7.91 7.24
CA PHE C 236 -48.52 -7.12 8.44
C PHE C 236 -48.98 -5.73 8.10
N ALA C 237 -50.15 -5.34 8.57
CA ALA C 237 -50.63 -3.94 8.40
C ALA C 237 -49.88 -2.97 9.34
N VAL C 238 -49.58 -3.43 10.57
CA VAL C 238 -48.81 -2.68 11.55
C VAL C 238 -47.76 -3.63 12.12
N GLY C 239 -46.54 -3.12 12.30
CA GLY C 239 -45.54 -3.85 13.06
C GLY C 239 -45.07 -2.91 14.16
N ALA C 240 -44.88 -3.43 15.37
CA ALA C 240 -44.52 -2.59 16.51
C ALA C 240 -43.39 -3.18 17.31
N PHE C 241 -42.54 -2.30 17.83
CA PHE C 241 -41.36 -2.64 18.56
C PHE C 241 -41.46 -2.05 19.94
N THR C 242 -41.42 -2.90 20.96
CA THR C 242 -41.49 -2.45 22.34
C THR C 242 -40.15 -2.00 22.89
N ASN C 243 -39.12 -2.83 22.78
CA ASN C 243 -37.82 -2.59 23.44
C ASN C 243 -36.92 -3.79 23.22
N LEU C 244 -35.67 -3.70 23.67
CA LEU C 244 -34.73 -4.81 23.55
C LEU C 244 -33.70 -4.76 24.64
N SER C 245 -33.50 -5.91 25.28
CA SER C 245 -32.44 -6.10 26.26
C SER C 245 -31.95 -7.54 26.08
N ARG C 246 -30.88 -7.95 26.76
CA ARG C 246 -30.34 -9.28 26.43
C ARG C 246 -31.24 -10.47 26.80
N ASP C 247 -31.57 -11.24 25.77
CA ASP C 247 -32.37 -12.46 25.84
C ASP C 247 -32.02 -13.32 24.62
N HIS C 248 -32.45 -14.58 24.64
CA HIS C 248 -32.34 -15.48 23.50
C HIS C 248 -30.95 -15.64 22.83
N LEU C 249 -29.87 -15.44 23.60
CA LEU C 249 -28.49 -15.62 23.12
C LEU C 249 -28.03 -17.07 23.03
N ASP C 250 -28.93 -17.99 23.33
CA ASP C 250 -28.67 -19.42 23.20
C ASP C 250 -29.22 -19.84 21.84
N PHE C 251 -29.83 -18.89 21.13
CA PHE C 251 -30.34 -19.15 19.81
C PHE C 251 -29.65 -18.25 18.81
N HIS C 252 -29.72 -16.94 19.05
CA HIS C 252 -29.12 -15.98 18.16
C HIS C 252 -27.67 -15.95 18.50
N PRO C 253 -26.78 -16.02 17.49
CA PRO C 253 -25.33 -16.05 17.78
C PRO C 253 -24.78 -14.77 18.44
N SER C 254 -25.52 -13.67 18.41
CA SER C 254 -25.11 -12.43 19.05
C SER C 254 -26.26 -11.45 19.21
N MET C 255 -26.05 -10.41 20.02
CA MET C 255 -27.01 -9.29 20.23
C MET C 255 -27.37 -8.58 18.95
N ALA C 256 -26.41 -8.50 18.04
CA ALA C 256 -26.60 -7.86 16.75
C ALA C 256 -27.59 -8.69 15.98
N ASP C 257 -27.36 -9.99 15.90
CA ASP C 257 -28.25 -10.93 15.22
C ASP C 257 -29.68 -10.89 15.76
N TYR C 258 -29.77 -10.75 17.08
CA TYR C 258 -31.02 -10.64 17.79
C TYR C 258 -31.75 -9.39 17.30
N PHE C 259 -31.06 -8.25 17.32
CA PHE C 259 -31.60 -6.99 16.77
C PHE C 259 -32.02 -7.09 15.30
N GLU C 260 -31.17 -7.71 14.49
CA GLU C 260 -31.43 -7.86 13.07
C GLU C 260 -32.66 -8.69 12.79
N ALA C 261 -32.81 -9.80 13.49
CA ALA C 261 -34.01 -10.62 13.32
C ALA C 261 -35.26 -9.76 13.53
N ALA C 263 -35.42 -6.54 13.16
CA ALA C 263 -35.47 -5.48 12.17
C ALA C 263 -36.18 -5.91 10.90
N SER C 264 -36.25 -7.20 10.63
CA SER C 264 -37.04 -7.74 9.50
C SER C 264 -38.39 -7.04 9.33
N LEU C 265 -38.97 -6.61 10.43
CA LEU C 265 -40.32 -6.16 10.44
C LEU C 265 -40.40 -4.67 10.13
N PHE C 266 -39.25 -3.99 10.12
CA PHE C 266 -39.23 -2.54 10.11
C PHE C 266 -38.43 -1.91 8.99
N ASP C 267 -37.38 -2.60 8.54
CA ASP C 267 -36.60 -2.12 7.42
C ASP C 267 -37.50 -1.96 6.21
N PRO C 268 -37.49 -0.75 5.58
CA PRO C 268 -38.42 -0.47 4.48
C PRO C 268 -38.22 -1.47 3.36
N ASP C 269 -36.99 -1.77 3.04
CA ASP C 269 -36.70 -2.66 1.94
C ASP C 269 -36.86 -4.14 2.26
N SER C 270 -37.16 -4.46 3.52
CA SER C 270 -37.30 -5.86 3.96
C SER C 270 -38.59 -6.52 3.45
N ALA C 271 -38.46 -7.79 3.07
CA ALA C 271 -39.62 -8.61 2.66
C ALA C 271 -40.73 -8.65 3.71
N LEU C 272 -40.41 -8.51 4.99
CA LEU C 272 -41.43 -8.51 6.04
C LEU C 272 -41.83 -7.11 6.54
N ARG C 273 -41.37 -6.04 5.89
CA ARG C 273 -41.75 -4.70 6.31
C ARG C 273 -43.27 -4.66 6.55
N ALA C 274 -43.68 -4.22 7.74
CA ALA C 274 -45.10 -3.97 8.00
C ALA C 274 -45.50 -2.69 7.31
N ARG C 275 -46.75 -2.61 6.86
CA ARG C 275 -47.28 -1.43 6.20
C ARG C 275 -46.89 -0.18 6.99
N THR C 276 -47.18 -0.13 8.29
CA THR C 276 -46.86 1.03 9.09
C THR C 276 -46.15 0.57 10.37
N ALA C 277 -45.17 1.35 10.84
CA ALA C 277 -44.31 0.94 11.95
C ALA C 277 -44.52 1.79 13.23
N VAL C 278 -44.76 1.15 14.35
CA VAL C 278 -44.85 1.86 15.63
C VAL C 278 -43.67 1.44 16.45
N VAL C 279 -42.85 2.38 16.89
CA VAL C 279 -41.59 2.05 17.58
C VAL C 279 -41.43 2.83 18.86
N CYS C 280 -41.30 2.12 19.98
CA CYS C 280 -40.96 2.76 21.24
C CYS C 280 -39.49 3.19 21.19
N ILE C 281 -39.25 4.47 21.46
CA ILE C 281 -37.91 4.98 21.77
C ILE C 281 -37.55 4.46 23.17
N ASP C 282 -37.08 5.35 24.04
CA ASP C 282 -36.89 5.00 25.45
C ASP C 282 -35.71 4.07 25.67
N ASP C 283 -35.24 3.45 24.61
CA ASP C 283 -34.33 2.33 24.63
C ASP C 283 -33.35 2.77 23.56
N ASP C 284 -32.07 2.47 23.77
CA ASP C 284 -31.09 2.56 22.69
C ASP C 284 -31.52 1.78 21.47
N ALA C 285 -31.83 0.50 21.64
CA ALA C 285 -32.34 -0.33 20.55
C ALA C 285 -33.58 0.29 19.90
N GLY C 286 -34.50 0.78 20.72
CA GLY C 286 -35.72 1.39 20.19
C GLY C 286 -35.38 2.52 19.24
N ARG C 287 -34.40 3.31 19.67
CA ARG C 287 -34.06 4.51 18.94
C ARG C 287 -33.45 4.09 17.60
N ALA C 288 -32.75 2.96 17.61
CA ALA C 288 -32.12 2.45 16.43
C ALA C 288 -33.17 1.92 15.46
N MET C 289 -34.23 1.28 15.99
CA MET C 289 -35.30 0.76 15.12
C MET C 289 -36.02 1.86 14.43
N ALA C 290 -36.31 2.95 15.16
CA ALA C 290 -37.07 4.06 14.57
C ALA C 290 -36.35 4.54 13.31
N ALA C 291 -35.06 4.84 13.44
CA ALA C 291 -34.20 5.19 12.33
C ALA C 291 -34.23 4.16 11.21
N ARG C 292 -34.19 2.89 11.56
CA ARG C 292 -34.26 1.82 10.57
C ARG C 292 -35.56 1.92 9.75
N ALA C 293 -36.71 2.00 10.43
CA ALA C 293 -38.00 2.16 9.75
C ALA C 293 -38.11 3.47 8.96
N ALA C 294 -37.32 4.49 9.35
CA ALA C 294 -37.28 5.76 8.60
C ALA C 294 -38.56 6.60 8.65
N ASP C 295 -39.72 5.96 8.81
CA ASP C 295 -41.00 6.66 9.00
C ASP C 295 -41.88 6.02 10.08
N ALA C 296 -41.27 5.61 11.18
CA ALA C 296 -42.02 5.01 12.26
C ALA C 296 -42.86 6.08 12.97
N ILE C 297 -44.01 5.67 13.49
CA ILE C 297 -44.72 6.45 14.48
C ILE C 297 -43.98 6.16 15.79
N THR C 298 -43.37 7.18 16.37
CA THR C 298 -42.55 6.92 17.55
C THR C 298 -43.34 7.18 18.81
N VAL C 299 -42.94 6.50 19.89
CA VAL C 299 -43.68 6.44 21.15
C VAL C 299 -42.68 6.56 22.29
N SER C 300 -42.95 7.47 23.23
CA SER C 300 -42.10 7.60 24.41
C SER C 300 -42.83 7.89 25.72
N ALA C 301 -42.53 7.10 26.75
CA ALA C 301 -43.10 7.33 28.06
C ALA C 301 -42.03 7.96 28.98
N ALA C 302 -40.90 8.31 28.39
CA ALA C 302 -39.73 8.72 29.17
C ALA C 302 -39.23 10.09 28.75
N ASP C 303 -40.17 10.96 28.42
CA ASP C 303 -39.88 12.37 28.27
C ASP C 303 -38.97 12.72 27.07
N ARG C 304 -38.91 11.86 26.07
CA ARG C 304 -38.20 12.18 24.81
C ARG C 304 -39.25 12.58 23.80
N PRO C 305 -38.89 13.39 22.79
CA PRO C 305 -39.95 13.82 21.87
C PRO C 305 -40.35 12.66 20.97
N ALA C 306 -41.66 12.45 20.81
CA ALA C 306 -42.18 11.35 20.02
C ALA C 306 -43.57 11.68 19.52
N HIS C 307 -44.09 10.90 18.58
CA HIS C 307 -45.45 11.12 18.11
C HIS C 307 -46.51 10.91 19.21
N TRP C 308 -46.27 9.95 20.10
CA TRP C 308 -47.06 9.83 21.30
C TRP C 308 -46.18 10.02 22.54
N ARG C 309 -46.69 10.78 23.52
CA ARG C 309 -46.00 10.97 24.79
C ARG C 309 -46.94 10.78 25.95
N ALA C 310 -46.39 10.36 27.07
CA ALA C 310 -47.12 10.28 28.33
C ALA C 310 -46.70 11.40 29.29
N THR C 311 -47.68 12.03 29.94
CA THR C 311 -47.43 13.05 30.96
C THR C 311 -48.44 12.86 32.07
N ASP C 312 -48.17 13.52 33.20
CA ASP C 312 -49.01 13.44 34.39
C ASP C 312 -49.23 11.99 34.86
N VAL C 313 -48.14 11.21 34.91
CA VAL C 313 -48.28 9.82 35.34
C VAL C 313 -48.44 9.69 36.86
N ALA C 314 -49.60 9.18 37.22
CA ALA C 314 -50.02 9.07 38.61
C ALA C 314 -50.43 7.64 38.94
N PRO C 315 -49.95 7.14 40.09
CA PRO C 315 -50.45 5.85 40.56
C PRO C 315 -51.82 6.05 41.19
N THR C 316 -52.63 5.00 41.23
CA THR C 316 -53.92 5.07 41.90
C THR C 316 -54.09 3.91 42.89
N ASP C 317 -55.00 4.08 43.86
CA ASP C 317 -55.44 2.96 44.69
C ASP C 317 -55.86 1.79 43.79
N ALA C 318 -55.90 0.58 44.35
CA ALA C 318 -56.12 -0.66 43.56
C ALA C 318 -55.03 -0.92 42.49
N GLY C 319 -53.79 -0.56 42.82
CA GLY C 319 -52.60 -0.89 42.01
C GLY C 319 -52.63 -0.47 40.54
N GLY C 320 -53.29 0.65 40.26
CA GLY C 320 -53.42 1.14 38.91
C GLY C 320 -52.62 2.40 38.64
N GLN C 321 -52.79 2.89 37.43
CA GLN C 321 -52.00 4.00 36.92
C GLN C 321 -52.87 4.86 36.00
N GLN C 322 -52.76 6.17 36.14
CA GLN C 322 -53.39 7.05 35.17
C GLN C 322 -52.44 8.15 34.65
N PHE C 323 -52.53 8.41 33.35
CA PHE C 323 -51.65 9.37 32.72
C PHE C 323 -52.39 10.09 31.60
N THR C 324 -51.76 11.13 31.06
CA THR C 324 -52.25 11.81 29.86
C THR C 324 -51.44 11.34 28.67
N ALA C 325 -52.11 10.86 27.63
CA ALA C 325 -51.44 10.47 26.41
C ALA C 325 -51.63 11.58 25.40
N ILE C 326 -50.52 12.10 24.86
CA ILE C 326 -50.59 13.17 23.86
C ILE C 326 -50.43 12.57 22.46
N ASP C 327 -51.43 12.73 21.61
CA ASP C 327 -51.37 12.16 20.26
C ASP C 327 -50.48 12.99 19.33
N PRO C 328 -50.21 12.52 18.09
CA PRO C 328 -49.36 13.29 17.19
C PRO C 328 -49.86 14.70 16.91
N ALA C 329 -51.15 14.92 17.07
CA ALA C 329 -51.74 16.23 16.81
C ALA C 329 -51.51 17.13 18.01
N GLY C 330 -51.03 16.54 19.10
CA GLY C 330 -50.70 17.27 20.31
C GLY C 330 -51.85 17.38 21.28
N VAL C 331 -52.94 16.64 21.06
CA VAL C 331 -54.06 16.64 22.00
C VAL C 331 -53.90 15.52 23.04
N GLY C 332 -54.13 15.87 24.30
CA GLY C 332 -54.00 14.92 25.41
C GLY C 332 -55.29 14.18 25.70
N HIS C 333 -55.13 12.92 26.10
CA HIS C 333 -56.25 12.02 26.40
C HIS C 333 -56.02 11.42 27.77
N HIS C 334 -57.07 11.43 28.56
CA HIS C 334 -57.06 10.79 29.87
C HIS C 334 -57.15 9.28 29.83
N ILE C 335 -56.03 8.63 30.13
CA ILE C 335 -55.94 7.17 30.09
C ILE C 335 -55.85 6.64 31.53
N GLY C 336 -56.57 5.56 31.81
CA GLY C 336 -56.45 4.82 33.07
C GLY C 336 -56.24 3.35 32.77
N ILE C 337 -55.32 2.73 33.51
CA ILE C 337 -54.81 1.38 33.22
C ILE C 337 -54.60 0.58 34.52
N ARG C 338 -54.97 -0.69 34.50
CA ARG C 338 -54.93 -1.55 35.67
C ARG C 338 -53.51 -2.07 35.99
N LEU C 339 -52.54 -1.81 35.11
CA LEU C 339 -51.19 -2.35 35.25
C LEU C 339 -50.18 -1.31 35.74
N PRO C 340 -49.26 -1.72 36.63
CA PRO C 340 -48.30 -0.75 37.18
C PRO C 340 -46.99 -0.70 36.38
N GLY C 341 -46.20 0.33 36.63
CA GLY C 341 -44.87 0.44 36.05
C GLY C 341 -44.80 1.41 34.88
N ARG C 342 -43.69 2.17 34.83
CA ARG C 342 -43.40 3.11 33.74
C ARG C 342 -43.40 2.43 32.38
N TYR C 343 -42.89 1.20 32.32
CA TYR C 343 -42.83 0.52 31.04
C TYR C 343 -44.22 0.02 30.57
N ASN C 344 -45.15 -0.15 31.51
CA ASN C 344 -46.53 -0.46 31.13
C ASN C 344 -47.28 0.75 30.66
N VAL C 345 -46.80 1.95 31.02
CA VAL C 345 -47.26 3.17 30.38
C VAL C 345 -46.79 3.22 28.91
N ALA C 346 -45.57 2.75 28.67
CA ALA C 346 -45.00 2.64 27.32
C ALA C 346 -45.77 1.62 26.46
N ASN C 347 -46.09 0.48 27.08
CA ASN C 347 -46.93 -0.52 26.43
C ASN C 347 -48.29 0.02 26.01
N CYS C 348 -48.89 0.85 26.86
CA CYS C 348 -50.18 1.42 26.56
C CYS C 348 -50.11 2.49 25.47
N LEU C 349 -49.06 3.30 25.48
CA LEU C 349 -48.82 4.21 24.39
C LEU C 349 -48.64 3.47 23.06
N VAL C 350 -47.83 2.41 23.06
CA VAL C 350 -47.72 1.57 21.86
C VAL C 350 -49.11 1.06 21.43
N ALA C 351 -49.87 0.52 22.37
CA ALA C 351 -51.25 0.11 22.09
C ALA C 351 -52.08 1.23 21.42
N LEU C 352 -52.07 2.43 22.01
CA LEU C 352 -52.82 3.58 21.47
C LEU C 352 -52.35 3.97 20.07
N ALA C 353 -51.05 3.98 19.86
CA ALA C 353 -50.51 4.25 18.54
C ALA C 353 -50.99 3.19 17.47
N ILE C 354 -50.93 1.91 17.83
CA ILE C 354 -51.40 0.86 16.96
C ILE C 354 -52.88 1.09 16.68
N LEU C 355 -53.67 1.20 17.77
CA LEU C 355 -55.12 1.33 17.66
C LEU C 355 -55.53 2.47 16.76
N ASP C 356 -54.88 3.62 16.93
CA ASP C 356 -55.15 4.80 16.12
C ASP C 356 -54.90 4.58 14.63
N THR C 357 -53.76 4.03 14.25
CA THR C 357 -53.50 3.83 12.82
C THR C 357 -54.46 2.79 12.23
N VAL C 358 -55.04 1.98 13.08
CA VAL C 358 -55.98 0.99 12.63
C VAL C 358 -57.43 1.51 12.76
N GLY C 359 -57.58 2.80 13.09
CA GLY C 359 -58.87 3.44 13.11
C GLY C 359 -59.67 3.29 14.40
N VAL C 360 -58.98 3.21 15.53
CA VAL C 360 -59.65 3.22 16.83
C VAL C 360 -59.06 4.33 17.69
N SER C 361 -59.88 5.31 18.06
CA SER C 361 -59.36 6.46 18.81
C SER C 361 -59.22 6.15 20.28
N PRO C 362 -58.38 6.93 21.00
CA PRO C 362 -58.28 6.76 22.44
C PRO C 362 -59.64 6.76 23.15
N GLU C 363 -60.56 7.66 22.78
CA GLU C 363 -61.89 7.72 23.43
C GLU C 363 -62.61 6.38 23.30
N GLN C 364 -62.57 5.82 22.10
CA GLN C 364 -63.16 4.54 21.83
C GLN C 364 -62.46 3.42 22.56
N ALA C 365 -61.16 3.57 22.74
CA ALA C 365 -60.35 2.49 23.27
C ALA C 365 -60.36 2.40 24.80
N VAL C 366 -60.54 3.53 25.45
CA VAL C 366 -60.18 3.62 26.87
C VAL C 366 -61.03 2.75 27.84
N PRO C 367 -62.32 2.52 27.54
CA PRO C 367 -63.05 1.60 28.41
C PRO C 367 -62.40 0.21 28.50
N GLY C 368 -61.94 -0.31 27.37
CA GLY C 368 -61.28 -1.61 27.36
C GLY C 368 -59.88 -1.65 27.99
N LEU C 369 -59.24 -0.49 28.12
CA LEU C 369 -57.89 -0.39 28.68
C LEU C 369 -57.95 -0.23 30.18
N ARG C 370 -58.94 0.55 30.60
CA ARG C 370 -59.21 0.84 31.99
C ARG C 370 -59.26 -0.44 32.81
N GLU C 371 -59.66 -1.54 32.16
CA GLU C 371 -60.03 -2.72 32.92
C GLU C 371 -59.46 -4.07 32.46
N ILE C 372 -58.63 -4.11 31.44
CA ILE C 372 -58.07 -5.41 31.09
C ILE C 372 -56.94 -5.79 32.06
N ARG C 373 -56.93 -7.07 32.44
CA ARG C 373 -55.76 -7.65 33.08
C ARG C 373 -55.14 -8.69 32.16
N VAL C 374 -53.82 -8.66 32.07
CA VAL C 374 -53.10 -9.61 31.23
C VAL C 374 -52.49 -10.64 32.16
N PRO C 375 -52.77 -11.93 31.87
CA PRO C 375 -52.47 -13.02 32.79
C PRO C 375 -50.97 -13.19 33.03
N GLY C 376 -50.58 -13.12 34.30
CA GLY C 376 -49.22 -13.41 34.70
C GLY C 376 -48.21 -12.34 34.35
N ARG C 377 -48.66 -11.20 33.85
CA ARG C 377 -47.78 -10.06 33.57
C ARG C 377 -48.15 -8.90 34.46
N LEU C 378 -47.52 -8.85 35.63
CA LEU C 378 -47.90 -7.91 36.66
C LEU C 378 -49.40 -8.03 36.96
N GLU C 379 -49.90 -9.27 37.02
CA GLU C 379 -51.31 -9.50 37.31
C GLU C 379 -51.53 -9.35 38.80
N GLN C 380 -52.28 -8.32 39.20
CA GLN C 380 -52.57 -8.10 40.61
C GLN C 380 -53.79 -8.91 41.06
N GLY C 386 -54.22 -3.52 51.29
CA GLY C 386 -53.05 -3.29 52.13
C GLY C 386 -51.82 -2.89 51.32
N PHE C 387 -51.41 -3.76 50.42
CA PHE C 387 -50.13 -3.66 49.73
C PHE C 387 -50.23 -4.40 48.41
N LEU C 388 -49.28 -4.16 47.51
CA LEU C 388 -49.31 -4.77 46.18
C LEU C 388 -48.85 -6.23 46.17
N ALA C 389 -49.68 -7.08 45.58
CA ALA C 389 -49.41 -8.51 45.49
C ALA C 389 -49.59 -8.94 44.06
N LEU C 390 -48.49 -9.41 43.47
CA LEU C 390 -48.43 -9.66 42.02
C LEU C 390 -47.93 -11.06 41.64
N VAL C 391 -48.56 -11.65 40.63
CA VAL C 391 -48.06 -12.86 39.99
C VAL C 391 -47.45 -12.51 38.62
N ASP C 392 -46.24 -13.00 38.34
CA ASP C 392 -45.63 -12.79 37.02
C ASP C 392 -45.01 -14.05 36.41
N TYR C 393 -45.12 -14.14 35.09
CA TYR C 393 -44.61 -15.27 34.32
C TYR C 393 -43.08 -15.38 34.32
N ALA C 394 -42.43 -14.25 34.59
CA ALA C 394 -40.99 -14.07 34.41
C ALA C 394 -40.12 -15.18 34.98
N HIS C 395 -39.68 -16.06 34.09
CA HIS C 395 -38.53 -16.93 34.30
C HIS C 395 -37.44 -16.31 33.39
N LYS C 396 -36.21 -16.82 33.45
CA LYS C 396 -35.09 -16.24 32.67
C LYS C 396 -34.54 -14.95 33.31
N PRO C 397 -33.20 -14.75 33.26
CA PRO C 397 -32.50 -13.60 33.83
C PRO C 397 -32.98 -12.22 33.36
N GLU C 398 -33.14 -12.04 32.05
CA GLU C 398 -33.51 -10.74 31.49
C GLU C 398 -34.88 -10.28 31.97
N ALA C 399 -35.89 -11.16 31.85
CA ALA C 399 -37.26 -10.85 32.26
C ALA C 399 -37.32 -10.47 33.74
N LEU C 400 -36.63 -11.23 34.59
CA LEU C 400 -36.61 -10.95 36.00
C LEU C 400 -36.03 -9.57 36.28
N ARG C 401 -34.98 -9.19 35.54
CA ARG C 401 -34.26 -7.94 35.79
C ARG C 401 -35.15 -6.72 35.59
N SER C 402 -35.94 -6.73 34.53
CA SER C 402 -36.81 -5.61 34.22
C SER C 402 -38.03 -5.57 35.14
N VAL C 403 -38.60 -6.75 35.41
CA VAL C 403 -39.77 -6.84 36.30
C VAL C 403 -39.46 -6.24 37.67
N LEU C 404 -38.35 -6.67 38.26
CA LEU C 404 -37.91 -6.14 39.53
C LEU C 404 -37.63 -4.63 39.47
N THR C 405 -36.79 -4.21 38.53
CA THR C 405 -36.45 -2.80 38.42
C THR C 405 -37.67 -1.89 38.39
N THR C 406 -38.65 -2.20 37.54
CA THR C 406 -39.84 -1.36 37.43
C THR C 406 -40.82 -1.54 38.60
N LEU C 407 -40.39 -2.28 39.61
CA LEU C 407 -41.19 -2.47 40.82
C LEU C 407 -40.59 -1.84 42.07
N ALA C 408 -39.30 -1.51 42.04
CA ALA C 408 -38.64 -0.92 43.22
C ALA C 408 -38.86 0.60 43.30
N HIS C 409 -39.19 1.08 44.50
CA HIS C 409 -39.41 2.52 44.77
C HIS C 409 -39.57 2.76 46.27
N ARG C 413 -39.44 -1.64 49.35
CA ARG C 413 -39.05 -3.03 49.55
C ARG C 413 -39.75 -3.95 48.56
N LEU C 414 -38.97 -4.82 47.92
CA LEU C 414 -39.43 -5.74 46.91
C LEU C 414 -39.07 -7.18 47.30
N ALA C 415 -40.09 -8.04 47.43
CA ALA C 415 -39.90 -9.46 47.73
C ALA C 415 -40.31 -10.31 46.54
N VAL C 416 -39.58 -11.41 46.30
CA VAL C 416 -39.90 -12.29 45.17
C VAL C 416 -39.74 -13.78 45.44
N VAL C 417 -40.82 -14.52 45.22
CA VAL C 417 -40.84 -15.97 45.39
C VAL C 417 -40.81 -16.60 44.02
N PHE C 418 -39.88 -17.52 43.79
CA PHE C 418 -39.80 -18.29 42.53
C PHE C 418 -39.06 -19.62 42.67
N ARG C 429 -29.35 -18.11 36.29
CA ARG C 429 -29.85 -18.25 37.66
C ARG C 429 -29.05 -17.45 38.66
N ALA C 430 -27.73 -17.62 38.64
CA ALA C 430 -26.81 -16.97 39.58
C ALA C 430 -27.05 -15.46 39.79
N PRO C 431 -26.83 -14.63 38.75
CA PRO C 431 -26.95 -13.19 38.98
C PRO C 431 -28.39 -12.72 39.24
N MET C 432 -29.36 -13.46 38.71
CA MET C 432 -30.77 -13.13 38.85
C MET C 432 -31.18 -12.89 40.32
N GLY C 433 -30.73 -13.77 41.21
CA GLY C 433 -30.98 -13.60 42.65
C GLY C 433 -30.19 -12.45 43.25
N ARG C 434 -28.97 -12.23 42.74
CA ARG C 434 -28.15 -11.08 43.11
C ARG C 434 -28.90 -9.77 42.86
N ILE C 435 -29.45 -9.64 41.65
CA ILE C 435 -30.28 -8.48 41.27
C ILE C 435 -31.44 -8.31 42.25
N ALA C 436 -32.12 -9.43 42.56
CA ALA C 436 -33.22 -9.46 43.53
C ALA C 436 -32.74 -9.08 44.94
N ASP C 441 -34.97 -7.72 47.78
CA ASP C 441 -34.60 -7.55 49.18
C ASP C 441 -34.84 -8.84 49.97
N LEU C 442 -35.93 -9.51 49.61
CA LEU C 442 -36.27 -10.84 50.12
C LEU C 442 -36.42 -11.78 48.93
N VAL C 443 -35.62 -12.83 48.88
CA VAL C 443 -35.81 -13.85 47.85
C VAL C 443 -36.08 -15.22 48.46
N VAL C 444 -37.19 -15.83 48.04
CA VAL C 444 -37.66 -17.10 48.58
C VAL C 444 -37.67 -18.14 47.47
N VAL C 445 -36.86 -19.18 47.60
CA VAL C 445 -36.81 -20.24 46.59
C VAL C 445 -37.74 -21.40 46.97
N THR C 446 -38.59 -21.82 46.02
CA THR C 446 -39.53 -22.94 46.22
C THR C 446 -39.57 -23.94 45.08
N ASP C 454 -34.09 -29.12 41.96
CA ASP C 454 -33.77 -29.15 43.38
C ASP C 454 -33.55 -27.74 43.93
N PRO C 455 -34.33 -27.35 44.97
CA PRO C 455 -34.30 -25.97 45.49
C PRO C 455 -32.91 -25.44 45.91
N THR C 456 -32.11 -26.28 46.57
CA THR C 456 -30.82 -25.83 47.10
C THR C 456 -29.84 -25.49 45.98
N ALA C 457 -29.84 -26.29 44.93
CA ALA C 457 -29.00 -26.05 43.76
C ALA C 457 -29.24 -24.65 43.16
N ILE C 458 -30.49 -24.22 43.14
CA ILE C 458 -30.86 -22.89 42.64
C ILE C 458 -30.36 -21.80 43.60
N ARG C 459 -30.64 -21.95 44.89
CA ARG C 459 -30.23 -20.97 45.89
C ARG C 459 -28.71 -20.80 45.93
N ARG C 460 -28.01 -21.92 45.77
CA ARG C 460 -26.54 -21.96 45.77
C ARG C 460 -25.94 -21.05 44.70
N GLU C 461 -26.48 -21.12 43.49
CA GLU C 461 -25.93 -20.37 42.36
C GLU C 461 -26.06 -18.86 42.55
N ILE C 462 -27.19 -18.43 43.13
CA ILE C 462 -27.42 -17.02 43.43
C ILE C 462 -26.46 -16.53 44.53
N LEU C 463 -26.30 -17.34 45.57
CA LEU C 463 -25.38 -17.03 46.65
C LEU C 463 -23.96 -16.88 46.13
N ALA C 464 -23.58 -17.73 45.17
CA ALA C 464 -22.30 -17.66 44.49
C ALA C 464 -22.09 -16.28 43.87
N GLN C 474 -32.03 -10.12 51.66
CA GLN C 474 -32.30 -11.10 52.73
C GLN C 474 -32.94 -12.34 52.10
N VAL C 475 -32.15 -13.39 51.90
CA VAL C 475 -32.58 -14.57 51.10
C VAL C 475 -32.92 -15.82 51.95
N VAL C 476 -34.03 -16.48 51.62
CA VAL C 476 -34.53 -17.66 52.35
C VAL C 476 -34.79 -18.81 51.39
N GLU C 477 -34.86 -20.03 51.91
CA GLU C 477 -35.29 -21.17 51.12
C GLU C 477 -36.46 -21.88 51.81
N ILE C 478 -37.61 -21.87 51.16
CA ILE C 478 -38.79 -22.58 51.65
C ILE C 478 -39.27 -23.51 50.53
N ALA C 479 -39.02 -24.82 50.67
CA ALA C 479 -39.27 -25.78 49.58
C ALA C 479 -40.74 -25.79 49.13
N ASP C 480 -41.66 -25.90 50.10
CA ASP C 480 -43.08 -25.94 49.80
C ASP C 480 -43.59 -24.61 49.24
N ARG C 481 -44.07 -24.65 48.01
CA ARG C 481 -44.49 -23.45 47.27
C ARG C 481 -45.56 -22.65 48.01
N ARG C 482 -46.49 -23.38 48.63
CA ARG C 482 -47.60 -22.80 49.39
C ARG C 482 -47.12 -21.99 50.61
N ASP C 483 -46.23 -22.59 51.39
CA ASP C 483 -45.66 -21.94 52.58
C ASP C 483 -44.77 -20.75 52.22
N ALA C 484 -44.11 -20.85 51.07
CA ALA C 484 -43.29 -19.77 50.52
C ALA C 484 -44.11 -18.51 50.27
N ILE C 485 -45.22 -18.67 49.56
CA ILE C 485 -46.16 -17.59 49.33
C ILE C 485 -46.62 -17.06 50.69
N ARG C 486 -47.08 -17.97 51.54
CA ARG C 486 -47.54 -17.60 52.88
C ARG C 486 -46.49 -16.75 53.58
N HIS C 487 -45.22 -17.16 53.50
CA HIS C 487 -44.11 -16.46 54.17
C HIS C 487 -43.95 -15.01 53.73
N ALA C 488 -43.93 -14.79 52.42
CA ALA C 488 -43.69 -13.46 51.88
C ALA C 488 -44.84 -12.49 52.18
N VAL C 489 -46.06 -13.01 52.15
CA VAL C 489 -47.27 -12.22 52.44
C VAL C 489 -47.23 -11.67 53.87
N ALA C 490 -47.06 -12.57 54.84
CA ALA C 490 -47.01 -12.22 56.27
C ALA C 490 -45.84 -11.29 56.61
N TRP C 491 -44.91 -11.17 55.68
CA TRP C 491 -43.71 -10.34 55.82
C TRP C 491 -43.95 -8.89 55.36
N ALA C 492 -44.96 -8.69 54.53
CA ALA C 492 -45.23 -7.38 53.94
C ALA C 492 -45.57 -6.29 54.96
N ARG C 493 -45.63 -5.03 54.49
CA ARG C 493 -46.07 -3.91 55.31
C ARG C 493 -46.83 -2.94 54.39
N PRO C 494 -47.91 -2.31 54.90
CA PRO C 494 -48.70 -1.48 53.99
C PRO C 494 -47.82 -0.56 53.12
N GLY C 495 -47.87 -0.78 51.81
CA GLY C 495 -47.00 -0.08 50.86
C GLY C 495 -45.94 -0.97 50.25
N ASP C 496 -45.68 -2.13 50.87
CA ASP C 496 -44.71 -3.11 50.35
C ASP C 496 -45.25 -3.80 49.11
N VAL C 497 -44.38 -4.54 48.42
CA VAL C 497 -44.75 -5.25 47.19
C VAL C 497 -44.21 -6.68 47.14
N VAL C 498 -45.14 -7.64 47.03
CA VAL C 498 -44.83 -9.07 46.93
C VAL C 498 -45.01 -9.54 45.49
N LEU C 499 -44.09 -10.38 45.02
CA LEU C 499 -44.11 -10.91 43.66
C LEU C 499 -43.88 -12.41 43.62
N ILE C 500 -44.87 -13.15 43.15
CA ILE C 500 -44.72 -14.59 42.95
C ILE C 500 -44.43 -14.85 41.47
N ALA C 501 -43.20 -15.23 41.16
CA ALA C 501 -42.75 -15.32 39.77
C ALA C 501 -42.44 -16.74 39.30
N GLY C 502 -42.54 -16.95 37.99
CA GLY C 502 -42.10 -18.20 37.38
C GLY C 502 -43.19 -19.18 36.96
N LYS C 503 -44.44 -18.84 37.26
CA LYS C 503 -45.57 -19.66 36.80
C LYS C 503 -46.54 -18.85 35.96
N GLY C 504 -46.83 -17.62 36.39
CA GLY C 504 -47.84 -16.78 35.77
C GLY C 504 -49.21 -17.44 35.82
N HIS C 505 -49.77 -17.69 34.63
CA HIS C 505 -51.07 -18.34 34.48
C HIS C 505 -50.94 -19.86 34.56
N LEU D 26 56.94 27.24 -7.50
CA LEU D 26 56.95 26.10 -6.54
C LEU D 26 56.67 24.78 -7.25
N ARG D 27 57.75 24.21 -7.78
CA ARG D 27 57.74 22.93 -8.45
C ARG D 27 58.91 22.18 -7.82
N PRO D 28 58.74 20.86 -7.55
CA PRO D 28 59.88 20.14 -7.01
C PRO D 28 60.87 19.87 -8.14
N ASN D 29 62.14 19.74 -7.83
CA ASN D 29 63.11 19.50 -8.91
C ASN D 29 63.80 18.13 -8.83
N ALA D 30 63.23 17.23 -8.02
CA ALA D 30 63.79 15.91 -7.87
C ALA D 30 62.68 14.88 -7.78
N VAL D 31 61.82 14.87 -8.77
CA VAL D 31 60.81 13.83 -8.88
C VAL D 31 61.27 12.65 -9.75
N VAL D 32 61.34 11.44 -9.17
CA VAL D 32 61.50 10.20 -9.95
C VAL D 32 60.20 9.90 -10.66
N GLY D 33 60.28 9.39 -11.87
CA GLY D 33 59.05 9.20 -12.66
C GLY D 33 58.08 8.13 -12.21
N VAL D 34 57.16 7.76 -13.10
CA VAL D 34 56.28 6.62 -12.94
C VAL D 34 56.04 6.20 -14.38
N ARG D 35 56.18 4.92 -14.72
CA ARG D 35 55.96 4.53 -16.12
C ARG D 35 54.52 4.86 -16.49
N LEU D 36 54.38 5.44 -17.68
CA LEU D 36 53.07 5.78 -18.23
C LEU D 36 52.09 4.59 -18.18
N ALA D 37 52.56 3.39 -18.52
CA ALA D 37 51.74 2.19 -18.49
C ALA D 37 51.16 1.92 -17.09
N ALA D 38 51.94 2.24 -16.04
CA ALA D 38 51.48 2.11 -14.66
C ALA D 38 50.32 3.06 -14.43
N LEU D 39 50.50 4.32 -14.80
CA LEU D 39 49.44 5.29 -14.67
C LEU D 39 48.20 4.84 -15.38
N ALA D 40 48.33 4.48 -16.66
CA ALA D 40 47.20 4.01 -17.44
C ALA D 40 46.47 2.87 -16.71
N ASP D 41 47.23 1.89 -16.19
CA ASP D 41 46.66 0.81 -15.42
C ASP D 41 45.87 1.27 -14.19
N GLN D 42 46.44 2.21 -13.43
CA GLN D 42 45.85 2.70 -12.19
C GLN D 42 44.43 3.26 -12.36
N VAL D 43 44.18 3.96 -13.45
CA VAL D 43 42.92 4.62 -13.68
C VAL D 43 42.09 3.89 -14.73
N GLY D 44 42.61 2.76 -15.21
CA GLY D 44 41.94 1.94 -16.21
C GLY D 44 41.66 2.60 -17.54
N ALA D 45 42.57 3.44 -17.98
CA ALA D 45 42.34 4.29 -19.14
C ALA D 45 42.42 3.47 -20.42
N ALA D 46 41.70 3.92 -21.43
CA ALA D 46 41.83 3.39 -22.78
C ALA D 46 42.83 4.22 -23.58
N LEU D 47 43.49 3.59 -24.54
CA LEU D 47 44.35 4.27 -25.49
C LEU D 47 43.58 4.67 -26.76
N ALA D 48 43.67 5.94 -27.12
CA ALA D 48 43.06 6.48 -28.34
C ALA D 48 43.47 5.72 -29.59
N GLU D 49 44.71 5.22 -29.61
CA GLU D 49 45.19 4.39 -30.73
C GLU D 49 45.06 2.88 -30.49
N GLY D 50 44.71 2.50 -29.28
CA GLY D 50 44.40 1.12 -28.96
C GLY D 50 45.55 0.16 -28.73
N PRO D 51 45.22 -1.14 -28.62
CA PRO D 51 46.13 -2.25 -28.35
C PRO D 51 47.56 -1.98 -28.83
N ALA D 52 47.68 -1.70 -30.14
CA ALA D 52 48.97 -1.58 -30.84
C ALA D 52 50.02 -0.72 -30.17
N GLN D 53 49.61 0.12 -29.22
CA GLN D 53 50.46 1.15 -28.63
C GLN D 53 50.80 1.02 -27.15
N ARG D 54 50.57 -0.16 -26.56
CA ARG D 54 50.91 -0.42 -25.14
C ARG D 54 52.43 -0.51 -24.98
N ALA D 55 53.12 -0.80 -26.09
CA ALA D 55 54.57 -1.01 -26.13
C ALA D 55 55.42 0.25 -25.91
N VAL D 56 54.91 1.39 -26.37
CA VAL D 56 55.53 2.71 -26.10
C VAL D 56 55.10 3.29 -24.73
N THR D 57 53.91 2.91 -24.27
CA THR D 57 53.40 3.30 -22.96
C THR D 57 54.25 2.66 -21.85
N GLU D 58 54.68 1.43 -22.13
CA GLU D 58 55.57 0.69 -21.23
C GLU D 58 56.99 1.29 -21.21
N ASP D 59 57.28 2.16 -22.19
CA ASP D 59 58.58 2.84 -22.35
C ASP D 59 58.70 4.22 -21.72
N ARG D 60 57.67 5.06 -21.86
CA ARG D 60 57.69 6.44 -21.40
C ARG D 60 57.64 6.59 -19.88
N THR D 61 58.28 7.64 -19.35
CA THR D 61 58.18 8.01 -17.94
C THR D 61 57.53 9.39 -17.74
N VAL D 62 56.64 9.46 -16.76
CA VAL D 62 55.92 10.70 -16.47
C VAL D 62 56.53 11.36 -15.25
N THR D 63 57.00 12.60 -15.35
CA THR D 63 57.68 13.24 -14.20
C THR D 63 56.99 14.50 -13.66
N GLY D 64 55.79 14.78 -14.15
CA GLY D 64 54.99 15.90 -13.68
C GLY D 64 53.60 15.73 -14.23
N VAL D 65 52.65 16.50 -13.70
CA VAL D 65 51.28 16.55 -14.22
C VAL D 65 50.81 17.99 -14.26
N THR D 66 50.15 18.38 -15.34
CA THR D 66 49.55 19.71 -15.43
C THR D 66 48.29 19.64 -16.25
N LEU D 67 47.35 20.53 -15.91
CA LEU D 67 46.08 20.66 -16.62
C LEU D 67 46.02 22.00 -17.39
N ARG D 68 47.19 22.59 -17.62
CA ARG D 68 47.31 23.77 -18.44
C ARG D 68 48.45 23.65 -19.42
N ALA D 69 48.11 23.67 -20.69
CA ALA D 69 49.07 23.37 -21.76
C ALA D 69 50.33 24.23 -21.67
N GLN D 70 50.14 25.50 -21.34
CA GLN D 70 51.22 26.48 -21.35
C GLN D 70 52.17 26.26 -20.19
N ASP D 71 51.76 25.41 -19.24
CA ASP D 71 52.62 25.10 -18.08
C ASP D 71 53.44 23.83 -18.23
N VAL D 72 53.26 23.04 -19.31
CA VAL D 72 53.92 21.75 -19.34
C VAL D 72 55.44 21.87 -19.49
N SER D 73 56.12 21.04 -18.73
CA SER D 73 57.54 20.91 -18.78
C SER D 73 57.78 19.50 -19.34
N PRO D 74 58.95 19.27 -19.97
CA PRO D 74 59.12 17.96 -20.62
C PRO D 74 58.95 16.84 -19.61
N GLY D 75 58.16 15.83 -19.98
CA GLY D 75 58.01 14.65 -19.17
C GLY D 75 56.67 14.58 -18.50
N ASP D 76 55.88 15.64 -18.68
CA ASP D 76 54.59 15.81 -18.01
C ASP D 76 53.49 15.09 -18.71
N LEU D 77 52.50 14.65 -17.94
CA LEU D 77 51.21 14.22 -18.46
C LEU D 77 50.37 15.49 -18.58
N PHE D 78 49.82 15.75 -19.76
CA PHE D 78 48.88 16.85 -19.92
C PHE D 78 47.47 16.33 -19.76
N ALA D 79 46.78 16.88 -18.75
CA ALA D 79 45.39 16.54 -18.55
C ALA D 79 44.55 17.52 -19.38
N ALA D 80 44.05 17.05 -20.52
CA ALA D 80 43.15 17.85 -21.34
C ALA D 80 41.68 17.72 -20.86
N LEU D 81 41.21 18.71 -20.10
CA LEU D 81 39.91 18.59 -19.46
C LEU D 81 38.82 19.37 -20.14
N THR D 82 37.57 18.96 -19.97
CA THR D 82 36.48 19.79 -20.46
C THR D 82 36.21 20.80 -19.34
N GLY D 83 35.73 21.97 -19.70
CA GLY D 83 35.44 23.02 -18.71
C GLY D 83 34.28 23.86 -19.18
N SER D 84 33.91 24.85 -18.37
CA SER D 84 32.75 25.70 -18.67
C SER D 84 33.00 26.59 -19.87
N THR D 85 34.26 26.88 -20.16
CA THR D 85 34.54 27.85 -21.21
C THR D 85 35.29 27.31 -22.44
N THR D 86 35.99 26.20 -22.31
CA THR D 86 36.61 25.54 -23.46
C THR D 86 36.99 24.09 -23.12
N HIS D 87 37.74 23.43 -24.00
CA HIS D 87 38.24 22.10 -23.75
C HIS D 87 39.72 22.11 -23.95
N GLY D 88 40.44 21.65 -22.92
CA GLY D 88 41.90 21.55 -22.93
C GLY D 88 42.49 20.77 -24.09
N ALA D 89 41.71 19.85 -24.66
CA ALA D 89 42.19 19.05 -25.79
C ALA D 89 42.53 19.90 -27.00
N ARG D 90 41.93 21.09 -27.09
CA ARG D 90 42.25 22.06 -28.15
C ARG D 90 43.64 22.68 -28.00
N HIS D 91 44.31 22.44 -26.88
CA HIS D 91 45.67 22.94 -26.63
C HIS D 91 46.72 21.82 -26.56
N VAL D 92 46.34 20.65 -27.03
CA VAL D 92 47.22 19.51 -27.09
C VAL D 92 48.50 19.74 -27.92
N GLY D 93 48.37 20.36 -29.08
CA GLY D 93 49.54 20.71 -29.86
C GLY D 93 50.56 21.46 -29.03
N ASP D 94 50.10 22.43 -28.25
CA ASP D 94 50.98 23.30 -27.47
C ASP D 94 51.67 22.52 -26.39
N ALA D 95 50.91 21.69 -25.70
CA ALA D 95 51.46 20.74 -24.72
C ALA D 95 52.51 19.83 -25.32
N ILE D 96 52.21 19.22 -26.46
CA ILE D 96 53.13 18.31 -27.10
C ILE D 96 54.44 19.02 -27.42
N ALA D 97 54.37 20.30 -27.82
CA ALA D 97 55.57 21.06 -28.19
C ALA D 97 56.41 21.50 -26.99
N ARG D 98 55.76 21.65 -25.83
CA ARG D 98 56.49 22.00 -24.60
C ARG D 98 57.10 20.76 -23.91
N GLY D 99 56.91 19.59 -24.52
CA GLY D 99 57.57 18.36 -24.09
C GLY D 99 56.73 17.28 -23.44
N ALA D 100 55.42 17.47 -23.41
CA ALA D 100 54.52 16.51 -22.74
C ALA D 100 54.71 15.10 -23.29
N VAL D 101 54.82 14.09 -22.42
CA VAL D 101 55.06 12.70 -22.88
C VAL D 101 53.78 12.00 -23.25
N ALA D 102 52.64 12.51 -22.76
CA ALA D 102 51.35 11.87 -22.97
C ALA D 102 50.23 12.80 -22.58
N VAL D 103 49.00 12.37 -22.92
CA VAL D 103 47.79 13.17 -22.70
C VAL D 103 46.71 12.30 -22.04
N LEU D 104 46.03 12.87 -21.04
CA LEU D 104 44.86 12.25 -20.40
C LEU D 104 43.62 13.10 -20.66
N THR D 105 42.63 12.54 -21.33
CA THR D 105 41.42 13.29 -21.65
C THR D 105 40.14 12.39 -21.61
N ASP D 106 38.99 12.96 -21.92
CA ASP D 106 37.76 12.17 -22.01
C ASP D 106 37.38 11.89 -23.47
N PRO D 107 36.26 11.18 -23.71
CA PRO D 107 35.82 10.98 -25.08
C PRO D 107 35.62 12.28 -25.86
N ALA D 108 35.24 13.37 -25.21
CA ALA D 108 35.11 14.64 -25.96
C ALA D 108 36.47 15.13 -26.39
N GLY D 109 37.45 14.94 -25.50
CA GLY D 109 38.85 15.17 -25.82
C GLY D 109 39.31 14.44 -27.06
N VAL D 110 39.03 13.14 -27.16
CA VAL D 110 39.48 12.43 -28.35
C VAL D 110 38.86 13.00 -29.63
N ALA D 111 37.61 13.45 -29.54
CA ALA D 111 36.91 14.07 -30.65
C ALA D 111 37.63 15.33 -31.11
N GLU D 112 38.10 16.17 -30.18
CA GLU D 112 38.83 17.39 -30.56
C GLU D 112 40.18 17.07 -31.17
N ILE D 113 40.85 16.07 -30.64
CA ILE D 113 42.18 15.71 -31.13
C ILE D 113 42.09 15.12 -32.53
N ALA D 114 40.89 14.62 -32.88
CA ALA D 114 40.66 13.77 -34.04
C ALA D 114 41.66 12.62 -34.01
N GLY D 115 42.37 12.41 -35.12
CA GLY D 115 43.38 11.36 -35.22
C GLY D 115 44.68 11.72 -34.49
N ARG D 116 45.80 11.24 -35.04
CA ARG D 116 47.10 11.28 -34.38
C ARG D 116 47.53 12.60 -33.69
N ALA D 117 47.68 12.52 -32.36
CA ALA D 117 48.59 13.37 -31.64
C ALA D 117 49.89 12.56 -31.66
N ALA D 118 51.04 13.21 -31.60
CA ALA D 118 52.31 12.48 -31.62
C ALA D 118 52.64 11.68 -30.35
N VAL D 119 51.88 11.86 -29.28
CA VAL D 119 52.10 11.12 -28.04
C VAL D 119 50.88 10.26 -27.70
N PRO D 120 51.03 9.30 -26.76
CA PRO D 120 49.91 8.47 -26.32
C PRO D 120 48.77 9.28 -25.73
N VAL D 121 47.56 8.98 -26.15
CA VAL D 121 46.39 9.61 -25.54
C VAL D 121 45.60 8.59 -24.68
N LEU D 122 45.56 8.85 -23.36
CA LEU D 122 44.77 8.08 -22.43
C LEU D 122 43.37 8.67 -22.27
N VAL D 123 42.35 7.85 -22.47
CA VAL D 123 40.98 8.27 -22.43
C VAL D 123 40.37 7.68 -21.17
N HIS D 124 39.66 8.51 -20.43
CA HIS D 124 38.98 8.08 -19.21
C HIS D 124 37.67 8.82 -19.21
N PRO D 125 36.56 8.16 -18.81
CA PRO D 125 35.36 9.00 -18.64
C PRO D 125 35.72 9.74 -17.39
N ALA D 126 35.13 10.87 -17.07
CA ALA D 126 35.51 11.47 -15.76
C ALA D 126 37.03 11.56 -15.38
N PRO D 127 37.90 12.14 -16.27
CA PRO D 127 39.31 12.36 -15.92
C PRO D 127 39.50 13.15 -14.61
N ARG D 128 38.87 14.31 -14.54
CA ARG D 128 38.93 15.15 -13.33
C ARG D 128 38.69 14.36 -12.04
N GLY D 129 37.85 13.33 -12.09
CA GLY D 129 37.52 12.55 -10.90
C GLY D 129 38.61 11.58 -10.48
N VAL D 130 39.75 11.65 -11.15
CA VAL D 130 40.79 10.67 -10.99
C VAL D 130 42.15 11.32 -11.09
N LEU D 131 42.15 12.57 -11.56
CA LEU D 131 43.34 13.39 -11.71
C LEU D 131 44.17 13.54 -10.44
N GLY D 132 43.51 13.85 -9.32
CA GLY D 132 44.22 14.04 -8.04
C GLY D 132 45.11 12.88 -7.63
N GLY D 133 44.55 11.66 -7.72
CA GLY D 133 45.28 10.41 -7.48
C GLY D 133 46.46 10.20 -8.41
N LEU D 134 46.26 10.44 -9.71
CA LEU D 134 47.36 10.39 -10.66
C LEU D 134 48.48 11.35 -10.20
N ALA D 135 48.14 12.61 -9.96
CA ALA D 135 49.11 13.62 -9.54
C ALA D 135 49.81 13.25 -8.24
N ALA D 136 49.05 12.70 -7.32
CA ALA D 136 49.62 12.26 -6.06
C ALA D 136 50.58 11.09 -6.27
N THR D 137 50.29 10.23 -7.25
CA THR D 137 51.20 9.15 -7.60
C THR D 137 52.47 9.72 -8.18
N VAL D 138 52.38 10.59 -9.17
CA VAL D 138 53.64 10.99 -9.79
C VAL D 138 54.50 11.83 -8.88
N TYR D 139 53.89 12.54 -7.94
CA TYR D 139 54.70 13.38 -7.05
C TYR D 139 55.08 12.70 -5.75
N GLY D 140 54.89 11.38 -5.68
CA GLY D 140 55.31 10.56 -4.53
C GLY D 140 54.48 10.78 -3.27
N HIS D 141 53.21 11.06 -3.42
CA HIS D 141 52.34 11.22 -2.26
C HIS D 141 52.94 12.12 -1.19
N PRO D 142 53.27 13.36 -1.57
CA PRO D 142 53.86 14.32 -0.63
C PRO D 142 53.04 14.52 0.64
N SER D 143 51.71 14.45 0.56
CA SER D 143 50.91 14.74 1.76
C SER D 143 50.95 13.64 2.80
N GLU D 144 51.64 12.54 2.49
CA GLU D 144 51.93 11.51 3.49
C GLU D 144 53.21 11.75 4.24
N ARG D 145 53.87 12.83 3.92
CA ARG D 145 55.15 13.18 4.49
C ARG D 145 55.06 14.57 5.10
N LEU D 146 53.85 15.10 5.22
CA LEU D 146 53.63 16.43 5.75
C LEU D 146 52.43 16.35 6.63
N THR D 147 52.20 17.38 7.43
CA THR D 147 50.98 17.49 8.20
C THR D 147 50.20 18.58 7.45
N VAL D 148 49.10 18.20 6.84
CA VAL D 148 48.36 19.13 6.03
C VAL D 148 47.11 19.46 6.81
N ILE D 149 46.91 20.74 7.01
CA ILE D 149 45.74 21.21 7.72
C ILE D 149 44.88 21.89 6.68
N GLY D 150 43.64 21.47 6.58
CA GLY D 150 42.72 22.14 5.67
C GLY D 150 41.68 22.93 6.43
N ILE D 151 41.37 24.13 5.96
CA ILE D 151 40.36 24.94 6.64
C ILE D 151 39.25 25.35 5.66
N THR D 152 38.02 25.02 6.01
CA THR D 152 36.90 25.38 5.15
C THR D 152 35.81 26.21 5.88
N GLY D 153 34.89 26.76 5.10
CA GLY D 153 33.82 27.58 5.64
C GLY D 153 33.63 28.85 4.83
N THR D 154 32.46 29.46 4.98
CA THR D 154 32.12 30.66 4.21
C THR D 154 33.09 31.83 4.46
N SER D 155 33.36 32.16 5.73
CA SER D 155 34.26 33.26 6.11
C SER D 155 35.35 32.74 7.00
N GLY D 156 36.46 33.46 7.06
CA GLY D 156 37.47 33.25 8.11
C GLY D 156 38.52 32.20 7.80
N LYS D 157 38.42 31.60 6.60
CA LYS D 157 39.46 30.67 6.14
C LYS D 157 40.84 31.30 6.10
N THR D 158 40.99 32.42 5.40
CA THR D 158 42.25 33.15 5.31
C THR D 158 42.82 33.48 6.71
N THR D 159 42.00 34.16 7.50
CA THR D 159 42.42 34.63 8.82
C THR D 159 42.88 33.46 9.68
N THR D 160 42.11 32.36 9.64
CA THR D 160 42.45 31.23 10.45
C THR D 160 43.75 30.59 9.95
N THR D 161 43.95 30.49 8.64
CA THR D 161 45.22 29.95 8.12
C THR D 161 46.39 30.85 8.53
N TYR D 162 46.15 32.16 8.55
CA TYR D 162 47.21 33.06 8.99
C TYR D 162 47.59 32.87 10.46
N LEU D 163 46.59 32.66 11.31
CA LEU D 163 46.85 32.53 12.73
C LEU D 163 47.55 31.22 13.02
N VAL D 164 47.15 30.15 12.34
CA VAL D 164 47.81 28.87 12.50
C VAL D 164 49.27 29.04 12.06
N GLU D 165 49.48 29.60 10.88
CA GLU D 165 50.82 29.71 10.36
C GLU D 165 51.70 30.57 11.28
N ALA D 166 51.06 31.53 11.92
CA ALA D 166 51.72 32.43 12.87
C ALA D 166 52.22 31.68 14.10
N GLY D 167 51.35 30.79 14.61
CA GLY D 167 51.62 29.96 15.78
C GLY D 167 52.73 28.98 15.51
N LEU D 168 52.59 28.27 14.40
CA LEU D 168 53.61 27.33 13.95
C LEU D 168 55.04 27.93 13.86
N ARG D 169 55.15 29.13 13.29
CA ARG D 169 56.41 29.86 13.27
C ARG D 169 56.90 30.15 14.66
N ALA D 170 56.04 30.64 15.55
CA ALA D 170 56.46 30.97 16.91
C ALA D 170 57.01 29.74 17.62
N ALA D 171 56.39 28.59 17.43
CA ALA D 171 56.90 27.35 17.98
C ALA D 171 58.14 26.84 17.25
N GLY D 172 58.49 27.47 16.14
CA GLY D 172 59.69 27.12 15.43
C GLY D 172 59.55 25.93 14.52
N ARG D 173 58.32 25.63 14.12
CA ARG D 173 58.09 24.64 13.07
C ARG D 173 58.38 25.27 11.70
N VAL D 174 58.68 24.45 10.70
CA VAL D 174 58.85 24.93 9.33
C VAL D 174 57.50 24.73 8.65
N ALA D 175 56.81 25.84 8.36
CA ALA D 175 55.44 25.80 7.92
C ALA D 175 55.29 26.32 6.51
N GLY D 176 54.22 25.88 5.86
CA GLY D 176 53.80 26.43 4.58
C GLY D 176 52.32 26.81 4.62
N LEU D 177 51.97 27.86 3.89
CA LEU D 177 50.60 28.35 3.83
C LEU D 177 50.16 28.43 2.37
N ILE D 178 48.91 28.00 2.11
CA ILE D 178 48.33 28.02 0.76
C ILE D 178 46.93 28.59 0.89
N GLY D 179 46.65 29.66 0.16
CA GLY D 179 45.34 30.31 0.18
C GLY D 179 45.17 31.42 -0.83
N THR D 180 44.20 32.29 -0.57
CA THR D 180 43.79 33.36 -1.51
C THR D 180 44.81 34.47 -1.71
N ILE D 181 45.64 34.73 -0.72
CA ILE D 181 46.62 35.80 -0.83
C ILE D 181 47.89 35.29 -1.55
N GLY D 182 48.14 34.00 -1.40
CA GLY D 182 49.22 33.34 -2.13
C GLY D 182 49.77 32.14 -1.40
N ILE D 183 51.02 31.85 -1.67
CA ILE D 183 51.67 30.68 -1.12
C ILE D 183 52.83 31.23 -0.31
N ARG D 184 53.03 30.66 0.87
CA ARG D 184 54.20 30.97 1.70
C ARG D 184 54.96 29.74 2.14
N VAL D 185 56.26 29.73 1.86
CA VAL D 185 57.14 28.64 2.23
C VAL D 185 58.40 29.33 2.67
N GLY D 186 58.83 29.04 3.90
CA GLY D 186 60.10 29.58 4.40
C GLY D 186 60.23 31.06 4.07
N GLY D 187 61.38 31.41 3.49
CA GLY D 187 61.69 32.82 3.19
C GLY D 187 60.89 33.37 2.01
N ALA D 188 60.33 32.45 1.21
CA ALA D 188 59.66 32.84 -0.03
C ALA D 188 58.16 33.07 0.17
N ASP D 189 57.64 34.02 -0.61
CA ASP D 189 56.22 34.30 -0.67
C ASP D 189 55.83 34.59 -2.13
N LEU D 190 54.90 33.80 -2.68
CA LEU D 190 54.56 33.83 -4.10
C LEU D 190 53.07 33.71 -4.35
N PRO D 191 52.55 34.33 -5.43
CA PRO D 191 51.09 34.45 -5.62
C PRO D 191 50.45 33.17 -6.19
N SER D 192 49.11 33.14 -6.20
CA SER D 192 48.31 32.01 -6.70
C SER D 192 47.05 32.47 -7.44
N ALA D 193 46.61 31.68 -8.41
CA ALA D 193 45.40 31.96 -9.18
C ALA D 193 44.11 31.73 -8.37
N LEU D 194 44.14 30.75 -7.49
CA LEU D 194 42.94 30.29 -6.80
C LEU D 194 43.12 30.15 -5.27
N THR D 195 42.01 30.26 -4.56
CA THR D 195 42.02 30.01 -3.13
C THR D 195 42.57 28.59 -2.88
N THR D 196 42.09 27.62 -3.63
CA THR D 196 42.70 26.29 -3.61
C THR D 196 43.19 25.89 -5.02
N PRO D 197 44.48 25.53 -5.15
CA PRO D 197 44.95 25.16 -6.49
C PRO D 197 44.34 23.86 -7.00
N GLU D 198 44.43 23.67 -8.32
CA GLU D 198 44.08 22.40 -8.93
C GLU D 198 44.98 21.24 -8.44
N ALA D 199 44.46 20.02 -8.48
CA ALA D 199 45.16 18.83 -7.98
C ALA D 199 46.62 18.74 -8.40
N PRO D 200 46.91 18.86 -9.71
CA PRO D 200 48.30 18.75 -10.15
C PRO D 200 49.22 19.82 -9.57
N THR D 201 48.76 21.08 -9.50
CA THR D 201 49.52 22.15 -8.86
C THR D 201 49.71 21.89 -7.37
N LEU D 202 48.60 21.69 -6.67
CA LEU D 202 48.65 21.35 -5.26
C LEU D 202 49.70 20.21 -4.97
N GLN D 203 49.59 19.07 -5.68
CA GLN D 203 50.47 17.96 -5.35
C GLN D 203 51.92 18.40 -5.59
N ALA D 204 52.14 19.16 -6.66
CA ALA D 204 53.49 19.61 -7.02
C ALA D 204 54.06 20.56 -5.96
N MET D 205 53.24 21.48 -5.47
CA MET D 205 53.64 22.39 -4.41
C MET D 205 54.03 21.64 -3.15
N LEU D 206 53.18 20.71 -2.73
CA LEU D 206 53.42 19.90 -1.54
C LEU D 206 54.71 19.10 -1.73
N ALA D 207 54.89 18.53 -2.92
CA ALA D 207 56.12 17.84 -3.21
C ALA D 207 57.34 18.80 -3.05
N ALA D 208 57.21 20.02 -3.57
CA ALA D 208 58.27 21.01 -3.48
C ALA D 208 58.56 21.31 -2.00
N MET D 209 57.49 21.50 -1.25
CA MET D 209 57.59 21.73 0.17
C MET D 209 58.34 20.60 0.89
N VAL D 210 58.07 19.36 0.49
CA VAL D 210 58.77 18.21 1.09
C VAL D 210 60.29 18.32 0.85
N GLU D 211 60.68 18.60 -0.39
CA GLU D 211 62.08 18.83 -0.71
C GLU D 211 62.66 19.98 0.12
N ARG D 212 61.90 21.05 0.30
CA ARG D 212 62.36 22.20 1.06
C ARG D 212 62.32 21.94 2.56
N GLY D 213 62.01 20.71 2.98
CA GLY D 213 61.99 20.38 4.40
C GLY D 213 60.87 21.02 5.22
N VAL D 214 59.77 21.39 4.59
CA VAL D 214 58.61 21.89 5.35
C VAL D 214 58.01 20.70 6.12
N ASP D 215 57.50 20.91 7.32
CA ASP D 215 56.88 19.77 8.02
C ASP D 215 55.39 19.93 8.28
N THR D 216 54.86 21.15 8.21
CA THR D 216 53.42 21.37 8.37
C THR D 216 52.97 22.43 7.39
N VAL D 217 51.81 22.19 6.77
CA VAL D 217 51.22 23.05 5.75
C VAL D 217 49.78 23.37 6.14
N VAL D 218 49.43 24.65 6.20
CA VAL D 218 48.05 25.05 6.45
C VAL D 218 47.41 25.57 5.14
N MET D 219 46.13 25.24 4.91
CA MET D 219 45.46 25.43 3.61
C MET D 219 44.02 25.93 3.70
N GLU D 220 43.70 26.93 2.89
CA GLU D 220 42.28 27.15 2.60
C GLU D 220 41.80 26.05 1.64
N VAL D 221 40.70 25.41 2.03
CA VAL D 221 40.01 24.44 1.17
C VAL D 221 38.63 25.00 0.88
N SER D 222 38.45 25.51 -0.34
CA SER D 222 37.20 26.13 -0.76
C SER D 222 36.17 25.09 -1.11
N SER D 223 34.89 25.42 -1.03
CA SER D 223 33.89 24.41 -1.44
C SER D 223 33.94 24.05 -2.93
N HIS D 224 34.49 24.93 -3.77
CA HIS D 224 34.78 24.62 -5.17
C HIS D 224 35.79 23.49 -5.26
N ALA D 225 36.82 23.60 -4.42
CA ALA D 225 37.92 22.67 -4.47
C ALA D 225 37.43 21.26 -4.20
N LEU D 226 36.53 21.14 -3.23
CA LEU D 226 35.94 19.86 -2.85
C LEU D 226 34.99 19.37 -3.95
N ALA D 227 34.09 20.23 -4.40
CA ALA D 227 33.22 19.79 -5.48
C ALA D 227 34.00 19.31 -6.72
N LEU D 228 35.13 19.95 -7.04
CA LEU D 228 35.78 19.73 -8.33
C LEU D 228 37.00 18.80 -8.28
N GLY D 229 37.22 18.17 -7.13
CA GLY D 229 38.31 17.20 -6.96
C GLY D 229 39.71 17.77 -6.84
N ARG D 230 39.81 19.06 -6.50
CA ARG D 230 41.11 19.69 -6.37
C ARG D 230 41.97 19.10 -5.23
N VAL D 231 41.34 18.61 -4.17
CA VAL D 231 42.10 18.06 -3.05
C VAL D 231 42.07 16.49 -2.98
N ASP D 232 41.79 15.85 -4.10
CA ASP D 232 41.54 14.42 -4.13
C ASP D 232 42.62 13.51 -3.61
N GLY D 233 43.86 13.74 -3.95
CA GLY D 233 44.88 12.80 -3.42
C GLY D 233 45.55 13.20 -2.10
N THR D 234 44.93 14.10 -1.33
CA THR D 234 45.61 14.71 -0.19
C THR D 234 45.18 14.11 1.13
N ARG D 235 46.12 13.70 1.98
CA ARG D 235 45.77 13.28 3.33
C ARG D 235 45.72 14.51 4.21
N PHE D 236 44.54 14.85 4.72
CA PHE D 236 44.46 15.93 5.67
C PHE D 236 44.67 15.38 7.08
N ALA D 237 45.59 15.97 7.86
CA ALA D 237 45.78 15.58 9.26
C ALA D 237 44.74 16.24 10.13
N VAL D 238 44.37 17.47 9.80
CA VAL D 238 43.32 18.22 10.49
C VAL D 238 42.41 18.83 9.43
N GLY D 239 41.10 18.80 9.64
CA GLY D 239 40.19 19.56 8.84
C GLY D 239 39.41 20.45 9.78
N ALA D 240 39.21 21.72 9.42
CA ALA D 240 38.49 22.68 10.29
C ALA D 240 37.39 23.43 9.56
N PHE D 241 36.30 23.66 10.27
CA PHE D 241 35.15 24.33 9.72
C PHE D 241 34.92 25.61 10.51
N THR D 242 34.95 26.74 9.83
CA THR D 242 34.69 28.03 10.49
C THR D 242 33.20 28.34 10.67
N ASN D 243 32.44 28.35 9.57
CA ASN D 243 31.04 28.79 9.61
C ASN D 243 30.49 28.69 8.22
N LEU D 244 29.18 28.93 8.08
CA LEU D 244 28.51 28.95 6.79
C LEU D 244 27.36 29.96 6.73
N SER D 245 27.32 30.73 5.66
CA SER D 245 26.22 31.63 5.36
C SER D 245 26.13 31.72 3.84
N ARG D 246 25.07 32.31 3.29
CA ARG D 246 24.88 32.16 1.84
C ARG D 246 25.95 32.84 0.95
N ASP D 247 26.60 31.99 0.16
CA ASP D 247 27.63 32.35 -0.81
C ASP D 247 27.64 31.25 -1.89
N HIS D 248 28.30 31.52 -3.02
CA HIS D 248 28.59 30.53 -4.05
C HIS D 248 27.38 29.78 -4.64
N LEU D 249 26.21 30.40 -4.58
CA LEU D 249 24.99 29.82 -5.14
C LEU D 249 24.88 29.95 -6.67
N ASP D 250 25.89 30.54 -7.30
CA ASP D 250 25.99 30.60 -8.75
C ASP D 250 26.82 29.40 -9.25
N PHE D 251 27.33 28.63 -8.30
CA PHE D 251 28.06 27.40 -8.58
C PHE D 251 27.34 26.18 -8.04
N HIS D 252 27.06 26.17 -6.73
CA HIS D 252 26.37 25.07 -6.09
C HIS D 252 24.89 25.27 -6.38
N PRO D 253 24.19 24.18 -6.76
CA PRO D 253 22.80 24.33 -7.14
C PRO D 253 21.89 24.72 -5.98
N SER D 254 22.38 24.58 -4.74
CA SER D 254 21.58 24.91 -3.55
C SER D 254 22.44 25.04 -2.28
N MET D 255 21.86 25.58 -1.22
CA MET D 255 22.52 25.70 0.07
C MET D 255 22.90 24.34 0.65
N ALA D 256 22.06 23.34 0.40
CA ALA D 256 22.34 21.98 0.84
C ALA D 256 23.62 21.51 0.19
N ASP D 257 23.65 21.55 -1.15
CA ASP D 257 24.82 21.18 -1.92
C ASP D 257 26.09 21.87 -1.43
N TYR D 258 25.95 23.15 -1.09
CA TYR D 258 27.05 23.93 -0.57
C TYR D 258 27.54 23.29 0.73
N PHE D 259 26.61 23.01 1.64
CA PHE D 259 26.95 22.37 2.89
C PHE D 259 27.61 21.02 2.64
N GLU D 260 27.00 20.22 1.75
CA GLU D 260 27.49 18.89 1.43
C GLU D 260 28.90 18.84 0.87
N ALA D 261 29.23 19.76 -0.03
CA ALA D 261 30.59 19.85 -0.52
C ALA D 261 31.59 20.03 0.64
N ALA D 263 31.04 19.15 3.72
CA ALA D 263 30.99 17.99 4.59
C ALA D 263 31.99 16.89 4.19
N SER D 264 32.36 16.85 2.92
CA SER D 264 33.39 15.91 2.43
C SER D 264 34.57 15.78 3.41
N LEU D 265 34.87 16.86 4.12
CA LEU D 265 36.07 16.91 4.90
C LEU D 265 35.86 16.31 6.27
N PHE D 266 34.62 16.05 6.64
CA PHE D 266 34.26 15.82 8.05
C PHE D 266 33.53 14.54 8.29
N ASP D 267 32.79 14.08 7.27
CA ASP D 267 32.06 12.82 7.36
C ASP D 267 33.03 11.68 7.58
N PRO D 268 32.84 10.89 8.66
CA PRO D 268 33.82 9.88 9.00
C PRO D 268 34.02 8.92 7.86
N ASP D 269 32.96 8.58 7.16
CA ASP D 269 33.05 7.59 6.09
C ASP D 269 33.55 8.18 4.78
N SER D 270 33.69 9.51 4.73
CA SER D 270 34.06 10.23 3.52
C SER D 270 35.51 9.97 3.08
N ALA D 271 35.71 9.82 1.78
CA ALA D 271 37.04 9.65 1.21
C ALA D 271 37.96 10.78 1.58
N LEU D 272 37.45 11.99 1.80
CA LEU D 272 38.31 13.11 2.23
C LEU D 272 38.30 13.41 3.73
N ARG D 273 37.72 12.53 4.56
CA ARG D 273 37.73 12.75 6.01
C ARG D 273 39.15 13.12 6.48
N ALA D 274 39.28 14.22 7.19
CA ALA D 274 40.55 14.59 7.80
C ALA D 274 40.71 13.72 9.02
N ARG D 275 41.96 13.46 9.37
CA ARG D 275 42.30 12.62 10.51
C ARG D 275 41.54 13.15 11.74
N THR D 276 41.64 14.46 12.01
CA THR D 276 40.96 15.03 13.17
C THR D 276 40.21 16.30 12.77
N ALA D 277 39.01 16.47 13.32
CA ALA D 277 38.09 17.54 12.91
C ALA D 277 37.92 18.63 13.96
N VAL D 278 38.13 19.88 13.57
CA VAL D 278 37.92 21.03 14.46
C VAL D 278 36.72 21.77 13.91
N VAL D 279 35.68 21.97 14.71
CA VAL D 279 34.46 22.58 14.18
C VAL D 279 33.97 23.70 15.08
N CYS D 280 33.82 24.89 14.53
CA CYS D 280 33.16 25.96 15.24
C CYS D 280 31.66 25.72 15.26
N ILE D 281 31.08 25.69 16.47
CA ILE D 281 29.64 25.76 16.66
C ILE D 281 29.20 27.17 16.30
N ASP D 282 28.39 27.81 17.14
CA ASP D 282 28.11 29.24 16.99
C ASP D 282 27.19 29.51 15.80
N ASP D 283 26.99 28.51 14.98
CA ASP D 283 26.38 28.65 13.68
C ASP D 283 25.48 27.45 13.66
N ASP D 284 24.33 27.55 13.03
CA ASP D 284 23.51 26.37 12.82
C ASP D 284 24.24 25.36 11.98
N ALA D 285 24.82 25.81 10.87
CA ALA D 285 25.68 24.97 10.02
C ALA D 285 26.84 24.36 10.83
N GLY D 286 27.48 25.16 11.68
CA GLY D 286 28.58 24.68 12.49
C GLY D 286 28.17 23.48 13.31
N ARG D 287 26.99 23.61 13.91
CA ARG D 287 26.46 22.64 14.84
C ARG D 287 26.14 21.35 14.12
N ALA D 288 25.67 21.51 12.87
CA ALA D 288 25.36 20.40 12.02
C ALA D 288 26.65 19.63 11.61
N MET D 289 27.73 20.36 11.30
CA MET D 289 29.00 19.73 10.96
C MET D 289 29.60 18.92 12.11
N ALA D 290 29.56 19.49 13.33
CA ALA D 290 30.10 18.78 14.51
C ALA D 290 29.47 17.37 14.64
N ALA D 291 28.14 17.32 14.58
CA ALA D 291 27.36 16.08 14.53
C ALA D 291 27.75 15.19 13.37
N ARG D 292 28.01 15.79 12.22
CA ARG D 292 28.44 15.00 11.08
C ARG D 292 29.79 14.33 11.35
N ALA D 293 30.77 15.10 11.84
CA ALA D 293 32.07 14.52 12.16
C ALA D 293 31.99 13.51 13.29
N ALA D 294 30.96 13.62 14.15
CA ALA D 294 30.72 12.69 15.27
C ALA D 294 31.73 12.78 16.43
N ASP D 295 32.98 13.16 16.14
CA ASP D 295 34.03 13.31 17.15
C ASP D 295 34.84 14.56 16.86
N ALA D 296 34.18 15.64 16.48
CA ALA D 296 34.92 16.87 16.24
C ALA D 296 35.39 17.49 17.56
N ILE D 297 36.53 18.16 17.51
CA ILE D 297 36.88 19.07 18.59
C ILE D 297 36.04 20.34 18.34
N THR D 298 35.11 20.64 19.24
CA THR D 298 34.24 21.80 19.05
C THR D 298 34.81 23.08 19.66
N VAL D 299 34.44 24.19 19.05
CA VAL D 299 34.98 25.51 19.38
C VAL D 299 33.85 26.55 19.44
N SER D 300 33.77 27.31 20.52
CA SER D 300 32.72 28.33 20.60
C SER D 300 33.20 29.62 21.21
N ALA D 301 32.94 30.72 20.53
CA ALA D 301 33.21 32.03 21.12
C ALA D 301 31.93 32.73 21.58
N ALA D 302 30.81 31.99 21.58
CA ALA D 302 29.50 32.58 21.78
C ALA D 302 28.76 31.90 22.92
N ASP D 303 29.51 31.49 23.95
CA ASP D 303 28.92 31.04 25.20
C ASP D 303 28.14 29.71 25.13
N ARG D 304 28.43 28.88 24.12
CA ARG D 304 27.90 27.52 24.06
C ARG D 304 28.98 26.54 24.53
N PRO D 305 28.58 25.39 25.11
CA PRO D 305 29.63 24.54 25.64
C PRO D 305 30.37 23.88 24.49
N ALA D 306 31.70 23.89 24.58
CA ALA D 306 32.54 23.31 23.54
C ALA D 306 33.88 22.94 24.16
N HIS D 307 34.70 22.22 23.41
CA HIS D 307 36.00 21.85 23.91
C HIS D 307 36.85 23.08 24.14
N TRP D 308 36.75 24.07 23.27
CA TRP D 308 37.40 25.36 23.49
C TRP D 308 36.38 26.45 23.62
N ARG D 309 36.55 27.32 24.60
CA ARG D 309 35.66 28.44 24.81
C ARG D 309 36.44 29.71 25.05
N ALA D 310 35.84 30.85 24.72
CA ALA D 310 36.44 32.15 25.00
C ALA D 310 35.70 32.85 26.13
N THR D 311 36.44 33.46 27.05
CA THR D 311 35.84 34.25 28.12
C THR D 311 36.66 35.51 28.35
N ASP D 312 36.07 36.48 29.05
CA ASP D 312 36.75 37.76 29.37
C ASP D 312 37.23 38.47 28.11
N VAL D 313 36.37 38.54 27.08
CA VAL D 313 36.69 39.22 25.83
C VAL D 313 36.72 40.74 26.05
N ALA D 314 37.90 41.31 25.89
CA ALA D 314 38.10 42.73 26.12
C ALA D 314 38.74 43.37 24.90
N PRO D 315 38.21 44.53 24.48
CA PRO D 315 38.91 45.23 23.42
C PRO D 315 40.10 45.96 24.02
N THR D 316 41.10 46.28 23.20
CA THR D 316 42.24 47.06 23.68
C THR D 316 42.54 48.25 22.76
N ASP D 317 43.24 49.25 23.29
CA ASP D 317 43.78 50.32 22.43
C ASP D 317 44.57 49.70 21.27
N ALA D 318 44.81 50.49 20.23
CA ALA D 318 45.40 49.97 18.98
C ALA D 318 44.56 48.88 18.33
N GLY D 319 43.23 49.00 18.43
CA GLY D 319 42.27 48.14 17.70
C GLY D 319 42.40 46.64 17.87
N GLY D 320 42.82 46.18 19.04
CA GLY D 320 43.01 44.76 19.28
C GLY D 320 42.06 44.19 20.31
N GLN D 321 42.27 42.92 20.61
CA GLN D 321 41.34 42.18 21.46
C GLN D 321 42.14 41.27 22.36
N GLN D 322 41.77 41.19 23.64
CA GLN D 322 42.28 40.09 24.48
C GLN D 322 41.19 39.28 25.23
N PHE D 323 41.38 37.96 25.29
CA PHE D 323 40.39 37.08 25.89
C PHE D 323 41.09 35.92 26.57
N THR D 324 40.35 35.12 27.33
CA THR D 324 40.88 33.89 27.92
C THR D 324 40.35 32.74 27.11
N ALA D 325 41.25 31.89 26.64
CA ALA D 325 40.86 30.69 25.92
C ALA D 325 40.89 29.50 26.89
N ILE D 326 39.76 28.82 27.02
CA ILE D 326 39.72 27.64 27.90
C ILE D 326 39.89 26.33 27.11
N ASP D 327 40.92 25.56 27.39
CA ASP D 327 41.14 24.35 26.61
C ASP D 327 40.19 23.21 27.03
N PRO D 328 40.20 22.07 26.32
CA PRO D 328 39.34 20.95 26.73
C PRO D 328 39.62 20.43 28.14
N ALA D 329 40.82 20.66 28.68
CA ALA D 329 41.14 20.25 30.06
C ALA D 329 40.52 21.22 31.06
N GLY D 330 39.98 22.33 30.58
CA GLY D 330 39.43 23.36 31.43
C GLY D 330 40.44 24.40 31.88
N VAL D 331 41.64 24.42 31.28
CA VAL D 331 42.59 25.45 31.68
C VAL D 331 42.54 26.68 30.79
N GLY D 332 42.54 27.86 31.41
CA GLY D 332 42.53 29.12 30.69
C GLY D 332 43.92 29.57 30.23
N HIS D 333 43.94 30.21 29.04
CA HIS D 333 45.14 30.81 28.47
C HIS D 333 44.90 32.25 28.06
N HIS D 334 45.82 33.14 28.47
CA HIS D 334 45.74 34.53 28.09
C HIS D 334 46.17 34.74 26.67
N ILE D 335 45.20 35.09 25.82
CA ILE D 335 45.44 35.29 24.40
C ILE D 335 45.25 36.76 24.08
N GLY D 336 46.10 37.28 23.21
CA GLY D 336 45.94 38.63 22.67
C GLY D 336 46.11 38.60 21.17
N ILE D 337 45.28 39.38 20.49
CA ILE D 337 45.12 39.30 19.04
C ILE D 337 44.90 40.70 18.45
N ARG D 338 45.54 40.91 17.30
CA ARG D 338 45.55 42.22 16.61
C ARG D 338 44.26 42.47 15.83
N LEU D 339 43.39 41.48 15.75
CA LEU D 339 42.18 41.57 14.92
C LEU D 339 40.92 41.82 15.77
N PRO D 340 40.01 42.68 15.27
CA PRO D 340 38.78 42.94 16.04
C PRO D 340 37.61 42.02 15.67
N GLY D 341 36.54 42.05 16.47
CA GLY D 341 35.32 41.29 16.20
C GLY D 341 35.21 39.94 16.90
N ARG D 342 34.00 39.61 17.35
CA ARG D 342 33.73 38.34 18.02
C ARG D 342 34.11 37.16 17.16
N TYR D 343 33.90 37.26 15.86
CA TYR D 343 34.13 36.11 15.00
C TYR D 343 35.62 35.90 14.79
N ASN D 344 36.40 36.95 15.01
CA ASN D 344 37.86 36.79 15.00
C ASN D 344 38.38 36.13 16.26
N VAL D 345 37.62 36.22 17.33
CA VAL D 345 37.90 35.43 18.52
C VAL D 345 37.60 33.95 18.23
N ALA D 346 36.51 33.68 17.51
CA ALA D 346 36.19 32.34 17.04
C ALA D 346 37.31 31.80 16.15
N ASN D 347 37.78 32.62 15.20
CA ASN D 347 38.90 32.23 14.32
C ASN D 347 40.13 31.82 15.12
N CYS D 348 40.43 32.60 16.15
CA CYS D 348 41.60 32.33 16.99
C CYS D 348 41.42 31.06 17.81
N LEU D 349 40.20 30.84 18.29
CA LEU D 349 39.92 29.57 18.96
C LEU D 349 40.16 28.36 18.02
N VAL D 350 39.61 28.42 16.81
CA VAL D 350 39.87 27.41 15.81
C VAL D 350 41.39 27.25 15.63
N ALA D 351 42.10 28.37 15.46
CA ALA D 351 43.55 28.28 15.34
C ALA D 351 44.17 27.52 16.52
N LEU D 352 43.82 27.90 17.75
CA LEU D 352 44.38 27.23 18.93
C LEU D 352 44.05 25.74 19.01
N ALA D 353 42.82 25.38 18.69
CA ALA D 353 42.42 23.98 18.60
C ALA D 353 43.27 23.21 17.55
N ILE D 354 43.39 23.76 16.35
CA ILE D 354 44.24 23.15 15.33
C ILE D 354 45.65 23.01 15.85
N LEU D 355 46.25 24.13 16.26
CA LEU D 355 47.62 24.15 16.78
C LEU D 355 47.90 23.12 17.86
N ASP D 356 46.98 23.00 18.82
CA ASP D 356 47.12 22.00 19.87
C ASP D 356 47.18 20.56 19.38
N THR D 357 46.23 20.17 18.52
CA THR D 357 46.20 18.78 18.04
C THR D 357 47.43 18.47 17.22
N VAL D 358 48.09 19.51 16.74
CA VAL D 358 49.25 19.36 15.90
C VAL D 358 50.52 19.55 16.73
N GLY D 359 50.34 19.69 18.05
CA GLY D 359 51.45 19.70 18.99
C GLY D 359 52.06 21.07 19.24
N VAL D 360 51.27 22.13 19.12
CA VAL D 360 51.70 23.48 19.53
C VAL D 360 50.74 24.03 20.60
N SER D 361 51.26 24.34 21.78
CA SER D 361 50.45 24.78 22.89
C SER D 361 50.15 26.27 22.76
N PRO D 362 49.06 26.73 23.40
CA PRO D 362 48.81 28.19 23.44
C PRO D 362 50.04 29.04 23.87
N GLU D 363 50.78 28.58 24.86
CA GLU D 363 51.93 29.34 25.37
C GLU D 363 52.94 29.54 24.27
N GLN D 364 53.21 28.45 23.56
CA GLN D 364 54.12 28.48 22.44
C GLN D 364 53.58 29.31 21.28
N ALA D 365 52.26 29.39 21.16
CA ALA D 365 51.65 29.98 19.98
C ALA D 365 51.49 31.49 20.12
N VAL D 366 51.24 31.94 21.35
CA VAL D 366 50.70 33.27 21.56
C VAL D 366 51.58 34.44 21.05
N PRO D 367 52.94 34.31 21.09
CA PRO D 367 53.74 35.42 20.53
C PRO D 367 53.44 35.71 19.07
N GLY D 368 53.20 34.67 18.29
CA GLY D 368 52.86 34.85 16.89
C GLY D 368 51.44 35.34 16.62
N LEU D 369 50.52 35.14 17.56
CA LEU D 369 49.12 35.55 17.38
C LEU D 369 48.91 36.98 17.84
N ARG D 370 49.62 37.34 18.90
CA ARG D 370 49.69 38.68 19.44
C ARG D 370 49.91 39.71 18.35
N GLU D 371 50.63 39.32 17.31
CA GLU D 371 51.13 40.30 16.37
C GLU D 371 50.93 40.03 14.88
N ILE D 372 50.33 38.93 14.50
CA ILE D 372 50.09 38.79 13.06
C ILE D 372 48.97 39.69 12.55
N ARG D 373 49.17 40.28 11.38
CA ARG D 373 48.07 40.90 10.66
C ARG D 373 47.84 40.12 9.39
N VAL D 374 46.57 39.94 9.05
CA VAL D 374 46.19 39.19 7.85
C VAL D 374 45.73 40.22 6.81
N PRO D 375 46.31 40.17 5.59
CA PRO D 375 46.13 41.23 4.58
C PRO D 375 44.69 41.38 4.09
N GLY D 376 44.15 42.57 4.25
CA GLY D 376 42.83 42.91 3.76
C GLY D 376 41.65 42.29 4.51
N ARG D 377 41.90 41.59 5.61
CA ARG D 377 40.82 41.03 6.45
C ARG D 377 40.81 41.78 7.77
N LEU D 378 40.02 42.85 7.84
CA LEU D 378 40.03 43.75 9.00
C LEU D 378 41.46 44.18 9.32
N GLU D 379 42.24 44.44 8.27
CA GLU D 379 43.60 44.94 8.43
C GLU D 379 43.55 46.41 8.84
N GLN D 380 43.96 46.69 10.08
CA GLN D 380 44.02 48.07 10.57
C GLN D 380 45.28 48.80 10.17
N ILE D 381 45.13 50.11 10.04
CA ILE D 381 46.15 51.01 9.50
C ILE D 381 46.04 52.40 10.14
N LEU D 388 39.56 54.27 14.79
CA LEU D 388 39.85 53.04 14.08
C LEU D 388 39.65 53.16 12.58
N ALA D 389 40.63 52.68 11.83
CA ALA D 389 40.62 52.75 10.37
C ALA D 389 40.95 51.37 9.82
N LEU D 390 39.99 50.78 9.10
CA LEU D 390 40.11 49.40 8.69
C LEU D 390 39.87 49.22 7.20
N VAL D 391 40.59 48.26 6.61
CA VAL D 391 40.32 47.78 5.25
C VAL D 391 39.77 46.37 5.36
N ASP D 392 38.71 46.07 4.61
CA ASP D 392 38.18 44.69 4.59
C ASP D 392 37.81 44.18 3.20
N TYR D 393 37.99 42.87 3.01
CA TYR D 393 37.74 42.22 1.75
C TYR D 393 36.27 42.18 1.39
N ALA D 394 35.42 42.30 2.41
CA ALA D 394 33.98 42.01 2.30
C ALA D 394 33.27 42.65 1.13
N HIS D 395 32.96 41.81 0.14
CA HIS D 395 32.01 42.08 -0.94
C HIS D 395 30.94 41.05 -0.65
N LYS D 396 29.80 41.08 -1.33
CA LYS D 396 28.66 40.17 -1.03
C LYS D 396 27.90 40.60 0.23
N PRO D 397 26.54 40.51 0.18
CA PRO D 397 25.59 40.90 1.24
C PRO D 397 25.87 40.33 2.65
N GLU D 398 26.06 39.02 2.72
CA GLU D 398 26.28 38.31 3.98
C GLU D 398 27.53 38.81 4.72
N ALA D 399 28.66 38.84 4.01
CA ALA D 399 29.94 39.25 4.59
C ALA D 399 29.86 40.68 5.12
N LEU D 400 29.24 41.56 4.33
CA LEU D 400 29.06 42.94 4.75
C LEU D 400 28.22 43.03 6.02
N ARG D 401 27.15 42.25 6.10
CA ARG D 401 26.25 42.33 7.27
C ARG D 401 26.99 42.01 8.55
N SER D 402 27.83 40.96 8.54
CA SER D 402 28.52 40.56 9.76
C SER D 402 29.65 41.53 10.13
N VAL D 403 30.41 41.98 9.14
CA VAL D 403 31.49 42.92 9.37
C VAL D 403 30.98 44.19 10.07
N LEU D 404 29.94 44.78 9.51
CA LEU D 404 29.34 45.97 10.09
C LEU D 404 28.85 45.73 11.51
N THR D 405 27.98 44.71 11.68
CA THR D 405 27.41 44.39 12.99
C THR D 405 28.45 44.31 14.09
N THR D 406 29.52 43.55 13.86
CA THR D 406 30.61 43.47 14.81
C THR D 406 31.48 44.72 14.81
N LEU D 414 30.04 54.78 12.81
CA LEU D 414 30.59 53.84 11.85
C LEU D 414 30.40 54.34 10.42
N ALA D 415 31.50 54.53 9.69
CA ALA D 415 31.46 54.93 8.29
C ALA D 415 31.99 53.83 7.37
N VAL D 416 31.39 53.66 6.20
CA VAL D 416 31.73 52.57 5.28
C VAL D 416 31.81 53.03 3.83
N VAL D 417 32.96 52.89 3.20
CA VAL D 417 33.04 53.15 1.77
C VAL D 417 33.21 51.86 0.95
N PHE D 418 32.33 51.70 -0.04
CA PHE D 418 32.33 50.50 -0.89
C PHE D 418 31.66 50.76 -2.24
N GLY D 419 31.70 49.73 -3.09
CA GLY D 419 31.04 49.74 -4.40
C GLY D 419 30.99 48.30 -4.91
N ALA D 420 30.57 48.10 -6.16
CA ALA D 420 30.56 46.76 -6.76
C ALA D 420 31.33 46.70 -8.07
N GLY D 421 31.56 45.48 -8.58
CA GLY D 421 32.34 45.29 -9.79
C GLY D 421 31.48 45.27 -11.04
N GLY D 422 31.94 45.95 -12.08
CA GLY D 422 31.25 45.97 -13.36
C GLY D 422 31.44 44.66 -14.12
N ASP D 423 30.39 44.23 -14.82
CA ASP D 423 30.37 42.94 -15.54
C ASP D 423 30.29 41.73 -14.59
N ARG D 424 29.69 41.94 -13.42
CA ARG D 424 29.45 40.91 -12.41
C ARG D 424 27.98 40.93 -12.03
N ASP D 425 27.45 39.80 -11.57
CA ASP D 425 26.02 39.68 -11.26
C ASP D 425 25.52 40.85 -10.42
N PRO D 426 24.59 41.65 -10.98
CA PRO D 426 24.11 42.86 -10.34
C PRO D 426 23.25 42.57 -9.11
N GLY D 427 22.61 41.40 -9.07
CA GLY D 427 21.74 41.01 -7.97
C GLY D 427 22.30 41.28 -6.58
N LYS D 428 23.61 41.32 -6.48
CA LYS D 428 24.34 41.58 -5.23
C LYS D 428 24.24 43.05 -4.78
N ARG D 429 24.15 43.97 -5.75
CA ARG D 429 24.22 45.40 -5.49
C ARG D 429 23.09 45.91 -4.60
N ALA D 430 21.85 45.60 -5.00
CA ALA D 430 20.65 46.15 -4.36
C ALA D 430 20.64 46.03 -2.82
N PRO D 431 20.66 44.79 -2.29
CA PRO D 431 20.51 44.68 -0.84
C PRO D 431 21.78 45.11 -0.08
N MET D 432 22.92 45.09 -0.76
CA MET D 432 24.18 45.45 -0.15
C MET D 432 24.16 46.88 0.41
N GLY D 433 23.57 47.80 -0.35
CA GLY D 433 23.36 49.16 0.13
C GLY D 433 22.36 49.22 1.27
N ARG D 434 21.33 48.37 1.18
CA ARG D 434 20.31 48.24 2.22
C ARG D 434 20.96 47.86 3.55
N ILE D 435 21.82 46.84 3.53
CA ILE D 435 22.58 46.42 4.70
C ILE D 435 23.40 47.58 5.27
N ALA D 436 24.09 48.31 4.39
CA ALA D 436 24.91 49.46 4.77
C ALA D 436 24.07 50.58 5.39
N ALA D 437 22.84 50.75 4.89
CA ALA D 437 21.93 51.79 5.36
C ALA D 437 21.47 51.58 6.80
N GLN D 438 21.04 50.37 7.12
CA GLN D 438 20.60 50.09 8.49
C GLN D 438 21.72 50.07 9.55
N LEU D 439 22.93 49.65 9.15
CA LEU D 439 24.04 49.44 10.09
C LEU D 439 25.09 50.55 10.21
N ALA D 440 25.44 51.19 9.09
CA ALA D 440 26.38 52.31 9.12
C ALA D 440 25.71 53.60 9.58
N ASP D 441 26.53 54.63 9.81
CA ASP D 441 26.05 55.98 10.09
C ASP D 441 26.38 56.87 8.90
N LEU D 442 27.51 56.58 8.28
CA LEU D 442 27.94 57.22 7.03
C LEU D 442 28.20 56.13 6.02
N VAL D 443 27.49 56.15 4.91
CA VAL D 443 27.82 55.22 3.82
C VAL D 443 28.21 55.98 2.55
N VAL D 444 29.38 55.66 2.01
CA VAL D 444 29.91 56.33 0.82
C VAL D 444 30.03 55.31 -0.30
N VAL D 445 29.29 55.53 -1.38
CA VAL D 445 29.33 54.63 -2.52
C VAL D 445 30.35 55.12 -3.57
N THR D 446 31.27 54.23 -3.97
CA THR D 446 32.29 54.54 -4.98
C THR D 446 32.43 53.46 -6.06
N ASP D 447 33.55 53.49 -6.75
CA ASP D 447 33.83 52.53 -7.81
C ASP D 447 34.84 51.46 -7.38
N ASP D 448 34.38 50.21 -7.39
CA ASP D 448 35.25 49.04 -7.38
C ASP D 448 35.21 48.54 -8.82
N ASN D 449 36.34 48.07 -9.33
CA ASN D 449 36.49 47.61 -10.74
C ASN D 449 35.23 47.65 -11.63
N PRO D 450 34.95 48.81 -12.24
CA PRO D 450 33.79 48.94 -13.16
C PRO D 450 33.91 48.18 -14.48
N ARG D 451 35.15 47.83 -14.90
CA ARG D 451 35.44 47.33 -16.26
C ARG D 451 34.69 48.06 -17.36
N ASP D 452 34.00 47.27 -18.18
CA ASP D 452 33.18 47.73 -19.30
C ASP D 452 31.92 48.45 -18.88
N GLU D 453 31.41 48.12 -17.70
CA GLU D 453 30.14 48.65 -17.21
C GLU D 453 30.27 50.10 -16.77
N ASP D 454 29.21 50.87 -17.00
CA ASP D 454 29.17 52.29 -16.67
C ASP D 454 29.11 52.49 -15.15
N PRO D 455 30.06 53.26 -14.58
CA PRO D 455 30.19 53.40 -13.11
C PRO D 455 28.94 53.91 -12.39
N THR D 456 28.27 54.90 -12.96
CA THR D 456 27.11 55.50 -12.31
C THR D 456 25.96 54.51 -12.17
N ALA D 457 25.77 53.68 -13.18
CA ALA D 457 24.70 52.67 -13.20
C ALA D 457 24.83 51.70 -12.05
N ASP D 472 18.34 56.38 10.68
CA ASP D 472 19.68 56.25 11.24
C ASP D 472 20.77 56.92 10.39
N ALA D 473 21.05 56.35 9.21
CA ALA D 473 22.26 56.66 8.43
C ALA D 473 22.24 57.93 7.57
N GLN D 474 23.34 58.14 6.85
CA GLN D 474 23.58 59.33 6.04
C GLN D 474 24.44 58.94 4.84
N VAL D 475 23.78 58.78 3.69
CA VAL D 475 24.42 58.17 2.49
C VAL D 475 24.90 59.17 1.43
N VAL D 476 26.11 58.95 0.92
CA VAL D 476 26.74 59.81 -0.11
C VAL D 476 27.22 59.00 -1.32
N GLU D 477 27.38 59.68 -2.45
CA GLU D 477 28.00 59.06 -3.63
C GLU D 477 29.22 59.88 -4.07
N ILE D 478 30.39 59.28 -4.02
CA ILE D 478 31.61 59.90 -4.51
C ILE D 478 32.27 58.89 -5.44
N ALA D 479 32.22 59.14 -6.75
CA ALA D 479 32.67 58.18 -7.75
C ALA D 479 34.14 57.81 -7.59
N ASP D 480 35.00 58.82 -7.49
CA ASP D 480 36.44 58.63 -7.35
C ASP D 480 36.75 57.93 -6.03
N ARG D 481 37.30 56.72 -6.13
CA ARG D 481 37.62 55.88 -4.98
C ARG D 481 38.51 56.61 -3.96
N ARG D 482 39.52 57.33 -4.46
CA ARG D 482 40.51 58.03 -3.65
C ARG D 482 39.88 59.16 -2.81
N ASP D 483 39.02 59.94 -3.45
CA ASP D 483 38.31 61.02 -2.77
C ASP D 483 37.27 60.50 -1.79
N ALA D 484 36.74 59.31 -2.08
CA ALA D 484 35.78 58.64 -1.20
C ALA D 484 36.42 58.29 0.13
N ILE D 485 37.61 57.70 0.07
CA ILE D 485 38.40 57.36 1.25
C ILE D 485 38.73 58.66 2.00
N ARG D 486 39.22 59.65 1.25
CA ARG D 486 39.52 60.96 1.82
C ARG D 486 38.33 61.57 2.56
N HIS D 487 37.13 61.42 1.99
CA HIS D 487 35.91 61.95 2.59
C HIS D 487 35.62 61.35 3.95
N ALA D 488 35.59 60.01 4.01
CA ALA D 488 35.25 59.31 5.25
C ALA D 488 36.24 59.58 6.38
N VAL D 489 37.53 59.61 6.03
CA VAL D 489 38.60 59.90 7.00
C VAL D 489 38.41 61.26 7.69
N ALA D 490 38.25 62.32 6.89
CA ALA D 490 38.07 63.69 7.39
C ALA D 490 36.78 63.85 8.20
N TRP D 491 35.86 62.91 8.02
CA TRP D 491 34.56 62.90 8.69
C TRP D 491 34.63 62.32 10.12
N ALA D 492 35.63 61.48 10.38
CA ALA D 492 35.73 60.74 11.65
C ALA D 492 35.89 61.65 12.88
N ARG D 493 35.81 61.07 14.07
CA ARG D 493 36.06 61.77 15.33
C ARG D 493 36.75 60.79 16.28
N PRO D 494 37.68 61.28 17.13
CA PRO D 494 38.40 60.34 17.99
C PRO D 494 37.43 59.33 18.65
N GLY D 495 37.59 58.06 18.30
CA GLY D 495 36.70 57.00 18.77
C GLY D 495 35.81 56.42 17.67
N ASP D 496 35.69 57.15 16.56
CA ASP D 496 34.93 56.69 15.39
C ASP D 496 35.64 55.57 14.64
N VAL D 497 34.89 54.90 13.76
CA VAL D 497 35.42 53.79 12.99
C VAL D 497 35.08 53.85 11.49
N VAL D 498 36.12 53.94 10.66
CA VAL D 498 36.03 53.98 9.21
C VAL D 498 36.39 52.61 8.61
N LEU D 499 35.62 52.19 7.60
CA LEU D 499 35.83 50.90 6.97
C LEU D 499 35.79 51.04 5.46
N ILE D 500 36.86 50.58 4.80
CA ILE D 500 36.94 50.59 3.33
C ILE D 500 36.77 49.16 2.90
N ALA D 501 35.64 48.86 2.27
CA ALA D 501 35.30 47.46 2.01
C ALA D 501 35.22 47.11 0.53
N GLY D 502 35.44 45.83 0.23
CA GLY D 502 35.19 45.29 -1.10
C GLY D 502 36.40 45.01 -1.95
N LYS D 503 37.58 45.37 -1.44
CA LYS D 503 38.86 45.06 -2.11
C LYS D 503 39.83 44.24 -1.24
N GLY D 504 39.89 44.55 0.05
CA GLY D 504 40.84 43.90 0.95
C GLY D 504 42.27 44.05 0.47
N HIS D 505 42.91 42.92 0.14
CA HIS D 505 44.29 42.90 -0.32
C HIS D 505 44.40 43.17 -1.82
N GLU D 506 43.28 43.00 -2.54
CA GLU D 506 43.28 42.98 -4.01
C GLU D 506 43.37 44.41 -4.58
N THR D 507 44.31 44.62 -5.51
CA THR D 507 44.68 45.97 -5.97
C THR D 507 44.09 46.35 -7.33
N GLY D 508 44.53 47.51 -7.82
CA GLY D 508 44.12 48.03 -9.12
C GLY D 508 42.70 48.57 -9.17
N GLN D 509 42.42 49.32 -10.22
CA GLN D 509 41.07 49.72 -10.57
C GLN D 509 40.89 49.55 -12.08
N ARG D 510 39.97 48.66 -12.47
CA ARG D 510 39.81 48.31 -13.88
C ARG D 510 38.70 49.14 -14.52
N PHE D 518 45.96 51.07 -7.64
CA PHE D 518 45.19 51.40 -6.45
C PHE D 518 45.34 50.30 -5.40
N ASP D 519 45.72 50.72 -4.19
CA ASP D 519 45.79 49.81 -3.05
C ASP D 519 45.05 50.48 -1.89
N ASP D 520 43.89 49.92 -1.55
CA ASP D 520 43.03 50.41 -0.47
C ASP D 520 43.78 50.69 0.82
N ARG D 521 44.86 49.95 1.04
CA ARG D 521 45.66 50.08 2.27
C ARG D 521 46.62 51.28 2.20
N VAL D 522 47.13 51.55 1.01
CA VAL D 522 48.09 52.62 0.79
C VAL D 522 47.41 53.99 0.82
N GLU D 523 46.40 54.21 -0.03
CA GLU D 523 45.50 55.35 0.16
C GLU D 523 44.78 54.94 1.42
N LEU D 524 44.46 55.90 2.30
CA LEU D 524 43.97 55.60 3.66
C LEU D 524 45.12 55.74 4.65
N ALA D 525 46.21 55.01 4.42
CA ALA D 525 47.45 55.27 5.16
C ALA D 525 47.94 56.65 4.74
N ALA D 526 47.85 56.94 3.44
CA ALA D 526 48.14 58.28 2.91
C ALA D 526 47.16 59.33 3.46
N ALA D 527 45.87 59.04 3.40
CA ALA D 527 44.85 59.96 3.90
C ALA D 527 45.01 60.18 5.38
#